data_1SQB
#
_entry.id   1SQB
#
_cell.length_a   153.554
_cell.length_b   153.554
_cell.length_c   596.393
_cell.angle_alpha   90.00
_cell.angle_beta   90.00
_cell.angle_gamma   90.00
#
_symmetry.space_group_name_H-M   'I 41 2 2'
#
loop_
_entity.id
_entity.type
_entity.pdbx_description
1 polymer 'Ubiquinol-cytochrome C reductase complex core protein I, mitochondrial'
2 polymer 'Ubiquinol-cytochrome C reductase complex core protein 2, mitochondrial'
3 polymer 'Cytochrome b'
4 polymer 'Cytochrome c1, heme protein, mitochondrial'
5 polymer 'Ubiquinol-cytochrome c reductase iron-sulfur subunit'
6 polymer 'Ubiquinol-cytochrome C reductase complex 14 kDa protein'
7 polymer 'Ubiquinol-cytochrome C reductase complex ubiquinone-binding protein QP-C'
8 polymer 'Ubiquinol-cytochrome C reductase complex 11 kDa protein'
9 polymer 'Ubiquinol-cytochrome c reductase 8 kDa protein'
10 polymer 'Ubiquinol-cytochrome C reductase complex 7.2 kDa protein'
11 polymer 'Ubiquinol-cytochrome C reductase complex 6.4 kDa protein'
12 non-polymer 'PROTOPORPHYRIN IX CONTAINING FE'
13 non-polymer 'METHYL (2Z)-2-(2-{[6-(2-CYANOPHENOXY)PYRIMIDIN-4-YL]OXY}PHENYL)-3-METHOXYACRYLATE'
14 non-polymer 'FE2/S2 (INORGANIC) CLUSTER'
15 water water
#
loop_
_entity_poly.entity_id
_entity_poly.type
_entity_poly.pdbx_seq_one_letter_code
_entity_poly.pdbx_strand_id
1 'polypeptide(L)'
;MAASAVCRAAGAGTRVLLRTRRSPALLRSSDLRGTATYAQALQSVPETQVSQLDNGLRVASEQSSQPTCTVGVWIDAGSR
YESEKNNGAGYFVEHLAFKGTKNRPGNALEKEVESMGAHLNAYSTREHTAYYIKALSKDLPKAVELLADIVQNCSLEDSQ
IEKERDVILQELQENDTSMRDVVFNYLHATAFQGTPLAQSVEGPSENVRKLSRADLTEYLSRHYKAPRMVLAAAGGLEHR
QLLDLAQKHFSGLSGTYDEDAVPTLSPCRFTGSQICHREDGLPLAHVAIAVEGPGWAHPDNVALQVANAIIGHYDCTYGG
GAHLSSPLASIAATNKLCQSFQTFNICYADTGLLGAHFVCDHMSIDDMMFVLQGQWMRLCTSATESEVLRGKNLLRNALV
SHLDGTTPVCEDIGRSLLTYGRRIPLAEWESRIAEVDARVVREVCSKYFYDQCPAVAGFGPIEQLPDYNRIRSGMFWLRF
;
A
2 'polypeptide(L)'
;MKLLTRAGSLSRFYSLKVAPKVKATEAPAGVPPHPQDLEFTRLPNGLVIASLENYAPASRIGLFIKAGSRYENSNNLGTS
HLLRLASSLTTKGASSFKITRGIEAVGGKLSVTSTRENMAYTVECLRDDVDILMEFLLNVTTAPEFRRWEVAALQPQLRI
DKAVALQNPQAHVIENLHAAAYRNALANSLYCPDYRIGKVTPVELHDYVQNHFTSARMALIGLGVSHPVLKQVAEQFLNI
RGGLGLSGAKAKYHGGEIREQNGDSLVHAALVAESAAIGSAEANAFSVLQHVLGAGPHVKRGSNATSSLYQAVAKGVHQP
FDVSAFNASYSDSGLFGFYTISQAASAGDVIKAAYNQVKTIAQGNLSNPDVQAAKNKLKAGYLMSVESSEGFLDEVGSQA
LAAGSYTPPSTVLQQIDAVADADVINAAKKFVSGRKSMAASGNLGHTPFIDEL
;
B
3 'polypeptide(L)'
;MTNIRKSHPLMKIVNNAFIDLPAPSNISSWWNFGSLLGICLILQILTGLFLAMHYTSDTTTAFSSVTHICRDVNYGWIIR
YMHANGASMFFICLYMHVGRGLYYGSYTFLETWNIGVILLLTVMATAFMGYVLPWGQMSFWGATVITNLLSAIPYIGTNL
VEWIWGGFSVDKATLTRFFAFHFILPFIIMAIAMVHLLFLHETGSNNPTGISSDVDKIPFHPYYTIKDILGALLLILALM
LLVLFAPDLLGDPDNYTPANPLNTPPHIKPEWYFLFAYAILRSIPNKLGGVLALAFSILILALIPLLHTSKQRSMMFRPL
SQCLFWALVADLLTLTWIGGQPVEHPYITIGQLASVLYFLLILVLMPTAGTIENKLLKW
;
C
4 'polypeptide(L)'
;SDLELHPPSYPWSHRGLLSSLDHTSIRRGFQVYKQVCSSCHSMDYVAYRHLVGVCYTEDEAKALAEEVEVQDGPNEDGEM
FMRPGKLSDYFPKPYPNPEAARAANNGALPPDLSYIVRARHGGEDYVFSLLTGYCEPPTGVSLREGLYFNPYFPGQAIGM
APPIYNEVLEFDDGTPATMSQVAKDVCTFLRWAAEPEHDHRKRMGLKMLLMMGLLLPLVYAMKRHKWSVLKSRKLAYRPP
K
;
D
5 'polypeptide(L)'
;SHTDIKVPDFSDYRRPEVLDSTKSSKESSEARKGFSYLVTATTTVGVAYAAKNVVSQFVSSMSASADVLAMSKIEIKLSD
IPEGKNMAFKWRGKPLFVRHRTKKEIDQEAAVEVSQLRDPQHDLERVKKPEWVILIGVCTHLGCVPIANAGDFGGYYCPC
HGSHYDASGRIRKGPAPLNLEVPSYEFTSDDMVIVG
;
E
6 'polypeptide(L)'
;AGRPAVSASSRWLEGIRKWYYNAAGFNKLGLMRDDTIHENDDVKEAIRRLPENLYDDRVFRIKRALDLSMRQQILPKEQW
TKYEEDKSYLEPYLKEVIRERKEREEWAKK
;
F
7 'polypeptide(L)'
;GRQFGHLTRVRHVITYSLSPFEQRAFPHYFSKGIPNVLRRTRACILRVAPPFVAFYLVYTWGTQEFEKSKRKNPAAYEND
R
;
G
8 'polypeptide(L)' GDPKEEEEEEEELVDPLTTVREQCEQLEKCVKARERLELCDERVSSRSQTEEDCTEELLDFLHARDHCVAHKLFNSLK H
9 'polypeptide(L)' MLSVAARSGPFAPVLSATSRGVAGALRPLVQAAVPATSESPVLDLKRSVLCRESLRGQAAGRPLVASVSLNVPASVRY I
10 'polypeptide(L)' VAPTLTARLYSLLFRRTSTFALTIVVGALFFERAFDQGADAIYEHINEGKLWKHIKHKYENK J
11 'polypeptide(L)' MLTRFLGPRYRQLARNWVPTAQLWGAVGAVGLVWATDSRLILDWVPYINGKFKKDD K
#
loop_
_chem_comp.id
_chem_comp.type
_chem_comp.name
_chem_comp.formula
AZO non-polymer 'METHYL (2Z)-2-(2-{[6-(2-CYANOPHENOXY)PYRIMIDIN-4-YL]OXY}PHENYL)-3-METHOXYACRYLATE' 'C22 H17 N3 O5'
FES non-polymer 'FE2/S2 (INORGANIC) CLUSTER' 'Fe2 S2'
HEM non-polymer 'PROTOPORPHYRIN IX CONTAINING FE' 'C34 H32 Fe N4 O4'
#
# COMPACT_ATOMS: atom_id res chain seq x y z
N THR A 35 4.31 -57.34 13.51
CA THR A 35 4.23 -55.91 13.97
C THR A 35 3.38 -55.00 13.06
N ALA A 36 3.52 -55.20 11.73
CA ALA A 36 2.85 -54.42 10.65
C ALA A 36 3.05 -52.89 10.68
N THR A 37 4.05 -52.42 9.90
CA THR A 37 4.44 -51.00 9.82
C THR A 37 3.54 -50.22 8.85
N TYR A 38 3.59 -48.88 8.94
CA TYR A 38 2.77 -47.97 8.11
C TYR A 38 3.04 -48.15 6.60
N ALA A 39 4.33 -48.22 6.24
CA ALA A 39 4.75 -48.51 4.86
C ALA A 39 4.21 -49.85 4.37
N GLN A 40 4.28 -50.87 5.25
CA GLN A 40 3.74 -52.20 4.97
C GLN A 40 2.23 -52.20 4.76
N ALA A 41 1.54 -51.35 5.53
CA ALA A 41 0.08 -51.25 5.52
C ALA A 41 -0.48 -50.62 4.24
N LEU A 42 0.34 -49.79 3.58
CA LEU A 42 -0.01 -49.13 2.31
C LEU A 42 -0.05 -50.14 1.17
N GLN A 43 0.84 -51.14 1.25
CA GLN A 43 0.90 -52.24 0.29
C GLN A 43 -0.32 -53.17 0.41
N SER A 44 -0.88 -53.26 1.63
CA SER A 44 -2.00 -54.16 1.98
C SER A 44 -3.32 -53.83 1.30
N VAL A 45 -3.60 -52.54 1.09
CA VAL A 45 -4.82 -52.05 0.39
C VAL A 45 -4.82 -52.59 -1.07
N PRO A 46 -5.91 -53.29 -1.49
CA PRO A 46 -5.96 -53.94 -2.81
C PRO A 46 -5.92 -52.97 -3.99
N GLU A 47 -5.41 -53.46 -5.13
CA GLU A 47 -5.30 -52.68 -6.37
C GLU A 47 -6.68 -52.38 -6.95
N THR A 48 -6.87 -51.12 -7.36
CA THR A 48 -8.08 -50.72 -8.09
C THR A 48 -8.03 -51.34 -9.51
N GLN A 49 -8.98 -52.24 -9.76
CA GLN A 49 -9.10 -52.96 -11.04
C GLN A 49 -9.87 -52.12 -12.04
N VAL A 50 -9.17 -51.72 -13.09
CA VAL A 50 -9.74 -50.88 -14.16
C VAL A 50 -9.93 -51.71 -15.42
N SER A 51 -11.16 -51.67 -15.94
CA SER A 51 -11.52 -52.31 -17.22
C SER A 51 -12.38 -51.35 -18.06
N GLN A 52 -12.11 -51.33 -19.36
CA GLN A 52 -12.85 -50.48 -20.31
C GLN A 52 -13.85 -51.27 -21.14
N LEU A 53 -15.06 -50.71 -21.27
CA LEU A 53 -16.14 -51.25 -22.11
C LEU A 53 -15.91 -50.85 -23.57
N ASP A 54 -16.60 -51.52 -24.49
CA ASP A 54 -16.46 -51.30 -25.94
C ASP A 54 -16.92 -49.93 -26.43
N ASN A 55 -17.83 -49.30 -25.68
CA ASN A 55 -18.36 -47.98 -26.01
C ASN A 55 -17.57 -46.79 -25.44
N GLY A 56 -16.64 -47.09 -24.51
CA GLY A 56 -15.81 -46.07 -23.86
C GLY A 56 -16.04 -45.90 -22.35
N LEU A 57 -17.02 -46.63 -21.80
CA LEU A 57 -17.30 -46.59 -20.36
C LEU A 57 -16.21 -47.29 -19.57
N ARG A 58 -15.51 -46.51 -18.75
CA ARG A 58 -14.51 -47.04 -17.85
C ARG A 58 -15.17 -47.58 -16.58
N VAL A 59 -14.85 -48.84 -16.27
CA VAL A 59 -15.45 -49.56 -15.14
C VAL A 59 -14.32 -49.89 -14.16
N ALA A 60 -14.36 -49.28 -12.98
CA ALA A 60 -13.31 -49.48 -11.98
C ALA A 60 -13.83 -49.81 -10.58
N SER A 61 -13.14 -50.73 -9.91
CA SER A 61 -13.54 -51.26 -8.62
C SER A 61 -12.39 -51.41 -7.63
N GLU A 62 -12.69 -51.15 -6.35
CA GLU A 62 -11.81 -51.53 -5.24
C GLU A 62 -12.59 -52.44 -4.30
N GLN A 63 -12.32 -53.75 -4.44
CA GLN A 63 -12.95 -54.80 -3.64
C GLN A 63 -12.41 -54.76 -2.21
N SER A 64 -13.34 -54.76 -1.25
CA SER A 64 -13.01 -54.89 0.17
C SER A 64 -13.91 -55.95 0.82
N SER A 65 -13.84 -56.05 2.15
CA SER A 65 -14.56 -57.08 2.89
C SER A 65 -15.98 -56.70 3.36
N GLN A 66 -16.29 -55.39 3.26
CA GLN A 66 -17.53 -54.77 3.79
C GLN A 66 -18.86 -55.44 3.34
N PRO A 67 -19.88 -55.47 4.22
CA PRO A 67 -21.24 -55.92 3.81
C PRO A 67 -21.95 -54.94 2.89
N THR A 68 -21.52 -53.67 2.90
CA THR A 68 -22.12 -52.60 2.07
C THR A 68 -21.17 -52.17 0.95
N CYS A 69 -21.63 -51.21 0.15
CA CYS A 69 -20.87 -50.66 -0.97
C CYS A 69 -21.36 -49.28 -1.39
N THR A 70 -20.59 -48.64 -2.26
CA THR A 70 -20.99 -47.42 -2.96
C THR A 70 -20.70 -47.56 -4.46
N VAL A 71 -21.76 -47.48 -5.27
CA VAL A 71 -21.66 -47.49 -6.73
C VAL A 71 -22.07 -46.15 -7.27
N GLY A 72 -21.39 -45.71 -8.32
CA GLY A 72 -21.73 -44.47 -8.95
C GLY A 72 -21.19 -44.24 -10.35
N VAL A 73 -21.79 -43.24 -11.01
CA VAL A 73 -21.33 -42.77 -12.32
C VAL A 73 -20.73 -41.38 -12.14
N TRP A 74 -19.48 -41.24 -12.57
CA TRP A 74 -18.79 -39.95 -12.58
C TRP A 74 -18.67 -39.46 -14.01
N ILE A 75 -19.31 -38.32 -14.28
CA ILE A 75 -19.32 -37.71 -15.60
C ILE A 75 -18.37 -36.51 -15.65
N ASP A 76 -17.53 -36.46 -16.70
CA ASP A 76 -16.66 -35.32 -16.99
C ASP A 76 -17.51 -34.17 -17.57
N ALA A 77 -18.33 -33.55 -16.72
CA ALA A 77 -19.22 -32.45 -17.08
C ALA A 77 -19.50 -31.56 -15.88
N GLY A 78 -19.43 -30.25 -16.09
CA GLY A 78 -19.70 -29.28 -15.05
C GLY A 78 -20.30 -28.00 -15.60
N SER A 79 -19.75 -26.86 -15.16
CA SER A 79 -20.19 -25.54 -15.59
C SER A 79 -19.17 -24.88 -16.50
N ARG A 80 -17.91 -25.36 -16.40
CA ARG A 80 -16.83 -25.00 -17.34
C ARG A 80 -17.17 -25.46 -18.78
N TYR A 81 -17.94 -26.55 -18.89
CA TYR A 81 -18.39 -27.09 -20.16
C TYR A 81 -19.56 -26.32 -20.77
N GLU A 82 -20.15 -25.42 -19.96
CA GLU A 82 -21.36 -24.66 -20.33
C GLU A 82 -21.05 -23.27 -20.86
N SER A 83 -21.81 -22.87 -21.89
CA SER A 83 -21.75 -21.50 -22.41
C SER A 83 -22.61 -20.58 -21.53
N GLU A 84 -22.43 -19.27 -21.70
CA GLU A 84 -23.18 -18.24 -20.97
C GLU A 84 -24.70 -18.38 -21.03
N LYS A 85 -25.21 -18.88 -22.18
CA LYS A 85 -26.64 -19.05 -22.41
C LYS A 85 -27.28 -20.29 -21.74
N ASN A 86 -26.44 -21.25 -21.32
CA ASN A 86 -26.92 -22.47 -20.65
C ASN A 86 -26.17 -22.81 -19.36
N ASN A 87 -25.82 -21.77 -18.59
CA ASN A 87 -25.02 -21.88 -17.36
C ASN A 87 -25.68 -22.64 -16.17
N GLY A 88 -27.00 -22.78 -16.20
CA GLY A 88 -27.66 -23.51 -15.11
C GLY A 88 -27.98 -24.97 -15.40
N ALA A 89 -27.55 -25.46 -16.57
CA ALA A 89 -28.00 -26.74 -17.16
C ALA A 89 -27.70 -27.97 -16.33
N GLY A 90 -26.42 -28.15 -15.98
CA GLY A 90 -25.94 -29.29 -15.22
C GLY A 90 -26.65 -29.40 -13.88
N TYR A 91 -26.81 -28.25 -13.24
CA TYR A 91 -27.54 -28.10 -11.99
C TYR A 91 -29.03 -28.44 -12.14
N PHE A 92 -29.63 -28.03 -13.27
CA PHE A 92 -31.04 -28.34 -13.59
C PHE A 92 -31.27 -29.84 -13.83
N VAL A 93 -30.35 -30.48 -14.58
CA VAL A 93 -30.39 -31.94 -14.83
C VAL A 93 -30.25 -32.70 -13.51
N GLU A 94 -29.37 -32.21 -12.63
CA GLU A 94 -29.15 -32.76 -11.27
C GLU A 94 -30.44 -32.77 -10.43
N HIS A 95 -31.23 -31.70 -10.57
CA HIS A 95 -32.54 -31.58 -9.92
C HIS A 95 -33.59 -32.52 -10.50
N LEU A 96 -33.42 -32.90 -11.78
CA LEU A 96 -34.41 -33.75 -12.48
C LEU A 96 -34.07 -35.25 -12.50
N ALA A 97 -32.78 -35.57 -12.31
CA ALA A 97 -32.23 -36.93 -12.44
C ALA A 97 -32.89 -38.01 -11.57
N PHE A 98 -33.45 -37.60 -10.43
CA PHE A 98 -34.10 -38.53 -9.50
C PHE A 98 -35.62 -38.42 -9.43
N LYS A 99 -36.22 -37.57 -10.29
CA LYS A 99 -37.66 -37.29 -10.26
C LYS A 99 -38.50 -38.13 -11.27
N GLY A 100 -37.84 -39.09 -11.93
CA GLY A 100 -38.52 -40.02 -12.85
C GLY A 100 -37.80 -40.29 -14.15
N THR A 101 -37.77 -41.58 -14.52
CA THR A 101 -37.23 -42.05 -15.82
C THR A 101 -38.36 -42.63 -16.72
N LYS A 102 -38.02 -42.94 -17.98
CA LYS A 102 -38.95 -43.59 -18.93
C LYS A 102 -39.37 -44.99 -18.47
N ASN A 103 -38.44 -45.71 -17.83
CA ASN A 103 -38.71 -47.02 -17.26
C ASN A 103 -39.26 -46.99 -15.83
N ARG A 104 -39.01 -45.87 -15.13
CA ARG A 104 -39.44 -45.67 -13.75
C ARG A 104 -40.01 -44.25 -13.52
N PRO A 105 -41.32 -44.05 -13.78
CA PRO A 105 -41.92 -42.70 -13.74
C PRO A 105 -42.23 -42.18 -12.33
N GLY A 106 -41.89 -40.91 -12.10
CA GLY A 106 -42.18 -40.18 -10.87
C GLY A 106 -41.60 -40.77 -9.61
N ASN A 107 -42.50 -41.19 -8.71
CA ASN A 107 -42.20 -41.83 -7.42
C ASN A 107 -41.32 -43.08 -7.50
N ALA A 108 -41.45 -43.83 -8.60
CA ALA A 108 -40.82 -45.15 -8.80
C ALA A 108 -39.35 -45.32 -8.37
N LEU A 109 -38.48 -44.39 -8.75
CA LEU A 109 -37.05 -44.44 -8.40
C LEU A 109 -36.83 -44.29 -6.89
N GLU A 110 -37.52 -43.30 -6.32
CA GLU A 110 -37.47 -43.01 -4.88
C GLU A 110 -37.87 -44.23 -4.07
N LYS A 111 -39.04 -44.80 -4.40
CA LYS A 111 -39.62 -45.96 -3.72
C LYS A 111 -38.70 -47.18 -3.75
N GLU A 112 -38.09 -47.43 -4.91
CA GLU A 112 -37.22 -48.61 -5.15
C GLU A 112 -35.93 -48.54 -4.34
N VAL A 113 -35.29 -47.38 -4.35
CA VAL A 113 -34.06 -47.10 -3.61
C VAL A 113 -34.33 -47.10 -2.09
N GLU A 114 -35.37 -46.37 -1.67
CA GLU A 114 -35.79 -46.28 -0.27
C GLU A 114 -36.08 -47.66 0.36
N SER A 115 -36.83 -48.50 -0.38
CA SER A 115 -37.30 -49.80 0.12
C SER A 115 -36.21 -50.84 0.38
N MET A 116 -35.09 -50.72 -0.32
CA MET A 116 -33.93 -51.60 -0.11
C MET A 116 -32.92 -51.00 0.92
N GLY A 117 -33.27 -49.84 1.48
CA GLY A 117 -32.49 -49.16 2.50
C GLY A 117 -31.36 -48.31 1.94
N ALA A 118 -31.29 -48.21 0.62
CA ALA A 118 -30.23 -47.49 -0.08
C ALA A 118 -30.36 -45.97 0.02
N HIS A 119 -29.23 -45.27 -0.10
CA HIS A 119 -29.19 -43.81 -0.17
C HIS A 119 -28.73 -43.37 -1.55
N LEU A 120 -29.49 -42.45 -2.15
CA LEU A 120 -29.19 -41.94 -3.48
C LEU A 120 -28.74 -40.50 -3.43
N ASN A 121 -27.55 -40.25 -3.96
CA ASN A 121 -26.97 -38.90 -3.95
C ASN A 121 -26.34 -38.46 -5.27
N ALA A 122 -26.24 -37.14 -5.43
CA ALA A 122 -25.65 -36.49 -6.60
C ALA A 122 -24.95 -35.20 -6.22
N TYR A 123 -24.00 -34.78 -7.05
CA TYR A 123 -23.40 -33.44 -6.96
C TYR A 123 -22.85 -32.97 -8.30
N SER A 124 -22.72 -31.66 -8.44
CA SER A 124 -22.12 -31.05 -9.62
C SER A 124 -21.15 -29.95 -9.20
N THR A 125 -19.91 -30.10 -9.64
CA THR A 125 -18.88 -29.06 -9.49
C THR A 125 -18.58 -28.53 -10.89
N ARG A 126 -17.85 -27.41 -10.96
CA ARG A 126 -17.44 -26.76 -12.23
C ARG A 126 -16.85 -27.70 -13.30
N GLU A 127 -16.34 -28.86 -12.88
CA GLU A 127 -15.70 -29.82 -13.77
C GLU A 127 -16.29 -31.25 -13.79
N HIS A 128 -17.01 -31.63 -12.73
CA HIS A 128 -17.51 -33.01 -12.56
C HIS A 128 -18.93 -33.11 -12.01
N THR A 129 -19.71 -34.00 -12.62
CA THR A 129 -21.04 -34.38 -12.13
C THR A 129 -21.00 -35.85 -11.71
N ALA A 130 -21.62 -36.14 -10.56
CA ALA A 130 -21.63 -37.48 -10.01
C ALA A 130 -23.00 -37.88 -9.51
N TYR A 131 -23.36 -39.15 -9.76
CA TYR A 131 -24.55 -39.80 -9.18
C TYR A 131 -24.08 -41.10 -8.52
N TYR A 132 -24.45 -41.31 -7.25
CA TYR A 132 -24.00 -42.50 -6.50
C TYR A 132 -25.00 -43.06 -5.49
N ILE A 133 -25.00 -44.40 -5.38
CA ILE A 133 -25.88 -45.16 -4.47
C ILE A 133 -25.06 -45.81 -3.35
N LYS A 134 -25.48 -45.56 -2.12
CA LYS A 134 -24.98 -46.25 -0.93
C LYS A 134 -25.95 -47.38 -0.69
N ALA A 135 -25.48 -48.62 -0.86
CA ALA A 135 -26.34 -49.81 -0.71
C ALA A 135 -25.60 -51.03 -0.19
N LEU A 136 -26.39 -52.02 0.28
CA LEU A 136 -25.87 -53.36 0.60
C LEU A 136 -25.21 -53.96 -0.64
N SER A 137 -24.17 -54.76 -0.41
CA SER A 137 -23.41 -55.40 -1.49
C SER A 137 -24.24 -56.38 -2.35
N LYS A 138 -25.17 -57.09 -1.69
CA LYS A 138 -26.11 -57.99 -2.38
C LYS A 138 -27.12 -57.23 -3.26
N ASP A 139 -27.26 -55.92 -3.02
CA ASP A 139 -28.13 -55.04 -3.79
C ASP A 139 -27.38 -54.31 -4.94
N LEU A 140 -26.11 -54.69 -5.17
CA LEU A 140 -25.30 -54.13 -6.26
C LEU A 140 -25.91 -54.29 -7.68
N PRO A 141 -26.51 -55.47 -8.03
CA PRO A 141 -27.19 -55.60 -9.33
C PRO A 141 -28.25 -54.52 -9.57
N LYS A 142 -29.13 -54.28 -8.58
CA LYS A 142 -30.20 -53.27 -8.67
C LYS A 142 -29.65 -51.86 -8.71
N ALA A 143 -28.63 -51.60 -7.91
CA ALA A 143 -28.00 -50.28 -7.82
C ALA A 143 -27.41 -49.82 -9.15
N VAL A 144 -26.72 -50.75 -9.85
CA VAL A 144 -26.13 -50.48 -11.16
C VAL A 144 -27.23 -50.22 -12.20
N GLU A 145 -28.26 -51.08 -12.18
CA GLU A 145 -29.43 -50.98 -13.06
C GLU A 145 -30.13 -49.60 -12.95
N LEU A 146 -30.32 -49.13 -11.71
CA LEU A 146 -31.01 -47.87 -11.43
C LEU A 146 -30.19 -46.68 -11.86
N LEU A 147 -28.87 -46.79 -11.70
CA LEU A 147 -27.91 -45.75 -12.12
C LEU A 147 -27.93 -45.54 -13.63
N ALA A 148 -28.02 -46.66 -14.38
CA ALA A 148 -28.12 -46.66 -15.84
C ALA A 148 -29.37 -45.92 -16.33
N ASP A 149 -30.49 -46.11 -15.61
CA ASP A 149 -31.76 -45.46 -15.93
C ASP A 149 -31.69 -43.96 -15.75
N ILE A 150 -31.05 -43.52 -14.66
CA ILE A 150 -30.85 -42.10 -14.33
C ILE A 150 -29.96 -41.42 -15.39
N VAL A 151 -28.90 -42.13 -15.77
CA VAL A 151 -27.86 -41.62 -16.66
C VAL A 151 -28.33 -41.51 -18.12
N GLN A 152 -29.07 -42.52 -18.58
CA GLN A 152 -29.47 -42.66 -19.99
C GLN A 152 -30.92 -42.25 -20.30
N ASN A 153 -31.84 -42.58 -19.39
CA ASN A 153 -33.29 -42.48 -19.65
C ASN A 153 -34.07 -41.45 -18.79
N CYS A 154 -33.40 -40.36 -18.44
CA CYS A 154 -34.01 -39.30 -17.61
C CYS A 154 -35.23 -38.65 -18.30
N SER A 155 -36.43 -39.02 -17.81
CA SER A 155 -37.71 -38.47 -18.29
C SER A 155 -37.88 -37.04 -17.81
N LEU A 156 -37.32 -36.10 -18.57
CA LEU A 156 -37.37 -34.68 -18.23
C LEU A 156 -38.78 -34.14 -18.52
N GLU A 157 -39.69 -34.43 -17.59
CA GLU A 157 -41.11 -34.15 -17.71
C GLU A 157 -41.40 -32.65 -17.62
N ASP A 158 -42.16 -32.14 -18.60
CA ASP A 158 -42.49 -30.69 -18.73
C ASP A 158 -43.08 -30.07 -17.45
N SER A 159 -43.94 -30.82 -16.76
CA SER A 159 -44.53 -30.41 -15.49
C SER A 159 -43.48 -30.34 -14.36
N GLN A 160 -42.48 -31.24 -14.43
CA GLN A 160 -41.41 -31.30 -13.44
C GLN A 160 -40.36 -30.19 -13.59
N ILE A 161 -39.88 -29.95 -14.83
CA ILE A 161 -38.92 -28.84 -15.09
C ILE A 161 -39.47 -27.44 -14.73
N GLU A 162 -40.81 -27.32 -14.78
CA GLU A 162 -41.51 -26.14 -14.30
C GLU A 162 -41.56 -26.08 -12.79
N LYS A 163 -41.68 -27.24 -12.14
CA LYS A 163 -41.66 -27.32 -10.67
C LYS A 163 -40.26 -27.08 -10.12
N GLU A 164 -39.25 -27.55 -10.87
CA GLU A 164 -37.86 -27.46 -10.46
C GLU A 164 -37.29 -26.06 -10.51
N ARG A 165 -37.80 -25.23 -11.43
CA ARG A 165 -37.33 -23.86 -11.53
C ARG A 165 -37.62 -22.99 -10.29
N ASP A 166 -38.78 -23.22 -9.66
CA ASP A 166 -39.11 -22.57 -8.39
C ASP A 166 -38.23 -23.05 -7.21
N VAL A 167 -37.84 -24.34 -7.26
CA VAL A 167 -36.97 -24.98 -6.25
C VAL A 167 -35.52 -24.44 -6.34
N ILE A 168 -34.98 -24.35 -7.56
CA ILE A 168 -33.62 -23.81 -7.80
C ILE A 168 -33.54 -22.32 -7.47
N LEU A 169 -34.59 -21.56 -7.84
CA LEU A 169 -34.66 -20.12 -7.53
C LEU A 169 -34.61 -19.89 -6.02
N GLN A 170 -35.33 -20.73 -5.27
CA GLN A 170 -35.33 -20.70 -3.81
C GLN A 170 -33.94 -21.00 -3.24
N GLU A 171 -33.27 -21.99 -3.83
CA GLU A 171 -31.90 -22.36 -3.48
C GLU A 171 -30.89 -21.24 -3.71
N LEU A 172 -31.14 -20.40 -4.73
CA LEU A 172 -30.28 -19.25 -5.01
C LEU A 172 -30.39 -18.21 -3.90
N GLN A 173 -31.62 -18.00 -3.40
CA GLN A 173 -31.93 -17.10 -2.28
C GLN A 173 -31.35 -17.63 -0.98
N GLU A 174 -31.37 -18.96 -0.86
CA GLU A 174 -30.75 -19.73 0.21
C GLU A 174 -29.22 -19.57 0.21
N ASN A 175 -28.61 -19.75 -0.97
CA ASN A 175 -27.14 -19.66 -1.12
C ASN A 175 -26.57 -18.25 -0.84
N ASP A 176 -27.37 -17.21 -1.11
CA ASP A 176 -27.01 -15.80 -0.82
C ASP A 176 -26.67 -15.55 0.66
N THR A 177 -27.38 -16.26 1.53
CA THR A 177 -27.18 -16.13 2.96
C THR A 177 -25.92 -16.79 3.50
N SER A 178 -25.35 -17.72 2.72
CA SER A 178 -24.09 -18.34 3.05
C SER A 178 -22.91 -17.50 2.52
N MET A 179 -22.41 -16.61 3.38
CA MET A 179 -21.25 -15.75 3.05
C MET A 179 -20.07 -16.50 2.45
N ARG A 180 -19.79 -17.70 2.97
CA ARG A 180 -18.72 -18.59 2.44
C ARG A 180 -18.92 -18.99 0.96
N ASP A 181 -20.13 -19.49 0.63
CA ASP A 181 -20.47 -19.91 -0.75
C ASP A 181 -20.38 -18.75 -1.75
N VAL A 182 -20.82 -17.56 -1.30
CA VAL A 182 -20.76 -16.31 -2.06
C VAL A 182 -19.31 -15.92 -2.40
N VAL A 183 -18.45 -15.86 -1.39
CA VAL A 183 -17.05 -15.38 -1.54
C VAL A 183 -16.23 -16.25 -2.50
N PHE A 184 -16.43 -17.56 -2.42
CA PHE A 184 -15.76 -18.49 -3.31
C PHE A 184 -16.28 -18.38 -4.74
N ASN A 185 -17.60 -18.15 -4.88
CA ASN A 185 -18.21 -17.89 -6.19
C ASN A 185 -17.69 -16.60 -6.81
N TYR A 186 -17.57 -15.56 -5.98
CA TYR A 186 -16.94 -14.29 -6.35
C TYR A 186 -15.45 -14.49 -6.74
N LEU A 187 -14.73 -15.33 -5.98
CA LEU A 187 -13.31 -15.59 -6.22
C LEU A 187 -13.08 -16.22 -7.58
N HIS A 188 -13.94 -17.18 -7.94
CA HIS A 188 -13.93 -17.78 -9.27
C HIS A 188 -14.30 -16.76 -10.33
N ALA A 189 -15.31 -15.93 -10.04
CA ALA A 189 -15.80 -14.91 -10.97
C ALA A 189 -14.75 -13.87 -11.34
N THR A 190 -13.95 -13.45 -10.34
CA THR A 190 -12.92 -12.44 -10.55
C THR A 190 -11.60 -12.97 -11.07
N ALA A 191 -11.21 -14.17 -10.60
CA ALA A 191 -9.96 -14.82 -11.01
C ALA A 191 -10.06 -15.30 -12.46
N PHE A 192 -11.19 -15.93 -12.78
CA PHE A 192 -11.40 -16.53 -14.09
C PHE A 192 -12.29 -15.65 -15.02
N GLN A 193 -12.20 -14.33 -14.78
CA GLN A 193 -12.83 -13.25 -15.55
C GLN A 193 -13.02 -13.52 -17.05
N GLY A 194 -14.28 -13.60 -17.48
CA GLY A 194 -14.63 -13.83 -18.88
C GLY A 194 -14.19 -15.15 -19.49
N THR A 195 -13.99 -16.16 -18.64
CA THR A 195 -13.69 -17.54 -19.08
C THR A 195 -14.81 -18.46 -18.53
N PRO A 196 -14.95 -19.71 -19.06
CA PRO A 196 -15.98 -20.63 -18.57
C PRO A 196 -15.95 -20.85 -17.05
N LEU A 197 -14.75 -20.78 -16.45
CA LEU A 197 -14.53 -21.03 -15.02
C LEU A 197 -15.09 -19.95 -14.08
N ALA A 198 -15.27 -18.73 -14.59
CA ALA A 198 -15.90 -17.60 -13.83
C ALA A 198 -17.34 -17.89 -13.42
N GLN A 199 -17.99 -18.75 -14.20
CA GLN A 199 -19.36 -19.19 -13.96
C GLN A 199 -19.48 -20.13 -12.75
N SER A 200 -20.61 -19.97 -12.04
CA SER A 200 -21.04 -20.81 -10.93
C SER A 200 -21.75 -22.05 -11.47
N VAL A 201 -21.78 -23.10 -10.66
CA VAL A 201 -22.46 -24.36 -11.01
C VAL A 201 -23.98 -24.13 -11.21
N GLU A 202 -24.56 -23.34 -10.30
CA GLU A 202 -25.99 -23.06 -10.23
C GLU A 202 -26.53 -22.30 -11.44
N GLY A 203 -25.70 -21.41 -12.03
CA GLY A 203 -26.10 -20.51 -13.10
C GLY A 203 -26.74 -19.23 -12.55
N PRO A 204 -26.98 -18.21 -13.39
CA PRO A 204 -27.66 -16.98 -12.94
C PRO A 204 -29.18 -17.15 -12.92
N SER A 205 -29.88 -16.24 -12.23
CA SER A 205 -31.36 -16.26 -12.12
C SER A 205 -32.07 -16.30 -13.48
N GLU A 206 -31.55 -15.53 -14.45
CA GLU A 206 -32.09 -15.45 -15.82
C GLU A 206 -32.11 -16.82 -16.51
N ASN A 207 -31.01 -17.57 -16.36
CA ASN A 207 -30.87 -18.87 -17.00
C ASN A 207 -31.75 -19.98 -16.42
N VAL A 208 -32.07 -19.87 -15.12
CA VAL A 208 -32.94 -20.83 -14.40
C VAL A 208 -34.41 -20.71 -14.88
N ARG A 209 -34.90 -19.47 -14.97
CA ARG A 209 -36.26 -19.21 -15.42
C ARG A 209 -36.48 -19.29 -16.95
N LYS A 210 -35.37 -19.29 -17.72
CA LYS A 210 -35.45 -19.34 -19.20
C LYS A 210 -35.12 -20.70 -19.85
N LEU A 211 -34.37 -21.55 -19.14
CA LEU A 211 -33.94 -22.86 -19.65
C LEU A 211 -35.12 -23.73 -20.08
N SER A 212 -35.08 -24.19 -21.33
CA SER A 212 -36.14 -25.02 -21.93
C SER A 212 -35.85 -26.53 -21.81
N ARG A 213 -36.87 -27.34 -22.09
CA ARG A 213 -36.73 -28.80 -22.13
C ARG A 213 -35.67 -29.23 -23.16
N ALA A 214 -35.69 -28.56 -24.33
CA ALA A 214 -34.73 -28.77 -25.42
C ALA A 214 -33.29 -28.40 -25.04
N ASP A 215 -33.15 -27.34 -24.22
CA ASP A 215 -31.84 -26.86 -23.72
C ASP A 215 -31.11 -27.92 -22.92
N LEU A 216 -31.88 -28.70 -22.14
CA LEU A 216 -31.34 -29.70 -21.24
C LEU A 216 -31.01 -31.04 -21.93
N THR A 217 -31.88 -31.45 -22.87
CA THR A 217 -31.64 -32.64 -23.70
C THR A 217 -30.41 -32.47 -24.60
N GLU A 218 -30.25 -31.25 -25.15
CA GLU A 218 -29.09 -30.88 -25.98
C GLU A 218 -27.77 -30.98 -25.21
N TYR A 219 -27.77 -30.49 -23.96
CA TYR A 219 -26.63 -30.63 -23.04
C TYR A 219 -26.36 -32.10 -22.69
N LEU A 220 -27.44 -32.84 -22.39
CA LEU A 220 -27.35 -34.27 -22.04
C LEU A 220 -26.80 -35.15 -23.19
N SER A 221 -27.28 -34.92 -24.41
CA SER A 221 -26.78 -35.65 -25.59
C SER A 221 -25.32 -35.32 -25.91
N ARG A 222 -24.93 -34.05 -25.73
CA ARG A 222 -23.56 -33.58 -25.97
C ARG A 222 -22.54 -34.09 -24.93
N HIS A 223 -22.98 -34.22 -23.66
CA HIS A 223 -22.07 -34.45 -22.52
C HIS A 223 -22.09 -35.82 -21.85
N TYR A 224 -23.27 -36.46 -21.79
CA TYR A 224 -23.42 -37.75 -21.11
C TYR A 224 -23.10 -38.94 -22.04
N LYS A 225 -21.85 -38.93 -22.54
CA LYS A 225 -21.34 -39.90 -23.52
C LYS A 225 -20.27 -40.77 -22.85
N ALA A 226 -20.32 -42.08 -23.17
CA ALA A 226 -19.47 -43.12 -22.52
C ALA A 226 -17.96 -42.85 -22.25
N PRO A 227 -17.16 -42.37 -23.24
CA PRO A 227 -15.74 -42.04 -22.98
C PRO A 227 -15.50 -40.87 -21.97
N ARG A 228 -16.59 -40.35 -21.40
CA ARG A 228 -16.53 -39.29 -20.39
C ARG A 228 -17.26 -39.72 -19.09
N MET A 229 -17.44 -41.04 -18.95
CA MET A 229 -18.14 -41.63 -17.81
C MET A 229 -17.35 -42.76 -17.20
N VAL A 230 -17.33 -42.78 -15.87
CA VAL A 230 -16.68 -43.83 -15.09
C VAL A 230 -17.71 -44.43 -14.13
N LEU A 231 -17.93 -45.74 -14.27
CA LEU A 231 -18.75 -46.49 -13.32
C LEU A 231 -17.85 -47.04 -12.22
N ALA A 232 -17.85 -46.33 -11.10
CA ALA A 232 -16.97 -46.62 -9.98
C ALA A 232 -17.72 -47.34 -8.88
N ALA A 233 -17.02 -48.26 -8.20
CA ALA A 233 -17.57 -48.99 -7.05
C ALA A 233 -16.53 -49.36 -5.99
N ALA A 234 -16.97 -49.37 -4.73
CA ALA A 234 -16.13 -49.74 -3.57
C ALA A 234 -16.97 -50.51 -2.56
N GLY A 235 -16.43 -51.63 -2.08
CA GLY A 235 -17.07 -52.46 -1.06
C GLY A 235 -16.91 -53.96 -1.29
N GLY A 236 -17.85 -54.74 -0.72
CA GLY A 236 -17.87 -56.19 -0.86
C GLY A 236 -18.42 -56.66 -2.19
N LEU A 237 -17.66 -56.40 -3.25
CA LEU A 237 -18.02 -56.76 -4.61
C LEU A 237 -16.81 -57.29 -5.37
N GLU A 238 -17.01 -58.32 -6.19
CA GLU A 238 -15.98 -58.76 -7.15
C GLU A 238 -16.03 -57.85 -8.39
N HIS A 239 -14.88 -57.67 -9.03
CA HIS A 239 -14.77 -56.82 -10.24
C HIS A 239 -15.54 -57.39 -11.44
N ARG A 240 -15.49 -58.72 -11.61
CA ARG A 240 -16.21 -59.46 -12.67
C ARG A 240 -17.72 -59.22 -12.62
N GLN A 241 -18.26 -59.13 -11.39
CA GLN A 241 -19.67 -58.80 -11.11
C GLN A 241 -20.03 -57.42 -11.69
N LEU A 242 -19.13 -56.45 -11.50
CA LEU A 242 -19.35 -55.07 -11.91
C LEU A 242 -19.28 -54.87 -13.42
N LEU A 243 -18.27 -55.49 -14.06
CA LEU A 243 -18.10 -55.42 -15.52
C LEU A 243 -19.26 -56.07 -16.28
N ASP A 244 -19.80 -57.17 -15.71
CA ASP A 244 -20.97 -57.87 -16.26
C ASP A 244 -22.17 -56.93 -16.31
N LEU A 245 -22.37 -56.21 -15.20
CA LEU A 245 -23.49 -55.28 -15.03
C LEU A 245 -23.40 -54.05 -15.94
N ALA A 246 -22.17 -53.61 -16.19
CA ALA A 246 -21.92 -52.47 -17.07
C ALA A 246 -22.21 -52.80 -18.54
N GLN A 247 -21.89 -54.03 -18.95
CA GLN A 247 -22.29 -54.53 -20.28
C GLN A 247 -23.80 -54.82 -20.31
N LYS A 248 -24.36 -55.19 -19.15
CA LYS A 248 -25.77 -55.50 -19.01
C LYS A 248 -26.70 -54.28 -19.08
N HIS A 249 -26.21 -53.12 -18.61
CA HIS A 249 -27.06 -51.93 -18.45
C HIS A 249 -26.57 -50.63 -19.13
N PHE A 250 -25.27 -50.55 -19.41
CA PHE A 250 -24.68 -49.35 -20.03
C PHE A 250 -24.39 -49.48 -21.53
N SER A 251 -24.30 -50.72 -22.02
CA SER A 251 -24.20 -50.99 -23.47
C SER A 251 -25.45 -50.46 -24.15
N GLY A 252 -25.23 -49.76 -25.26
CA GLY A 252 -26.29 -49.01 -25.92
C GLY A 252 -26.01 -47.52 -25.84
N LEU A 253 -24.72 -47.18 -25.97
CA LEU A 253 -24.24 -45.81 -26.15
C LEU A 253 -23.18 -45.78 -27.30
N SER A 254 -23.14 -46.89 -28.08
CA SER A 254 -22.27 -47.03 -29.25
C SER A 254 -23.07 -46.90 -30.57
N GLY A 255 -23.04 -47.95 -31.44
CA GLY A 255 -23.64 -47.90 -32.78
C GLY A 255 -22.81 -47.02 -33.69
N THR A 256 -22.92 -45.71 -33.45
CA THR A 256 -22.02 -44.66 -33.97
C THR A 256 -22.07 -43.45 -32.99
N TYR A 257 -20.89 -42.97 -32.56
CA TYR A 257 -20.80 -41.85 -31.60
C TYR A 257 -19.70 -40.81 -31.85
N ASP A 258 -19.88 -39.62 -31.23
CA ASP A 258 -19.00 -38.43 -31.36
C ASP A 258 -18.94 -37.83 -32.80
N GLU A 259 -17.79 -37.99 -33.48
CA GLU A 259 -17.56 -37.54 -34.89
C GLU A 259 -17.79 -36.05 -35.21
N ASP A 260 -19.06 -35.64 -35.29
CA ASP A 260 -19.49 -34.29 -35.68
C ASP A 260 -19.16 -33.17 -34.66
N ALA A 261 -19.31 -33.48 -33.36
CA ALA A 261 -19.05 -32.49 -32.29
C ALA A 261 -18.08 -33.03 -31.22
N VAL A 262 -16.79 -32.74 -31.42
CA VAL A 262 -15.71 -33.10 -30.48
C VAL A 262 -15.45 -31.88 -29.52
N PRO A 263 -15.89 -31.96 -28.25
CA PRO A 263 -15.77 -30.82 -27.33
C PRO A 263 -14.64 -30.98 -26.26
N THR A 264 -13.45 -30.42 -26.58
CA THR A 264 -12.32 -30.37 -25.63
C THR A 264 -12.23 -28.97 -24.98
N LEU A 265 -11.91 -28.96 -23.68
CA LEU A 265 -11.84 -27.72 -22.90
C LEU A 265 -10.67 -26.85 -23.28
N SER A 266 -10.97 -25.57 -23.55
CA SER A 266 -9.94 -24.55 -23.77
C SER A 266 -9.45 -24.02 -22.39
N PRO A 267 -8.14 -23.70 -22.26
CA PRO A 267 -7.60 -23.17 -20.99
C PRO A 267 -8.26 -21.86 -20.53
N CYS A 268 -8.28 -21.63 -19.22
CA CYS A 268 -8.92 -20.46 -18.62
C CYS A 268 -7.90 -19.50 -18.02
N ARG A 269 -7.84 -18.29 -18.62
CA ARG A 269 -6.97 -17.20 -18.18
C ARG A 269 -7.31 -16.73 -16.77
N PHE A 270 -6.30 -16.81 -15.89
CA PHE A 270 -6.38 -16.28 -14.54
C PHE A 270 -5.96 -14.82 -14.56
N THR A 271 -6.73 -14.00 -13.85
CA THR A 271 -6.46 -12.57 -13.70
C THR A 271 -6.25 -12.20 -12.25
N GLY A 272 -5.15 -11.49 -12.00
CA GLY A 272 -4.92 -10.83 -10.71
C GLY A 272 -5.91 -9.71 -10.66
N SER A 273 -6.86 -9.82 -9.73
CA SER A 273 -7.98 -8.91 -9.64
C SER A 273 -8.64 -8.93 -8.26
N GLN A 274 -9.57 -8.00 -8.04
CA GLN A 274 -10.27 -7.86 -6.78
C GLN A 274 -11.76 -7.66 -6.97
N ILE A 275 -12.55 -8.39 -6.17
CA ILE A 275 -13.98 -8.14 -6.06
C ILE A 275 -14.34 -7.84 -4.60
N CYS A 276 -14.91 -6.67 -4.39
CA CYS A 276 -15.22 -6.17 -3.05
C CYS A 276 -16.69 -5.81 -2.92
N HIS A 277 -17.44 -6.71 -2.28
CA HIS A 277 -18.86 -6.49 -2.00
C HIS A 277 -18.98 -5.96 -0.56
N ARG A 278 -18.89 -4.65 -0.43
CA ARG A 278 -19.08 -3.96 0.84
C ARG A 278 -20.52 -4.15 1.34
N GLU A 279 -20.63 -4.70 2.55
CA GLU A 279 -21.91 -4.84 3.23
C GLU A 279 -21.73 -4.76 4.75
N ASP A 280 -21.91 -3.56 5.28
CA ASP A 280 -21.74 -3.27 6.72
C ASP A 280 -22.87 -3.78 7.64
N GLY A 281 -23.92 -4.33 7.02
CA GLY A 281 -25.01 -4.96 7.76
C GLY A 281 -24.74 -6.41 8.13
N LEU A 282 -23.65 -6.98 7.60
CA LEU A 282 -23.25 -8.34 7.97
C LEU A 282 -22.23 -8.32 9.14
N PRO A 283 -22.45 -9.16 10.17
CA PRO A 283 -21.61 -9.12 11.38
C PRO A 283 -20.11 -9.37 11.17
N LEU A 284 -19.73 -10.30 10.30
CA LEU A 284 -18.31 -10.65 10.08
C LEU A 284 -17.90 -10.67 8.59
N ALA A 285 -16.68 -10.23 8.33
CA ALA A 285 -16.15 -10.14 6.97
C ALA A 285 -15.60 -11.48 6.47
N HIS A 286 -15.80 -11.72 5.17
CA HIS A 286 -15.28 -12.92 4.52
C HIS A 286 -14.32 -12.55 3.42
N VAL A 287 -13.13 -13.16 3.47
CA VAL A 287 -12.05 -12.87 2.51
C VAL A 287 -11.51 -14.19 1.95
N ALA A 288 -11.44 -14.29 0.61
CA ALA A 288 -10.79 -15.40 -0.07
C ALA A 288 -9.72 -14.84 -1.03
N ILE A 289 -8.47 -15.18 -0.72
CA ILE A 289 -7.30 -14.74 -1.49
C ILE A 289 -6.55 -15.94 -2.11
N ALA A 290 -6.34 -15.88 -3.44
CA ALA A 290 -5.69 -16.97 -4.18
C ALA A 290 -4.84 -16.55 -5.35
N VAL A 291 -3.73 -17.25 -5.53
CA VAL A 291 -2.89 -17.18 -6.76
C VAL A 291 -3.28 -18.32 -7.70
N GLU A 292 -2.80 -18.28 -8.93
CA GLU A 292 -3.05 -19.36 -9.89
C GLU A 292 -2.26 -20.62 -9.54
N GLY A 293 -2.99 -21.71 -9.35
CA GLY A 293 -2.42 -23.03 -9.12
C GLY A 293 -2.23 -23.78 -10.43
N PRO A 294 -1.46 -24.88 -10.42
CA PRO A 294 -1.07 -25.56 -11.67
C PRO A 294 -2.10 -26.49 -12.31
N GLY A 295 -2.97 -27.12 -11.50
CA GLY A 295 -3.98 -28.03 -12.01
C GLY A 295 -3.74 -29.49 -11.67
N TRP A 296 -4.83 -30.28 -11.70
CA TRP A 296 -4.87 -31.71 -11.32
C TRP A 296 -3.57 -32.52 -11.52
N ALA A 297 -3.09 -32.56 -12.76
CA ALA A 297 -1.98 -33.43 -13.18
C ALA A 297 -0.58 -33.12 -12.62
N HIS A 298 -0.30 -31.83 -12.41
CA HIS A 298 1.03 -31.33 -12.00
C HIS A 298 1.61 -31.99 -10.73
N PRO A 299 2.83 -32.55 -10.82
CA PRO A 299 3.48 -33.26 -9.70
C PRO A 299 3.69 -32.42 -8.43
N ASP A 300 3.84 -31.09 -8.58
CA ASP A 300 4.08 -30.21 -7.43
C ASP A 300 2.83 -29.69 -6.68
N ASN A 301 1.69 -30.36 -6.90
CA ASN A 301 0.48 -30.19 -6.08
C ASN A 301 0.69 -30.77 -4.68
N VAL A 302 1.51 -31.84 -4.61
CA VAL A 302 1.88 -32.50 -3.36
C VAL A 302 2.64 -31.53 -2.44
N ALA A 303 3.67 -30.86 -2.99
CA ALA A 303 4.50 -29.90 -2.24
C ALA A 303 3.73 -28.65 -1.77
N LEU A 304 2.78 -28.20 -2.59
CA LEU A 304 1.91 -27.07 -2.25
C LEU A 304 0.98 -27.41 -1.11
N GLN A 305 0.48 -28.65 -1.12
CA GLN A 305 -0.40 -29.17 -0.09
C GLN A 305 0.29 -29.32 1.27
N VAL A 306 1.58 -29.67 1.24
CA VAL A 306 2.42 -29.77 2.46
C VAL A 306 2.56 -28.38 3.12
N ALA A 307 2.78 -27.36 2.29
CA ALA A 307 2.92 -25.98 2.78
C ALA A 307 1.59 -25.45 3.30
N ASN A 308 0.50 -25.84 2.62
CA ASN A 308 -0.88 -25.52 3.02
C ASN A 308 -1.26 -26.21 4.34
N ALA A 309 -0.62 -27.34 4.61
CA ALA A 309 -0.78 -28.04 5.87
C ALA A 309 -0.02 -27.32 6.99
N ILE A 310 1.20 -26.84 6.68
CA ILE A 310 2.04 -26.07 7.63
C ILE A 310 1.28 -24.83 8.13
N ILE A 311 0.66 -24.10 7.19
CA ILE A 311 -0.20 -22.98 7.53
C ILE A 311 -1.50 -23.52 8.16
N GLY A 312 -2.06 -24.57 7.55
CA GLY A 312 -3.23 -25.28 8.07
C GLY A 312 -4.56 -24.54 8.06
N HIS A 313 -5.33 -24.76 9.11
CA HIS A 313 -6.65 -24.14 9.28
C HIS A 313 -6.94 -23.89 10.75
N TYR A 314 -7.80 -22.92 11.02
CA TYR A 314 -8.18 -22.57 12.39
C TYR A 314 -9.66 -22.35 12.50
N ASP A 315 -10.13 -22.41 13.73
CA ASP A 315 -11.51 -22.26 14.10
C ASP A 315 -11.58 -21.94 15.60
N CYS A 316 -12.46 -21.03 15.99
CA CYS A 316 -12.58 -20.56 17.37
C CYS A 316 -12.95 -21.64 18.40
N THR A 317 -13.42 -22.81 17.91
CA THR A 317 -13.75 -23.98 18.76
C THR A 317 -12.57 -24.95 18.95
N TYR A 318 -11.42 -24.67 18.30
CA TYR A 318 -10.22 -25.51 18.43
C TYR A 318 -9.67 -25.35 19.83
N GLY A 319 -9.25 -26.47 20.40
CA GLY A 319 -8.75 -26.49 21.76
C GLY A 319 -7.36 -25.91 21.90
N GLY A 320 -6.56 -26.04 20.83
CA GLY A 320 -5.14 -25.75 20.84
C GLY A 320 -4.68 -24.39 21.37
N GLY A 321 -5.35 -23.32 20.92
CA GLY A 321 -5.03 -21.95 21.30
C GLY A 321 -3.62 -21.49 20.95
N ALA A 322 -2.94 -20.90 21.94
CA ALA A 322 -1.61 -20.33 21.78
C ALA A 322 -0.51 -21.36 21.46
N HIS A 323 -0.76 -22.62 21.81
CA HIS A 323 0.25 -23.68 21.64
C HIS A 323 0.25 -24.38 20.30
N LEU A 324 -0.64 -23.95 19.39
CA LEU A 324 -0.74 -24.55 18.05
C LEU A 324 0.53 -24.38 17.22
N SER A 325 0.89 -25.45 16.51
CA SER A 325 2.14 -25.51 15.73
C SER A 325 2.24 -24.40 14.72
N SER A 326 1.21 -24.29 13.87
CA SER A 326 1.10 -23.27 12.83
C SER A 326 1.20 -21.84 13.39
N PRO A 327 2.15 -21.05 12.89
CA PRO A 327 2.30 -19.64 13.32
C PRO A 327 1.04 -18.79 13.11
N LEU A 328 0.38 -18.91 11.94
CA LEU A 328 -0.83 -18.12 11.66
C LEU A 328 -1.93 -18.47 12.64
N ALA A 329 -2.15 -19.77 12.84
CA ALA A 329 -3.16 -20.31 13.78
C ALA A 329 -2.93 -19.86 15.23
N SER A 330 -1.66 -19.95 15.68
CA SER A 330 -1.26 -19.56 17.02
C SER A 330 -1.43 -18.05 17.30
N ILE A 331 -0.98 -17.20 16.35
CA ILE A 331 -1.14 -15.73 16.46
C ILE A 331 -2.63 -15.33 16.39
N ALA A 332 -3.40 -16.06 15.55
CA ALA A 332 -4.83 -15.80 15.37
C ALA A 332 -5.66 -16.10 16.60
N ALA A 333 -5.30 -17.18 17.31
CA ALA A 333 -5.97 -17.57 18.54
C ALA A 333 -5.63 -16.60 19.67
N THR A 334 -4.32 -16.30 19.83
CA THR A 334 -3.78 -15.47 20.90
C THR A 334 -4.32 -14.05 20.89
N ASN A 335 -4.26 -13.44 19.71
CA ASN A 335 -4.70 -12.07 19.48
C ASN A 335 -6.17 -11.95 19.01
N LYS A 336 -6.92 -13.07 19.10
CA LYS A 336 -8.33 -13.16 18.61
C LYS A 336 -8.49 -12.44 17.28
N LEU A 337 -7.74 -12.93 16.29
CA LEU A 337 -7.64 -12.27 15.01
C LEU A 337 -8.65 -12.70 13.96
N CYS A 338 -9.40 -13.77 14.26
CA CYS A 338 -10.47 -14.29 13.40
C CYS A 338 -11.37 -15.31 14.13
N GLN A 339 -12.43 -15.73 13.44
CA GLN A 339 -13.29 -16.81 13.89
C GLN A 339 -12.83 -18.12 13.26
N SER A 340 -12.15 -18.02 12.12
CA SER A 340 -11.66 -19.17 11.36
C SER A 340 -10.80 -18.73 10.19
N PHE A 341 -9.90 -19.62 9.78
CA PHE A 341 -9.28 -19.58 8.46
C PHE A 341 -9.06 -21.01 7.95
N GLN A 342 -8.87 -21.14 6.65
CA GLN A 342 -8.61 -22.42 6.01
C GLN A 342 -7.76 -22.19 4.76
N THR A 343 -6.73 -23.04 4.56
CA THR A 343 -6.01 -23.06 3.29
C THR A 343 -6.74 -23.97 2.29
N PHE A 344 -6.48 -23.76 1.01
CA PHE A 344 -7.08 -24.56 -0.07
C PHE A 344 -6.17 -24.66 -1.26
N ASN A 345 -6.34 -25.73 -2.03
CA ASN A 345 -5.68 -25.93 -3.30
C ASN A 345 -6.72 -26.50 -4.26
N ILE A 346 -7.59 -25.61 -4.73
CA ILE A 346 -8.67 -25.98 -5.64
C ILE A 346 -8.09 -26.31 -7.02
N CYS A 347 -8.39 -27.51 -7.51
CA CYS A 347 -7.84 -28.02 -8.76
C CYS A 347 -8.82 -28.07 -9.91
N TYR A 348 -8.37 -27.57 -11.05
CA TYR A 348 -9.08 -27.73 -12.33
C TYR A 348 -8.11 -28.23 -13.40
N ALA A 349 -8.62 -28.57 -14.59
CA ALA A 349 -7.78 -28.96 -15.73
C ALA A 349 -6.83 -27.81 -16.11
N ASP A 350 -5.53 -28.04 -15.88
CA ASP A 350 -4.42 -27.09 -16.20
C ASP A 350 -4.37 -25.78 -15.40
N THR A 351 -5.30 -25.59 -14.47
CA THR A 351 -5.36 -24.38 -13.63
C THR A 351 -5.97 -24.64 -12.24
N GLY A 352 -6.01 -23.59 -11.41
CA GLY A 352 -6.63 -23.67 -10.10
C GLY A 352 -6.40 -22.47 -9.22
N LEU A 353 -7.07 -22.51 -8.07
CA LEU A 353 -6.95 -21.46 -7.06
C LEU A 353 -6.20 -21.98 -5.85
N LEU A 354 -5.16 -21.24 -5.46
CA LEU A 354 -4.33 -21.61 -4.33
C LEU A 354 -4.19 -20.43 -3.37
N GLY A 355 -4.67 -20.64 -2.14
CA GLY A 355 -4.55 -19.66 -1.08
C GLY A 355 -5.37 -19.95 0.14
N ALA A 356 -5.87 -18.88 0.77
CA ALA A 356 -6.62 -18.95 2.01
C ALA A 356 -7.94 -18.17 2.02
N HIS A 357 -8.86 -18.61 2.89
CA HIS A 357 -10.11 -17.92 3.16
C HIS A 357 -10.21 -17.74 4.69
N PHE A 358 -10.73 -16.59 5.12
CA PHE A 358 -10.95 -16.33 6.54
C PHE A 358 -12.19 -15.48 6.83
N VAL A 359 -12.73 -15.68 8.04
CA VAL A 359 -13.84 -14.87 8.53
C VAL A 359 -13.46 -14.22 9.86
N CYS A 360 -13.59 -12.89 9.90
CA CYS A 360 -13.11 -12.11 11.03
C CYS A 360 -13.91 -10.84 11.26
N ASP A 361 -13.68 -10.24 12.43
CA ASP A 361 -14.24 -8.95 12.84
C ASP A 361 -13.80 -7.86 11.84
N HIS A 362 -14.60 -6.78 11.73
CA HIS A 362 -14.29 -5.63 10.86
C HIS A 362 -12.92 -4.96 11.09
N MET A 363 -12.48 -4.90 12.35
CA MET A 363 -11.17 -4.33 12.72
C MET A 363 -9.97 -5.26 12.56
N SER A 364 -10.21 -6.53 12.21
CA SER A 364 -9.14 -7.53 12.17
C SER A 364 -8.65 -8.00 10.80
N ILE A 365 -9.15 -7.36 9.73
CA ILE A 365 -8.86 -7.82 8.36
C ILE A 365 -7.42 -7.55 7.96
N ASP A 366 -6.92 -6.36 8.33
CA ASP A 366 -5.55 -5.95 8.03
C ASP A 366 -4.50 -6.88 8.64
N ASP A 367 -4.58 -7.07 9.97
CA ASP A 367 -3.68 -8.00 10.67
C ASP A 367 -3.72 -9.41 10.08
N MET A 368 -4.93 -9.88 9.76
CA MET A 368 -5.13 -11.23 9.21
C MET A 368 -4.47 -11.42 7.86
N MET A 369 -4.60 -10.41 6.99
CA MET A 369 -3.92 -10.38 5.72
C MET A 369 -2.40 -10.42 5.91
N PHE A 370 -1.90 -9.55 6.79
CA PHE A 370 -0.49 -9.40 7.08
C PHE A 370 0.14 -10.71 7.56
N VAL A 371 -0.53 -11.34 8.53
CA VAL A 371 -0.03 -12.54 9.18
C VAL A 371 -0.04 -13.75 8.23
N LEU A 372 -1.05 -13.81 7.36
CA LEU A 372 -1.15 -14.86 6.37
C LEU A 372 -0.10 -14.68 5.25
N GLN A 373 -0.04 -13.46 4.69
CA GLN A 373 0.88 -13.13 3.59
C GLN A 373 2.32 -13.35 4.00
N GLY A 374 2.64 -12.93 5.25
CA GLY A 374 3.94 -13.13 5.87
C GLY A 374 4.30 -14.60 6.00
N GLN A 375 3.28 -15.45 6.20
CA GLN A 375 3.46 -16.91 6.26
C GLN A 375 3.78 -17.53 4.91
N TRP A 376 3.09 -17.08 3.85
CA TRP A 376 3.39 -17.50 2.48
C TRP A 376 4.85 -17.15 2.15
N MET A 377 5.27 -15.96 2.59
CA MET A 377 6.60 -15.45 2.31
C MET A 377 7.70 -16.10 3.11
N ARG A 378 7.43 -16.34 4.41
CA ARG A 378 8.33 -17.13 5.27
C ARG A 378 8.65 -18.46 4.59
N LEU A 379 7.60 -19.15 4.15
CA LEU A 379 7.72 -20.45 3.50
C LEU A 379 8.40 -20.40 2.16
N CYS A 380 8.13 -19.34 1.39
CA CYS A 380 8.75 -19.09 0.06
C CYS A 380 10.27 -18.92 0.13
N THR A 381 10.75 -18.29 1.20
CA THR A 381 12.17 -17.91 1.34
C THR A 381 12.94 -18.74 2.37
N SER A 382 12.28 -19.10 3.46
CA SER A 382 12.96 -19.64 4.65
C SER A 382 12.29 -20.83 5.37
N ALA A 383 11.59 -21.68 4.61
CA ALA A 383 10.98 -22.93 5.14
C ALA A 383 12.05 -23.85 5.81
N THR A 384 11.65 -24.58 6.87
CA THR A 384 12.59 -25.41 7.64
C THR A 384 12.21 -26.89 7.69
N GLU A 385 13.23 -27.75 7.81
CA GLU A 385 13.08 -29.22 7.76
C GLU A 385 11.97 -29.81 8.63
N SER A 386 11.92 -29.38 9.90
CA SER A 386 10.99 -29.91 10.91
C SER A 386 9.52 -29.67 10.56
N GLU A 387 9.15 -28.39 10.37
CA GLU A 387 7.79 -27.99 10.00
C GLU A 387 7.30 -28.66 8.70
N VAL A 388 8.24 -28.94 7.79
CA VAL A 388 7.93 -29.60 6.53
C VAL A 388 7.58 -31.08 6.77
N LEU A 389 8.25 -31.72 7.74
CA LEU A 389 7.93 -33.10 8.14
C LEU A 389 6.51 -33.17 8.76
N ARG A 390 6.16 -32.16 9.55
CA ARG A 390 4.82 -32.04 10.14
C ARG A 390 3.75 -31.95 9.05
N GLY A 391 3.97 -31.05 8.09
CA GLY A 391 3.13 -30.90 6.92
C GLY A 391 2.99 -32.18 6.11
N LYS A 392 4.09 -32.94 6.01
CA LYS A 392 4.08 -34.25 5.35
C LYS A 392 3.19 -35.23 6.15
N ASN A 393 3.37 -35.21 7.48
CA ASN A 393 2.62 -36.08 8.40
C ASN A 393 1.11 -35.79 8.43
N LEU A 394 0.75 -34.49 8.47
CA LEU A 394 -0.66 -34.08 8.41
C LEU A 394 -1.31 -34.59 7.13
N LEU A 395 -0.56 -34.54 6.02
CA LEU A 395 -1.02 -34.99 4.72
C LEU A 395 -1.22 -36.48 4.63
N ARG A 396 -0.25 -37.26 5.13
CA ARG A 396 -0.35 -38.72 5.20
C ARG A 396 -1.62 -39.10 5.96
N ASN A 397 -1.85 -38.40 7.09
CA ASN A 397 -3.02 -38.58 7.94
C ASN A 397 -4.31 -38.14 7.27
N ALA A 398 -4.26 -36.98 6.60
CA ALA A 398 -5.39 -36.45 5.80
C ALA A 398 -5.81 -37.42 4.69
N LEU A 399 -4.81 -37.97 3.98
CA LEU A 399 -5.07 -38.90 2.89
C LEU A 399 -5.65 -40.23 3.35
N VAL A 400 -5.12 -40.77 4.43
CA VAL A 400 -5.59 -42.06 4.97
C VAL A 400 -6.97 -41.93 5.67
N SER A 401 -7.12 -40.88 6.50
CA SER A 401 -8.39 -40.59 7.19
C SER A 401 -9.55 -40.30 6.22
N HIS A 402 -9.23 -39.65 5.10
CA HIS A 402 -10.21 -39.39 4.04
C HIS A 402 -10.72 -40.65 3.37
N LEU A 403 -9.83 -41.59 3.03
CA LEU A 403 -10.23 -42.84 2.35
C LEU A 403 -10.72 -43.92 3.33
N ASP A 404 -11.78 -43.56 4.06
CA ASP A 404 -12.36 -44.43 5.09
C ASP A 404 -13.79 -44.81 4.76
N GLY A 405 -13.97 -46.04 4.28
CA GLY A 405 -15.27 -46.55 3.89
C GLY A 405 -15.59 -46.36 2.43
N THR A 406 -16.65 -47.02 1.97
CA THR A 406 -17.01 -47.18 0.55
C THR A 406 -17.32 -45.88 -0.23
N THR A 407 -17.98 -44.92 0.41
CA THR A 407 -18.33 -43.65 -0.23
C THR A 407 -17.13 -42.75 -0.58
N PRO A 408 -16.18 -42.49 0.36
CA PRO A 408 -14.94 -41.79 0.01
C PRO A 408 -14.05 -42.50 -1.05
N VAL A 409 -13.90 -43.83 -0.96
CA VAL A 409 -13.05 -44.59 -1.90
C VAL A 409 -13.65 -44.63 -3.32
N CYS A 410 -14.97 -44.87 -3.40
CA CYS A 410 -15.71 -44.86 -4.66
C CYS A 410 -15.64 -43.49 -5.34
N GLU A 411 -15.69 -42.44 -4.53
CA GLU A 411 -15.54 -41.07 -4.99
C GLU A 411 -14.14 -40.83 -5.53
N ASP A 412 -13.15 -41.42 -4.86
CA ASP A 412 -11.75 -41.30 -5.24
C ASP A 412 -11.46 -42.08 -6.50
N ILE A 413 -12.18 -43.19 -6.71
CA ILE A 413 -12.04 -43.99 -7.93
C ILE A 413 -12.58 -43.23 -9.16
N GLY A 414 -13.81 -42.70 -9.03
CA GLY A 414 -14.47 -41.98 -10.10
C GLY A 414 -13.74 -40.72 -10.53
N ARG A 415 -13.35 -39.90 -9.53
CA ARG A 415 -12.69 -38.63 -9.74
C ARG A 415 -11.29 -38.77 -10.33
N SER A 416 -10.51 -39.71 -9.77
CA SER A 416 -9.13 -39.94 -10.20
C SER A 416 -9.02 -40.44 -11.63
N LEU A 417 -9.98 -41.25 -12.05
CA LEU A 417 -10.03 -41.78 -13.42
C LEU A 417 -10.32 -40.68 -14.45
N LEU A 418 -11.04 -39.65 -14.02
CA LEU A 418 -11.34 -38.49 -14.87
C LEU A 418 -10.18 -37.48 -14.93
N THR A 419 -9.48 -37.32 -13.81
CA THR A 419 -8.45 -36.29 -13.65
C THR A 419 -7.00 -36.74 -13.84
N TYR A 420 -6.71 -38.00 -13.47
CA TYR A 420 -5.37 -38.58 -13.60
C TYR A 420 -5.30 -39.69 -14.67
N GLY A 421 -6.47 -40.25 -15.03
CA GLY A 421 -6.54 -41.35 -15.98
C GLY A 421 -6.39 -42.73 -15.36
N ARG A 422 -5.65 -42.79 -14.24
CA ARG A 422 -5.49 -44.00 -13.43
C ARG A 422 -5.93 -43.69 -12.00
N ARG A 423 -5.94 -44.72 -11.15
CA ARG A 423 -6.06 -44.54 -9.70
C ARG A 423 -4.63 -44.55 -9.15
N ILE A 424 -4.23 -43.42 -8.55
CA ILE A 424 -2.90 -43.31 -7.95
C ILE A 424 -2.91 -44.02 -6.59
N PRO A 425 -2.13 -45.12 -6.46
CA PRO A 425 -2.11 -45.93 -5.25
C PRO A 425 -1.51 -45.17 -4.07
N LEU A 426 -2.00 -45.47 -2.87
CA LEU A 426 -1.57 -44.81 -1.63
C LEU A 426 -0.06 -44.85 -1.39
N ALA A 427 0.58 -45.99 -1.73
CA ALA A 427 2.04 -46.14 -1.67
C ALA A 427 2.79 -45.08 -2.52
N GLU A 428 2.23 -44.77 -3.71
CA GLU A 428 2.78 -43.74 -4.62
C GLU A 428 2.61 -42.34 -4.07
N TRP A 429 1.43 -42.05 -3.48
CA TRP A 429 1.18 -40.79 -2.81
C TRP A 429 2.20 -40.57 -1.70
N GLU A 430 2.44 -41.63 -0.90
CA GLU A 430 3.46 -41.63 0.18
C GLU A 430 4.84 -41.36 -0.39
N SER A 431 5.19 -42.08 -1.45
CA SER A 431 6.44 -41.90 -2.19
C SER A 431 6.64 -40.44 -2.64
N ARG A 432 5.57 -39.84 -3.19
CA ARG A 432 5.58 -38.44 -3.61
C ARG A 432 5.54 -37.45 -2.44
N ILE A 433 4.97 -37.87 -1.30
CA ILE A 433 4.97 -37.05 -0.08
C ILE A 433 6.37 -37.05 0.53
N ALA A 434 6.92 -38.27 0.74
CA ALA A 434 8.26 -38.50 1.34
C ALA A 434 9.38 -37.70 0.68
N GLU A 435 9.22 -37.44 -0.63
CA GLU A 435 10.15 -36.68 -1.48
C GLU A 435 10.31 -35.19 -1.10
N VAL A 436 9.31 -34.64 -0.43
CA VAL A 436 9.21 -33.19 -0.21
C VAL A 436 10.00 -32.73 1.03
N ASP A 437 11.23 -32.28 0.83
CA ASP A 437 12.03 -31.63 1.90
C ASP A 437 11.74 -30.08 1.93
N ALA A 438 12.45 -29.34 2.79
CA ALA A 438 12.29 -27.86 2.89
C ALA A 438 12.62 -27.13 1.57
N ARG A 439 13.70 -27.58 0.91
CA ARG A 439 14.14 -27.05 -0.39
C ARG A 439 13.03 -27.16 -1.44
N VAL A 440 12.33 -28.29 -1.44
CA VAL A 440 11.16 -28.51 -2.30
C VAL A 440 10.06 -27.47 -1.99
N VAL A 441 9.70 -27.35 -0.71
CA VAL A 441 8.61 -26.44 -0.27
C VAL A 441 8.84 -25.00 -0.73
N ARG A 442 10.02 -24.43 -0.39
CA ARG A 442 10.36 -23.05 -0.78
C ARG A 442 10.55 -22.78 -2.27
N GLU A 443 10.96 -23.80 -3.02
CA GLU A 443 11.06 -23.71 -4.49
C GLU A 443 9.67 -23.72 -5.15
N VAL A 444 8.85 -24.70 -4.74
CA VAL A 444 7.49 -24.90 -5.26
C VAL A 444 6.58 -23.75 -4.82
N CYS A 445 6.70 -23.31 -3.56
CA CYS A 445 5.97 -22.14 -3.06
C CYS A 445 6.31 -20.87 -3.85
N SER A 446 7.62 -20.66 -4.10
CA SER A 446 8.09 -19.51 -4.87
C SER A 446 7.55 -19.48 -6.31
N LYS A 447 7.58 -20.64 -6.97
CA LYS A 447 7.01 -20.83 -8.31
C LYS A 447 5.57 -20.26 -8.43
N TYR A 448 4.75 -20.47 -7.39
CA TYR A 448 3.33 -20.09 -7.40
C TYR A 448 2.98 -18.85 -6.56
N PHE A 449 3.57 -18.73 -5.36
CA PHE A 449 3.26 -17.62 -4.43
C PHE A 449 4.11 -16.37 -4.64
N TYR A 450 5.44 -16.52 -4.66
CA TYR A 450 6.36 -15.35 -4.70
C TYR A 450 6.17 -14.42 -5.87
N ASP A 451 5.94 -13.15 -5.52
CA ASP A 451 5.77 -12.02 -6.44
C ASP A 451 4.77 -12.31 -7.57
N GLN A 452 3.57 -12.69 -7.16
CA GLN A 452 2.47 -12.97 -8.08
C GLN A 452 1.24 -12.13 -7.77
N CYS A 453 0.39 -11.92 -8.77
CA CYS A 453 -0.85 -11.20 -8.58
C CYS A 453 -1.97 -12.14 -8.08
N PRO A 454 -2.49 -11.87 -6.86
CA PRO A 454 -3.59 -12.67 -6.30
C PRO A 454 -4.94 -12.27 -6.85
N ALA A 455 -5.87 -13.20 -6.78
CA ALA A 455 -7.28 -12.93 -6.97
C ALA A 455 -7.87 -12.77 -5.57
N VAL A 456 -8.51 -11.62 -5.33
CA VAL A 456 -9.02 -11.29 -3.99
C VAL A 456 -10.52 -11.13 -4.04
N ALA A 457 -11.22 -11.88 -3.18
CA ALA A 457 -12.68 -11.77 -3.05
C ALA A 457 -13.03 -11.40 -1.63
N GLY A 458 -13.78 -10.31 -1.50
CA GLY A 458 -14.17 -9.76 -0.20
C GLY A 458 -15.65 -9.51 -0.08
N PHE A 459 -16.21 -9.86 1.07
CA PHE A 459 -17.65 -9.72 1.33
C PHE A 459 -17.89 -9.36 2.79
N GLY A 460 -18.83 -8.45 3.02
CA GLY A 460 -19.22 -8.06 4.35
C GLY A 460 -18.63 -6.73 4.78
N PRO A 461 -18.36 -6.55 6.08
CA PRO A 461 -17.81 -5.31 6.60
C PRO A 461 -16.32 -5.15 6.25
N ILE A 462 -16.06 -4.73 5.01
CA ILE A 462 -14.72 -4.80 4.42
C ILE A 462 -13.98 -3.45 4.21
N GLU A 463 -14.35 -2.43 5.00
CA GLU A 463 -13.65 -1.13 5.02
C GLU A 463 -12.16 -1.27 5.36
N GLN A 464 -11.83 -2.19 6.26
CA GLN A 464 -10.44 -2.41 6.63
C GLN A 464 -9.68 -3.38 5.72
N LEU A 465 -10.35 -3.96 4.72
CA LEU A 465 -9.69 -4.85 3.78
C LEU A 465 -8.67 -4.06 2.97
N PRO A 466 -7.41 -4.53 2.97
CA PRO A 466 -6.33 -3.82 2.29
C PRO A 466 -6.62 -3.49 0.82
N ASP A 467 -6.07 -2.36 0.39
CA ASP A 467 -6.09 -1.95 -1.00
C ASP A 467 -5.28 -2.96 -1.82
N TYR A 468 -5.74 -3.24 -3.04
CA TYR A 468 -5.10 -4.29 -3.88
C TYR A 468 -3.58 -4.16 -4.00
N ASN A 469 -3.11 -2.93 -4.21
CA ASN A 469 -1.68 -2.63 -4.29
C ASN A 469 -0.89 -3.10 -3.08
N ARG A 470 -1.51 -2.95 -1.91
CA ARG A 470 -0.90 -3.34 -0.64
C ARG A 470 -0.86 -4.85 -0.46
N ILE A 471 -1.93 -5.52 -0.91
CA ILE A 471 -1.99 -6.98 -0.97
C ILE A 471 -0.87 -7.49 -1.93
N ARG A 472 -0.78 -6.85 -3.11
CA ARG A 472 0.24 -7.14 -4.14
C ARG A 472 1.65 -6.96 -3.59
N SER A 473 1.82 -5.94 -2.73
CA SER A 473 3.08 -5.64 -2.06
C SER A 473 3.46 -6.71 -1.03
N GLY A 474 2.46 -7.29 -0.37
CA GLY A 474 2.69 -8.39 0.57
C GLY A 474 3.04 -9.72 -0.10
N MET A 475 3.01 -9.75 -1.42
CA MET A 475 3.37 -10.94 -2.21
C MET A 475 4.88 -11.04 -2.48
N PHE A 476 5.64 -10.04 -2.04
CA PHE A 476 7.10 -10.09 -2.04
C PHE A 476 7.71 -9.48 -0.77
N TRP A 477 8.94 -9.89 -0.47
CA TRP A 477 9.71 -9.33 0.64
C TRP A 477 10.89 -8.52 0.11
N LEU A 478 10.99 -7.29 0.60
CA LEU A 478 12.13 -6.40 0.30
C LEU A 478 13.45 -6.94 0.90
N ARG A 479 13.34 -7.73 1.99
CA ARG A 479 14.52 -8.33 2.65
C ARG A 479 15.19 -9.42 1.83
N PHE A 480 14.40 -10.14 1.02
CA PHE A 480 14.89 -11.29 0.26
C PHE A 480 15.58 -10.90 -1.04
N ALA B 29 -4.57 -61.73 -8.38
CA ALA B 29 -5.98 -61.22 -8.33
C ALA B 29 -6.15 -60.05 -7.33
N GLY B 30 -7.08 -59.13 -7.64
CA GLY B 30 -7.34 -57.93 -6.83
C GLY B 30 -8.15 -58.11 -5.54
N VAL B 31 -8.00 -59.29 -4.91
CA VAL B 31 -8.66 -59.69 -3.64
C VAL B 31 -7.95 -59.08 -2.39
N PRO B 32 -8.70 -58.80 -1.29
CA PRO B 32 -8.07 -58.28 -0.05
C PRO B 32 -7.54 -59.43 0.86
N PRO B 33 -6.72 -59.12 1.89
CA PRO B 33 -6.37 -60.12 2.92
C PRO B 33 -7.62 -60.53 3.73
N HIS B 34 -7.70 -61.82 4.11
CA HIS B 34 -8.82 -62.34 4.94
C HIS B 34 -8.95 -61.55 6.28
N PRO B 35 -10.17 -61.01 6.56
CA PRO B 35 -10.36 -60.09 7.69
C PRO B 35 -10.22 -60.75 9.06
N GLN B 36 -9.44 -60.12 9.94
CA GLN B 36 -9.25 -60.58 11.32
C GLN B 36 -10.53 -60.31 12.15
N ASP B 37 -10.67 -61.04 13.25
CA ASP B 37 -11.80 -60.89 14.17
C ASP B 37 -11.45 -59.96 15.32
N LEU B 38 -12.49 -59.33 15.88
CA LEU B 38 -12.35 -58.48 17.06
C LEU B 38 -11.97 -59.33 18.25
N GLU B 39 -11.02 -58.82 19.05
CA GLU B 39 -10.57 -59.47 20.27
C GLU B 39 -11.13 -58.70 21.46
N PHE B 40 -11.91 -59.40 22.29
CA PHE B 40 -12.61 -58.79 23.43
C PHE B 40 -12.17 -59.42 24.74
N THR B 41 -11.94 -58.58 25.75
CA THR B 41 -11.46 -59.05 27.07
C THR B 41 -12.01 -58.22 28.21
N ARG B 42 -12.69 -58.89 29.14
CA ARG B 42 -13.18 -58.27 30.36
C ARG B 42 -12.14 -58.54 31.43
N LEU B 43 -11.52 -57.48 31.92
CA LEU B 43 -10.59 -57.60 33.04
C LEU B 43 -11.38 -57.83 34.34
N PRO B 44 -10.79 -58.59 35.31
CA PRO B 44 -11.47 -58.85 36.59
C PRO B 44 -11.90 -57.59 37.37
N ASN B 45 -11.21 -56.45 37.16
CA ASN B 45 -11.58 -55.14 37.81
C ASN B 45 -12.77 -54.39 37.18
N GLY B 46 -13.36 -54.99 36.14
CA GLY B 46 -14.49 -54.41 35.42
C GLY B 46 -14.17 -53.81 34.05
N LEU B 47 -12.90 -53.43 33.82
CA LEU B 47 -12.46 -52.78 32.58
C LEU B 47 -12.52 -53.66 31.35
N VAL B 48 -12.98 -53.09 30.24
CA VAL B 48 -13.12 -53.80 28.96
C VAL B 48 -12.02 -53.39 27.97
N ILE B 49 -11.46 -54.38 27.27
CA ILE B 49 -10.50 -54.16 26.18
C ILE B 49 -11.01 -54.82 24.90
N ALA B 50 -11.08 -54.03 23.83
CA ALA B 50 -11.45 -54.54 22.51
C ALA B 50 -10.52 -53.99 21.45
N SER B 51 -10.14 -54.85 20.52
CA SER B 51 -9.22 -54.47 19.44
C SER B 51 -9.50 -55.21 18.15
N LEU B 52 -9.20 -54.57 17.02
CA LEU B 52 -9.30 -55.17 15.69
C LEU B 52 -8.10 -54.77 14.86
N GLU B 53 -7.32 -55.78 14.44
CA GLU B 53 -6.21 -55.58 13.53
C GLU B 53 -6.73 -55.62 12.09
N ASN B 54 -7.08 -54.43 11.60
CA ASN B 54 -7.65 -54.24 10.25
C ASN B 54 -6.58 -53.96 9.19
N TYR B 55 -5.32 -53.87 9.65
CA TYR B 55 -4.13 -53.63 8.81
C TYR B 55 -4.11 -52.26 8.08
N ALA B 56 -4.91 -51.32 8.60
CA ALA B 56 -5.06 -49.95 8.07
C ALA B 56 -3.76 -49.15 8.21
N PRO B 57 -3.48 -48.22 7.28
CA PRO B 57 -2.29 -47.36 7.39
C PRO B 57 -2.31 -46.49 8.64
N ALA B 58 -3.50 -46.07 9.10
CA ALA B 58 -3.67 -45.30 10.34
C ALA B 58 -4.29 -46.12 11.48
N SER B 59 -4.17 -45.60 12.70
CA SER B 59 -4.66 -46.22 13.92
C SER B 59 -5.64 -45.32 14.67
N ARG B 60 -6.52 -45.94 15.46
CA ARG B 60 -7.57 -45.26 16.20
C ARG B 60 -7.73 -45.94 17.55
N ILE B 61 -7.62 -45.15 18.62
CA ILE B 61 -7.78 -45.66 20.02
C ILE B 61 -8.76 -44.78 20.79
N GLY B 62 -9.75 -45.42 21.42
CA GLY B 62 -10.73 -44.72 22.21
C GLY B 62 -10.85 -45.24 23.61
N LEU B 63 -10.80 -44.32 24.58
CA LEU B 63 -11.15 -44.62 25.95
C LEU B 63 -12.57 -44.10 26.20
N PHE B 64 -13.49 -45.03 26.34
CA PHE B 64 -14.89 -44.73 26.55
C PHE B 64 -15.20 -44.82 28.03
N ILE B 65 -15.80 -43.75 28.56
CA ILE B 65 -16.06 -43.62 29.99
C ILE B 65 -17.53 -43.35 30.27
N LYS B 66 -18.06 -44.08 31.26
CA LYS B 66 -19.38 -43.84 31.82
C LYS B 66 -19.31 -42.56 32.67
N ALA B 67 -19.14 -41.42 31.98
CA ALA B 67 -18.94 -40.12 32.61
C ALA B 67 -19.70 -38.98 31.93
N GLY B 68 -20.74 -39.32 31.18
CA GLY B 68 -21.55 -38.32 30.48
C GLY B 68 -22.28 -37.37 31.41
N SER B 69 -23.00 -36.41 30.82
CA SER B 69 -23.68 -35.32 31.56
C SER B 69 -24.63 -35.75 32.69
N ARG B 70 -25.22 -36.95 32.56
CA ARG B 70 -26.15 -37.52 33.56
C ARG B 70 -25.58 -37.81 34.97
N TYR B 71 -24.25 -37.75 35.11
CA TYR B 71 -23.61 -37.99 36.40
C TYR B 71 -23.29 -36.68 37.17
N GLU B 72 -23.69 -35.56 36.56
CA GLU B 72 -23.63 -34.25 37.19
C GLU B 72 -24.82 -34.13 38.10
N ASN B 73 -24.69 -33.36 39.16
CA ASN B 73 -25.81 -33.04 40.04
C ASN B 73 -25.98 -31.52 40.08
N SER B 74 -27.07 -31.06 40.70
CA SER B 74 -27.44 -29.65 40.72
C SER B 74 -26.35 -28.68 41.25
N ASN B 75 -25.47 -29.20 42.11
CA ASN B 75 -24.35 -28.42 42.64
C ASN B 75 -23.15 -28.27 41.70
N ASN B 76 -23.07 -29.12 40.67
CA ASN B 76 -21.93 -29.09 39.73
C ASN B 76 -22.26 -29.20 38.23
N LEU B 77 -23.41 -28.63 37.84
CA LEU B 77 -23.86 -28.65 36.42
C LEU B 77 -22.84 -27.99 35.46
N GLY B 78 -22.56 -28.70 34.36
CA GLY B 78 -21.63 -28.22 33.34
C GLY B 78 -20.19 -28.64 33.50
N THR B 79 -19.88 -29.37 34.59
CA THR B 79 -18.53 -29.84 34.89
C THR B 79 -18.02 -30.77 33.81
N SER B 80 -18.90 -31.58 33.24
CA SER B 80 -18.47 -32.53 32.20
C SER B 80 -18.31 -31.86 30.84
N HIS B 81 -18.84 -30.63 30.70
CA HIS B 81 -18.66 -29.83 29.49
C HIS B 81 -17.28 -29.18 29.52
N LEU B 82 -16.95 -28.53 30.64
CA LEU B 82 -15.61 -27.96 30.81
C LEU B 82 -14.52 -29.01 30.67
N LEU B 83 -14.79 -30.21 31.21
CA LEU B 83 -13.89 -31.35 31.12
C LEU B 83 -13.71 -31.77 29.68
N ARG B 84 -14.80 -31.75 28.91
CA ARG B 84 -14.75 -32.08 27.49
C ARG B 84 -13.83 -31.11 26.79
N LEU B 85 -13.90 -29.83 27.16
CA LEU B 85 -13.05 -28.80 26.57
C LEU B 85 -11.59 -28.84 27.09
N ALA B 86 -11.33 -29.59 28.16
CA ALA B 86 -10.05 -29.53 28.88
C ALA B 86 -8.98 -30.56 28.47
N SER B 87 -9.17 -31.26 27.35
CA SER B 87 -8.29 -32.37 26.97
C SER B 87 -6.85 -32.01 26.59
N SER B 88 -6.61 -30.71 26.44
CA SER B 88 -5.35 -30.17 25.96
C SER B 88 -4.55 -29.47 27.08
N LEU B 89 -5.11 -29.47 28.31
CA LEU B 89 -4.46 -28.83 29.46
C LEU B 89 -3.36 -29.70 30.08
N THR B 90 -2.43 -29.06 30.78
CA THR B 90 -1.27 -29.70 31.40
C THR B 90 -1.60 -30.96 32.18
N THR B 91 -0.85 -32.02 31.86
CA THR B 91 -0.89 -33.28 32.61
C THR B 91 0.48 -33.50 33.29
N LYS B 92 0.52 -34.51 34.18
CA LYS B 92 1.75 -34.83 34.94
C LYS B 92 2.89 -35.26 34.04
N GLY B 93 2.58 -36.06 33.02
CA GLY B 93 3.57 -36.54 32.07
C GLY B 93 3.77 -35.68 30.82
N ALA B 94 2.84 -34.76 30.54
CA ALA B 94 2.93 -33.87 29.37
C ALA B 94 2.28 -32.52 29.59
N SER B 95 3.05 -31.45 29.38
CA SER B 95 2.55 -30.06 29.46
C SER B 95 1.54 -29.79 28.36
N SER B 96 0.72 -28.75 28.57
CA SER B 96 -0.25 -28.28 27.58
C SER B 96 0.37 -28.11 26.18
N PHE B 97 1.52 -27.43 26.16
CA PHE B 97 2.30 -27.20 24.94
C PHE B 97 2.76 -28.52 24.27
N LYS B 98 3.22 -29.48 25.09
CA LYS B 98 3.69 -30.79 24.60
C LYS B 98 2.60 -31.62 23.93
N ILE B 99 1.40 -31.65 24.55
CA ILE B 99 0.27 -32.41 24.01
C ILE B 99 -0.10 -31.87 22.61
N THR B 100 -0.18 -30.55 22.49
CA THR B 100 -0.54 -29.88 21.23
C THR B 100 0.51 -30.14 20.16
N ARG B 101 1.76 -29.82 20.49
CA ARG B 101 2.88 -29.91 19.55
C ARG B 101 3.28 -31.31 19.15
N GLY B 102 3.25 -32.23 20.12
CA GLY B 102 3.65 -33.60 19.91
C GLY B 102 2.71 -34.36 19.02
N ILE B 103 1.40 -34.13 19.21
CA ILE B 103 0.34 -34.72 18.38
C ILE B 103 0.34 -34.15 16.95
N GLU B 104 0.53 -32.84 16.84
CA GLU B 104 0.56 -32.19 15.52
C GLU B 104 1.80 -32.56 14.72
N ALA B 105 2.91 -32.80 15.42
CA ALA B 105 4.19 -33.21 14.80
C ALA B 105 4.03 -34.46 13.96
N VAL B 106 3.17 -35.37 14.42
CA VAL B 106 2.87 -36.63 13.71
C VAL B 106 1.54 -36.60 12.92
N GLY B 107 0.90 -35.42 12.92
CA GLY B 107 -0.36 -35.18 12.21
C GLY B 107 -1.53 -35.87 12.86
N GLY B 108 -1.44 -36.10 14.17
CA GLY B 108 -2.48 -36.78 14.92
C GLY B 108 -3.65 -35.90 15.33
N LYS B 109 -4.71 -36.54 15.84
CA LYS B 109 -5.87 -35.84 16.41
C LYS B 109 -6.15 -36.38 17.82
N LEU B 110 -6.69 -35.51 18.67
CA LEU B 110 -7.21 -35.88 19.98
C LEU B 110 -8.55 -35.23 20.10
N SER B 111 -9.59 -36.05 20.21
CA SER B 111 -10.97 -35.57 20.30
C SER B 111 -11.70 -36.17 21.49
N VAL B 112 -12.52 -35.35 22.12
CA VAL B 112 -13.39 -35.84 23.18
C VAL B 112 -14.84 -35.62 22.87
N THR B 113 -15.55 -36.73 22.69
CA THR B 113 -16.94 -36.75 22.32
C THR B 113 -17.87 -37.24 23.42
N SER B 114 -18.52 -36.29 24.10
CA SER B 114 -19.52 -36.55 25.13
C SER B 114 -20.93 -36.82 24.53
N THR B 115 -21.68 -37.65 25.24
CA THR B 115 -23.12 -37.83 25.06
C THR B 115 -23.70 -37.69 26.47
N ARG B 116 -24.99 -38.00 26.64
CA ARG B 116 -25.63 -37.88 27.95
C ARG B 116 -25.16 -38.94 28.95
N GLU B 117 -24.58 -40.02 28.42
CA GLU B 117 -24.15 -41.16 29.24
C GLU B 117 -22.65 -41.36 29.21
N ASN B 118 -22.07 -41.12 28.03
CA ASN B 118 -20.69 -41.45 27.78
C ASN B 118 -19.79 -40.24 27.59
N MET B 119 -18.49 -40.46 27.84
CA MET B 119 -17.43 -39.57 27.40
C MET B 119 -16.39 -40.45 26.73
N ALA B 120 -16.03 -40.07 25.49
CA ALA B 120 -15.13 -40.82 24.66
C ALA B 120 -13.95 -39.97 24.24
N TYR B 121 -12.77 -40.41 24.64
CA TYR B 121 -11.54 -39.74 24.27
C TYR B 121 -10.92 -40.57 23.18
N THR B 122 -11.05 -40.08 21.95
CA THR B 122 -10.54 -40.77 20.78
C THR B 122 -9.28 -40.10 20.24
N VAL B 123 -8.26 -40.94 20.05
CA VAL B 123 -6.96 -40.54 19.55
C VAL B 123 -6.75 -41.20 18.17
N GLU B 124 -6.05 -40.50 17.28
CA GLU B 124 -5.93 -40.93 15.87
C GLU B 124 -4.62 -40.47 15.25
N CYS B 125 -3.90 -41.42 14.65
CA CYS B 125 -2.58 -41.19 14.01
C CYS B 125 -2.22 -42.39 13.10
N LEU B 126 -1.12 -42.26 12.34
CA LEU B 126 -0.56 -43.40 11.58
C LEU B 126 0.01 -44.44 12.54
N ARG B 127 0.03 -45.70 12.11
CA ARG B 127 0.34 -46.83 13.01
C ARG B 127 1.72 -46.86 13.69
N ASP B 128 2.71 -46.21 13.07
CA ASP B 128 4.06 -46.07 13.66
C ASP B 128 4.07 -45.16 14.89
N ASP B 129 3.04 -44.33 15.02
CA ASP B 129 2.99 -43.29 16.06
C ASP B 129 2.05 -43.56 17.25
N VAL B 130 1.41 -44.76 17.29
CA VAL B 130 0.49 -45.15 18.40
C VAL B 130 1.03 -44.87 19.81
N ASP B 131 2.28 -45.32 20.06
CA ASP B 131 2.93 -45.21 21.37
C ASP B 131 2.92 -43.78 21.95
N ILE B 132 3.26 -42.81 21.10
CA ILE B 132 3.25 -41.38 21.47
C ILE B 132 1.82 -40.91 21.85
N LEU B 133 0.84 -41.29 21.02
CA LEU B 133 -0.55 -40.87 21.20
C LEU B 133 -1.27 -41.56 22.34
N MET B 134 -0.89 -42.81 22.60
CA MET B 134 -1.33 -43.57 23.76
C MET B 134 -0.90 -42.88 25.05
N GLU B 135 0.38 -42.49 25.12
CA GLU B 135 0.95 -41.80 26.28
C GLU B 135 0.22 -40.50 26.54
N PHE B 136 -0.08 -39.77 25.46
CA PHE B 136 -0.84 -38.53 25.55
C PHE B 136 -2.24 -38.85 26.03
N LEU B 137 -2.85 -39.90 25.45
CA LEU B 137 -4.20 -40.33 25.80
C LEU B 137 -4.31 -40.67 27.28
N LEU B 138 -3.31 -41.42 27.79
CA LEU B 138 -3.31 -41.86 29.18
C LEU B 138 -3.13 -40.73 30.15
N ASN B 139 -2.29 -39.78 29.77
CA ASN B 139 -2.06 -38.58 30.56
C ASN B 139 -3.31 -37.69 30.74
N VAL B 140 -3.98 -37.40 29.61
CA VAL B 140 -5.20 -36.60 29.55
C VAL B 140 -6.33 -37.14 30.44
N THR B 141 -6.44 -38.47 30.47
CA THR B 141 -7.53 -39.16 31.16
C THR B 141 -7.19 -39.61 32.57
N THR B 142 -5.93 -39.94 32.82
CA THR B 142 -5.54 -40.52 34.12
C THR B 142 -4.60 -39.69 34.98
N ALA B 143 -3.96 -38.69 34.38
CA ALA B 143 -3.12 -37.74 35.13
C ALA B 143 -3.27 -36.24 34.76
N PRO B 144 -4.52 -35.71 34.57
CA PRO B 144 -4.70 -34.27 34.35
C PRO B 144 -4.41 -33.50 35.62
N GLU B 145 -3.94 -32.28 35.47
CA GLU B 145 -3.58 -31.45 36.62
C GLU B 145 -4.62 -30.38 36.97
N PHE B 146 -5.44 -29.99 35.97
CA PHE B 146 -6.44 -28.89 36.07
C PHE B 146 -5.88 -27.71 36.86
N ARG B 147 -4.81 -27.13 36.32
CA ARG B 147 -4.15 -25.99 36.92
C ARG B 147 -5.08 -24.78 37.02
N ARG B 148 -5.17 -24.22 38.22
CA ARG B 148 -5.98 -23.04 38.57
C ARG B 148 -6.10 -21.99 37.44
N TRP B 149 -4.95 -21.53 36.95
CA TRP B 149 -4.87 -20.48 35.91
C TRP B 149 -5.25 -20.98 34.52
N GLU B 150 -4.93 -22.26 34.25
CA GLU B 150 -5.23 -22.90 32.97
C GLU B 150 -6.72 -23.09 32.82
N VAL B 151 -7.37 -23.49 33.92
CA VAL B 151 -8.83 -23.71 33.99
C VAL B 151 -9.60 -22.37 33.88
N ALA B 152 -9.12 -21.34 34.61
CA ALA B 152 -9.66 -19.97 34.52
C ALA B 152 -9.61 -19.39 33.09
N ALA B 153 -8.50 -19.67 32.38
CA ALA B 153 -8.28 -19.24 30.99
C ALA B 153 -9.19 -19.91 29.99
N LEU B 154 -9.69 -21.10 30.36
CA LEU B 154 -10.52 -21.91 29.47
C LEU B 154 -12.04 -21.67 29.61
N GLN B 155 -12.48 -21.15 30.77
CA GLN B 155 -13.92 -20.86 31.04
C GLN B 155 -14.67 -20.14 29.88
N PRO B 156 -14.11 -19.02 29.32
CA PRO B 156 -14.73 -18.35 28.17
C PRO B 156 -15.02 -19.25 26.98
N GLN B 157 -14.34 -20.39 26.86
CA GLN B 157 -14.61 -21.34 25.78
C GLN B 157 -15.97 -22.03 25.89
N LEU B 158 -16.52 -22.12 27.12
CA LEU B 158 -17.85 -22.72 27.34
C LEU B 158 -18.95 -21.87 26.64
N ARG B 159 -18.79 -20.55 26.72
CA ARG B 159 -19.66 -19.60 26.06
C ARG B 159 -19.54 -19.71 24.52
N ILE B 160 -18.30 -19.77 24.02
CA ILE B 160 -18.03 -19.89 22.58
C ILE B 160 -18.59 -21.21 22.06
N ASP B 161 -18.21 -22.31 22.75
CA ASP B 161 -18.60 -23.67 22.43
C ASP B 161 -20.12 -23.89 22.38
N LYS B 162 -20.82 -23.40 23.42
CA LYS B 162 -22.27 -23.44 23.50
C LYS B 162 -22.93 -22.61 22.37
N ALA B 163 -22.47 -21.36 22.19
CA ALA B 163 -23.03 -20.44 21.17
C ALA B 163 -23.04 -21.05 19.77
N VAL B 164 -21.95 -21.73 19.45
CA VAL B 164 -21.73 -22.39 18.16
C VAL B 164 -22.66 -23.63 18.00
N ALA B 165 -22.79 -24.42 19.06
CA ALA B 165 -23.76 -25.54 19.05
C ALA B 165 -25.22 -25.06 19.01
N LEU B 166 -25.56 -24.08 19.86
CA LEU B 166 -26.91 -23.58 20.03
C LEU B 166 -27.46 -22.75 18.87
N GLN B 167 -26.63 -22.56 17.84
CA GLN B 167 -27.10 -21.94 16.62
C GLN B 167 -27.78 -22.92 15.65
N ASN B 168 -27.92 -24.16 16.12
CA ASN B 168 -28.84 -25.14 15.54
C ASN B 168 -30.09 -25.14 16.45
N PRO B 169 -31.26 -24.74 15.92
CA PRO B 169 -32.48 -24.68 16.73
C PRO B 169 -32.81 -26.04 17.37
N GLN B 170 -32.38 -27.12 16.71
CA GLN B 170 -32.51 -28.49 17.16
C GLN B 170 -31.82 -28.77 18.47
N ALA B 171 -30.63 -28.20 18.65
CA ALA B 171 -29.84 -28.39 19.86
C ALA B 171 -30.61 -27.99 21.11
N HIS B 172 -31.10 -26.74 21.16
CA HIS B 172 -31.87 -26.23 22.31
C HIS B 172 -33.18 -26.97 22.54
N VAL B 173 -33.83 -27.40 21.45
CA VAL B 173 -35.06 -28.22 21.52
C VAL B 173 -34.77 -29.56 22.22
N ILE B 174 -33.76 -30.29 21.75
CA ILE B 174 -33.41 -31.62 22.30
C ILE B 174 -32.85 -31.51 23.73
N GLU B 175 -32.27 -30.35 24.04
CA GLU B 175 -31.85 -29.97 25.40
C GLU B 175 -33.08 -29.73 26.28
N ASN B 176 -34.06 -28.96 25.77
CA ASN B 176 -35.31 -28.71 26.48
C ASN B 176 -36.17 -29.96 26.60
N LEU B 177 -36.08 -30.85 25.59
CA LEU B 177 -36.82 -32.13 25.55
C LEU B 177 -36.43 -33.01 26.72
N HIS B 178 -35.13 -33.06 26.97
CA HIS B 178 -34.58 -33.88 28.04
C HIS B 178 -34.82 -33.30 29.42
N ALA B 179 -34.77 -31.97 29.52
CA ALA B 179 -35.09 -31.25 30.77
C ALA B 179 -36.58 -31.36 31.16
N ALA B 180 -37.46 -31.47 30.15
CA ALA B 180 -38.90 -31.64 30.35
C ALA B 180 -39.24 -33.08 30.69
N ALA B 181 -38.57 -34.03 30.03
CA ALA B 181 -38.86 -35.46 30.20
C ALA B 181 -38.49 -35.98 31.56
N TYR B 182 -37.25 -35.71 31.99
CA TYR B 182 -36.72 -36.29 33.21
C TYR B 182 -36.58 -35.29 34.31
N ARG B 183 -36.71 -35.76 35.54
CA ARG B 183 -36.55 -34.91 36.73
C ARG B 183 -35.15 -34.98 37.27
N ASN B 184 -34.33 -35.82 36.63
CA ASN B 184 -33.24 -36.47 37.27
C ASN B 184 -31.88 -36.26 36.60
N ALA B 185 -31.42 -37.28 35.87
CA ALA B 185 -30.05 -37.36 35.39
C ALA B 185 -29.98 -37.02 33.93
N LEU B 186 -30.82 -37.66 33.11
CA LEU B 186 -30.86 -37.43 31.67
C LEU B 186 -31.46 -36.04 31.32
N ALA B 187 -32.06 -35.42 32.34
CA ALA B 187 -32.54 -34.05 32.32
C ALA B 187 -31.39 -33.06 32.17
N ASN B 188 -30.19 -33.49 32.61
CA ASN B 188 -28.98 -32.68 32.52
C ASN B 188 -28.69 -32.22 31.10
N SER B 189 -27.88 -31.20 31.08
CA SER B 189 -27.91 -30.19 30.09
C SER B 189 -26.89 -30.26 28.97
N LEU B 190 -25.96 -31.23 28.97
CA LEU B 190 -24.89 -31.41 27.91
C LEU B 190 -23.92 -30.22 27.62
N TYR B 191 -24.49 -29.03 27.50
CA TYR B 191 -23.73 -27.81 27.50
C TYR B 191 -23.94 -27.15 28.85
N CYS B 192 -22.86 -26.57 29.38
CA CYS B 192 -22.85 -25.92 30.68
C CYS B 192 -23.91 -24.80 30.78
N PRO B 193 -24.74 -24.81 31.85
CA PRO B 193 -25.67 -23.68 32.13
C PRO B 193 -24.92 -22.36 32.25
N ASP B 194 -25.48 -21.30 31.66
CA ASP B 194 -24.86 -19.96 31.66
C ASP B 194 -24.38 -19.47 33.00
N TYR B 195 -25.16 -19.72 34.05
CA TYR B 195 -24.83 -19.27 35.41
C TYR B 195 -23.58 -19.97 36.00
N ARG B 196 -23.26 -21.14 35.44
CA ARG B 196 -22.11 -21.93 35.83
C ARG B 196 -20.86 -21.63 34.99
N ILE B 197 -21.01 -20.81 33.93
CA ILE B 197 -19.86 -20.43 33.11
C ILE B 197 -19.00 -19.47 33.91
N GLY B 198 -17.73 -19.83 34.04
CA GLY B 198 -16.80 -19.09 34.88
C GLY B 198 -16.84 -19.55 36.31
N LYS B 199 -17.71 -20.51 36.64
CA LYS B 199 -17.93 -20.96 38.03
C LYS B 199 -17.48 -22.39 38.37
N VAL B 200 -17.31 -23.23 37.33
CA VAL B 200 -16.81 -24.59 37.51
C VAL B 200 -15.35 -24.58 37.89
N THR B 201 -15.09 -25.19 39.06
CA THR B 201 -13.76 -25.11 39.72
C THR B 201 -12.83 -26.27 39.34
N PRO B 202 -11.50 -26.03 39.43
CA PRO B 202 -10.51 -27.11 39.31
C PRO B 202 -10.81 -28.34 40.17
N VAL B 203 -11.19 -28.13 41.45
CA VAL B 203 -11.58 -29.24 42.37
C VAL B 203 -12.77 -30.08 41.83
N GLU B 204 -13.76 -29.39 41.22
CA GLU B 204 -14.94 -30.05 40.63
C GLU B 204 -14.54 -30.98 39.48
N LEU B 205 -13.56 -30.56 38.69
CA LEU B 205 -13.02 -31.39 37.62
C LEU B 205 -12.20 -32.55 38.18
N HIS B 206 -11.45 -32.27 39.24
CA HIS B 206 -10.68 -33.29 39.95
C HIS B 206 -11.59 -34.36 40.55
N ASP B 207 -12.71 -33.92 41.12
CA ASP B 207 -13.69 -34.80 41.72
C ASP B 207 -14.46 -35.57 40.68
N TYR B 208 -14.69 -34.94 39.52
CA TYR B 208 -15.40 -35.61 38.43
C TYR B 208 -14.59 -36.73 37.83
N VAL B 209 -13.28 -36.54 37.73
CA VAL B 209 -12.38 -37.53 37.14
C VAL B 209 -12.14 -38.67 38.11
N GLN B 210 -11.91 -38.31 39.38
CA GLN B 210 -11.61 -39.29 40.44
C GLN B 210 -12.74 -40.29 40.65
N ASN B 211 -13.99 -39.81 40.55
CA ASN B 211 -15.13 -40.70 40.73
C ASN B 211 -15.95 -41.18 39.52
N HIS B 212 -15.51 -40.80 38.32
CA HIS B 212 -16.11 -41.33 37.09
C HIS B 212 -15.13 -42.01 36.13
N PHE B 213 -13.85 -41.58 36.15
CA PHE B 213 -12.83 -42.14 35.26
C PHE B 213 -12.13 -43.33 35.94
N THR B 214 -12.93 -44.35 36.27
CA THR B 214 -12.44 -45.58 36.95
C THR B 214 -12.60 -46.83 36.07
N SER B 215 -11.81 -47.87 36.38
CA SER B 215 -11.75 -49.13 35.62
C SER B 215 -13.12 -49.74 35.26
N ALA B 216 -13.99 -49.86 36.26
CA ALA B 216 -15.32 -50.47 36.09
C ALA B 216 -16.30 -49.64 35.26
N ARG B 217 -15.93 -48.37 35.01
CA ARG B 217 -16.71 -47.42 34.20
C ARG B 217 -16.04 -47.18 32.86
N MET B 218 -14.97 -47.91 32.57
CA MET B 218 -14.15 -47.63 31.39
C MET B 218 -14.07 -48.79 30.42
N ALA B 219 -13.74 -48.45 29.15
CA ALA B 219 -13.42 -49.43 28.10
C ALA B 219 -12.38 -48.85 27.15
N LEU B 220 -11.34 -49.64 26.85
CA LEU B 220 -10.25 -49.24 25.93
C LEU B 220 -10.41 -49.97 24.61
N ILE B 221 -10.65 -49.21 23.55
CA ILE B 221 -10.90 -49.78 22.21
C ILE B 221 -9.80 -49.37 21.27
N GLY B 222 -9.27 -50.36 20.55
CA GLY B 222 -8.15 -50.18 19.63
C GLY B 222 -8.44 -50.61 18.21
N LEU B 223 -7.91 -49.85 17.27
CA LEU B 223 -7.98 -50.15 15.85
C LEU B 223 -6.65 -49.91 15.20
N GLY B 224 -6.14 -50.94 14.54
CA GLY B 224 -4.77 -50.94 14.04
C GLY B 224 -3.77 -51.12 15.17
N VAL B 225 -4.21 -51.77 16.27
CA VAL B 225 -3.36 -52.12 17.44
C VAL B 225 -3.57 -53.62 17.79
N SER B 226 -2.49 -54.27 18.25
CA SER B 226 -2.55 -55.67 18.69
C SER B 226 -3.07 -55.77 20.14
N HIS B 227 -3.92 -56.79 20.38
CA HIS B 227 -4.55 -57.01 21.69
C HIS B 227 -3.59 -57.09 22.89
N PRO B 228 -2.50 -57.88 22.82
CA PRO B 228 -1.47 -57.88 23.89
C PRO B 228 -0.95 -56.49 24.29
N VAL B 229 -0.90 -55.54 23.35
CA VAL B 229 -0.43 -54.17 23.61
C VAL B 229 -1.51 -53.37 24.37
N LEU B 230 -2.76 -53.45 23.89
CA LEU B 230 -3.91 -52.78 24.52
C LEU B 230 -4.21 -53.34 25.91
N LYS B 231 -4.10 -54.68 26.04
CA LYS B 231 -4.24 -55.39 27.33
C LYS B 231 -3.11 -55.00 28.28
N GLN B 232 -1.89 -54.83 27.74
CA GLN B 232 -0.72 -54.39 28.52
C GLN B 232 -0.94 -53.01 29.15
N VAL B 233 -1.31 -52.01 28.32
CA VAL B 233 -1.50 -50.63 28.79
C VAL B 233 -2.66 -50.48 29.77
N ALA B 234 -3.71 -51.31 29.57
CA ALA B 234 -4.87 -51.34 30.45
C ALA B 234 -4.52 -51.89 31.84
N GLU B 235 -3.66 -52.92 31.85
CA GLU B 235 -3.22 -53.56 33.09
C GLU B 235 -2.16 -52.72 33.81
N GLN B 236 -1.47 -51.87 33.07
CA GLN B 236 -0.41 -51.00 33.60
C GLN B 236 -0.94 -49.63 34.07
N PHE B 237 -1.73 -48.98 33.21
CA PHE B 237 -2.11 -47.57 33.39
C PHE B 237 -3.61 -47.30 33.63
N LEU B 238 -4.46 -48.30 33.39
CA LEU B 238 -5.90 -48.10 33.52
C LEU B 238 -6.56 -48.82 34.71
N ASN B 239 -5.73 -49.35 35.60
CA ASN B 239 -6.23 -49.94 36.84
C ASN B 239 -6.46 -48.85 37.91
N ILE B 240 -7.68 -48.27 37.86
CA ILE B 240 -8.15 -47.17 38.74
C ILE B 240 -9.44 -47.61 39.45
N ARG B 241 -9.44 -47.53 40.78
CA ARG B 241 -10.64 -47.82 41.59
C ARG B 241 -11.19 -46.55 42.31
N GLY B 242 -12.04 -46.75 43.33
CA GLY B 242 -12.55 -45.69 44.21
C GLY B 242 -13.44 -44.63 43.57
N GLY B 243 -14.39 -45.07 42.74
CA GLY B 243 -15.36 -44.17 42.13
C GLY B 243 -16.77 -44.50 42.55
N LEU B 244 -17.73 -44.27 41.65
CA LEU B 244 -19.12 -44.64 41.87
C LEU B 244 -19.43 -46.02 41.20
N GLY B 245 -20.57 -46.62 41.55
CA GLY B 245 -20.86 -48.01 41.21
C GLY B 245 -21.64 -48.28 39.94
N LEU B 246 -22.96 -48.42 40.11
CA LEU B 246 -23.94 -48.68 39.01
C LEU B 246 -23.99 -47.55 37.95
N SER B 247 -24.93 -47.67 36.99
CA SER B 247 -25.15 -46.60 35.97
C SER B 247 -25.92 -45.38 36.59
N GLY B 248 -25.36 -44.86 37.71
CA GLY B 248 -25.88 -43.71 38.47
C GLY B 248 -27.24 -43.89 39.13
N ALA B 249 -27.80 -42.78 39.60
CA ALA B 249 -29.19 -42.74 40.10
C ALA B 249 -30.13 -43.00 38.92
N LYS B 250 -30.98 -44.03 39.06
CA LYS B 250 -31.92 -44.49 38.03
C LYS B 250 -32.75 -43.31 37.49
N ALA B 251 -32.57 -43.01 36.20
CA ALA B 251 -33.21 -41.86 35.53
C ALA B 251 -34.72 -41.91 35.59
N LYS B 252 -35.30 -41.03 36.39
CA LYS B 252 -36.73 -41.00 36.65
C LYS B 252 -37.49 -40.17 35.61
N TYR B 253 -38.33 -40.84 34.83
CA TYR B 253 -39.18 -40.15 33.84
C TYR B 253 -40.37 -39.46 34.51
N HIS B 254 -40.67 -38.26 34.03
CA HIS B 254 -41.60 -37.35 34.64
C HIS B 254 -42.60 -36.82 33.60
N GLY B 255 -42.10 -36.28 32.49
CA GLY B 255 -42.93 -35.69 31.47
C GLY B 255 -43.19 -34.23 31.79
N GLY B 256 -43.66 -33.50 30.78
CA GLY B 256 -43.87 -32.07 30.89
C GLY B 256 -43.51 -31.41 29.57
N GLU B 257 -43.55 -30.07 29.53
CA GLU B 257 -43.27 -29.33 28.29
C GLU B 257 -42.51 -28.04 28.49
N ILE B 258 -41.47 -27.84 27.68
CA ILE B 258 -40.71 -26.58 27.70
C ILE B 258 -40.94 -25.79 26.43
N ARG B 259 -41.27 -24.50 26.61
CA ARG B 259 -41.66 -23.61 25.50
C ARG B 259 -40.79 -22.38 25.41
N GLU B 260 -40.31 -22.10 24.20
CA GLU B 260 -39.36 -21.03 23.95
C GLU B 260 -39.85 -20.08 22.86
N GLN B 261 -40.44 -18.96 23.28
CA GLN B 261 -40.82 -17.87 22.37
C GLN B 261 -39.55 -17.28 21.78
N ASN B 262 -39.47 -17.34 20.46
CA ASN B 262 -38.22 -17.17 19.75
C ASN B 262 -38.20 -16.10 18.70
N GLY B 263 -39.27 -16.00 17.89
CA GLY B 263 -39.24 -15.23 16.65
C GLY B 263 -38.13 -15.76 15.74
N ASP B 264 -38.30 -17.00 15.26
CA ASP B 264 -37.24 -17.75 14.57
C ASP B 264 -37.71 -18.24 13.19
N SER B 265 -38.64 -17.48 12.58
CA SER B 265 -39.27 -17.79 11.26
C SER B 265 -40.09 -19.10 11.19
N LEU B 266 -39.43 -20.23 11.50
CA LEU B 266 -40.05 -21.57 11.56
C LEU B 266 -40.15 -22.05 13.01
N VAL B 267 -41.10 -22.96 13.27
CA VAL B 267 -41.28 -23.59 14.57
C VAL B 267 -40.72 -25.01 14.58
N HIS B 268 -39.76 -25.24 15.49
CA HIS B 268 -39.20 -26.56 15.74
C HIS B 268 -39.92 -27.12 16.93
N ALA B 269 -40.42 -28.36 16.79
CA ALA B 269 -41.16 -29.02 17.86
C ALA B 269 -40.88 -30.51 17.94
N ALA B 270 -40.77 -31.03 19.17
CA ALA B 270 -40.57 -32.46 19.41
C ALA B 270 -41.60 -33.03 20.39
N LEU B 271 -42.37 -34.02 19.90
CA LEU B 271 -43.29 -34.80 20.74
C LEU B 271 -42.64 -36.13 21.04
N VAL B 272 -42.72 -36.55 22.31
CA VAL B 272 -42.00 -37.73 22.79
C VAL B 272 -42.72 -38.39 23.99
N ALA B 273 -42.59 -39.71 24.10
CA ALA B 273 -42.99 -40.47 25.31
C ALA B 273 -41.89 -41.47 25.69
N GLU B 274 -41.98 -42.03 26.91
CA GLU B 274 -41.01 -43.02 27.36
C GLU B 274 -41.10 -44.29 26.56
N SER B 275 -39.95 -44.78 26.13
CA SER B 275 -39.88 -45.93 25.25
C SER B 275 -39.21 -47.15 25.91
N ALA B 276 -37.97 -47.44 25.51
CA ALA B 276 -37.24 -48.60 26.01
C ALA B 276 -35.78 -48.29 26.26
N ALA B 277 -35.19 -48.99 27.24
CA ALA B 277 -33.75 -48.90 27.49
C ALA B 277 -33.00 -49.66 26.41
N ILE B 278 -31.87 -49.11 25.97
CA ILE B 278 -30.99 -49.72 24.97
C ILE B 278 -30.60 -51.20 25.29
N GLY B 279 -30.56 -52.04 24.25
CA GLY B 279 -30.22 -53.45 24.41
C GLY B 279 -31.38 -54.42 24.54
N SER B 280 -32.47 -53.98 25.21
CA SER B 280 -33.72 -54.74 25.35
C SER B 280 -34.37 -55.04 24.00
N ALA B 281 -35.16 -56.13 23.94
CA ALA B 281 -35.93 -56.49 22.72
C ALA B 281 -36.89 -55.35 22.26
N GLU B 282 -37.51 -54.67 23.25
CA GLU B 282 -38.44 -53.57 23.00
C GLU B 282 -37.76 -52.40 22.32
N ALA B 283 -36.48 -52.17 22.64
CA ALA B 283 -35.69 -51.10 22.05
C ALA B 283 -35.59 -51.24 20.54
N ASN B 284 -35.34 -52.48 20.09
CA ASN B 284 -35.28 -52.85 18.68
C ASN B 284 -36.61 -52.61 17.95
N ALA B 285 -37.73 -52.88 18.63
CA ALA B 285 -39.08 -52.62 18.11
C ALA B 285 -39.31 -51.11 17.86
N PHE B 286 -38.79 -50.27 18.76
CA PHE B 286 -38.86 -48.83 18.62
C PHE B 286 -38.04 -48.30 17.45
N SER B 287 -36.88 -48.93 17.23
CA SER B 287 -36.01 -48.61 16.10
C SER B 287 -36.65 -48.97 14.74
N VAL B 288 -37.42 -50.06 14.70
CA VAL B 288 -38.17 -50.47 13.51
C VAL B 288 -39.34 -49.50 13.26
N LEU B 289 -40.02 -49.11 14.35
CA LEU B 289 -41.11 -48.13 14.29
C LEU B 289 -40.63 -46.78 13.79
N GLN B 290 -39.41 -46.39 14.22
CA GLN B 290 -38.74 -45.16 13.76
C GLN B 290 -38.54 -45.16 12.24
N HIS B 291 -38.22 -46.32 11.69
CA HIS B 291 -38.02 -46.45 10.26
C HIS B 291 -39.30 -46.67 9.47
N VAL B 292 -40.36 -47.09 10.17
CA VAL B 292 -41.69 -47.21 9.58
C VAL B 292 -42.23 -45.80 9.34
N LEU B 293 -42.16 -44.97 10.39
CA LEU B 293 -42.67 -43.62 10.34
C LEU B 293 -41.79 -42.72 9.49
N GLY B 294 -40.47 -42.88 9.64
CA GLY B 294 -39.51 -42.17 8.82
C GLY B 294 -38.49 -41.40 9.57
N ALA B 295 -37.23 -41.78 9.37
CA ALA B 295 -36.07 -41.07 9.88
C ALA B 295 -35.59 -40.13 8.76
N GLY B 296 -34.27 -40.02 8.58
CA GLY B 296 -33.70 -39.13 7.57
C GLY B 296 -34.13 -39.43 6.13
N PRO B 297 -33.82 -38.51 5.19
CA PRO B 297 -34.11 -38.73 3.76
C PRO B 297 -33.18 -39.81 3.16
N HIS B 298 -33.51 -40.32 1.98
CA HIS B 298 -32.70 -41.33 1.33
C HIS B 298 -32.24 -40.87 -0.05
N VAL B 299 -33.06 -40.04 -0.69
CA VAL B 299 -32.79 -39.52 -2.04
C VAL B 299 -32.58 -38.00 -1.95
N LYS B 300 -31.46 -37.53 -2.55
CA LYS B 300 -31.11 -36.10 -2.59
C LYS B 300 -32.19 -35.35 -3.34
N ARG B 301 -32.92 -34.52 -2.59
CA ARG B 301 -34.12 -33.83 -3.08
C ARG B 301 -35.22 -34.83 -3.47
N GLY B 302 -35.86 -35.39 -2.44
CA GLY B 302 -36.89 -36.40 -2.61
C GLY B 302 -38.16 -36.13 -1.84
N SER B 303 -39.27 -36.63 -2.37
CA SER B 303 -40.59 -36.49 -1.75
C SER B 303 -40.77 -37.40 -0.53
N ASN B 304 -39.82 -38.34 -0.36
CA ASN B 304 -39.84 -39.36 0.72
C ASN B 304 -41.12 -40.19 0.71
N ALA B 305 -41.33 -40.87 -0.43
CA ALA B 305 -42.53 -41.67 -0.71
C ALA B 305 -42.84 -42.75 0.32
N THR B 306 -41.80 -43.37 0.89
CA THR B 306 -41.97 -44.41 1.91
C THR B 306 -41.99 -43.86 3.34
N SER B 307 -41.85 -42.55 3.49
CA SER B 307 -41.93 -41.94 4.83
C SER B 307 -43.36 -41.65 5.26
N SER B 308 -43.87 -42.55 6.12
CA SER B 308 -45.23 -42.53 6.64
C SER B 308 -45.71 -41.20 7.22
N LEU B 309 -44.85 -40.57 8.04
CA LEU B 309 -45.16 -39.28 8.66
C LEU B 309 -45.16 -38.15 7.66
N TYR B 310 -44.17 -38.16 6.75
CA TYR B 310 -44.02 -37.11 5.75
C TYR B 310 -45.24 -37.04 4.82
N GLN B 311 -45.69 -38.20 4.34
CA GLN B 311 -46.87 -38.30 3.47
C GLN B 311 -48.14 -37.89 4.17
N ALA B 312 -48.24 -38.22 5.45
CA ALA B 312 -49.40 -37.88 6.29
C ALA B 312 -49.56 -36.38 6.51
N VAL B 313 -48.43 -35.69 6.72
CA VAL B 313 -48.42 -34.23 6.87
C VAL B 313 -48.70 -33.53 5.51
N ALA B 314 -47.95 -33.94 4.47
CA ALA B 314 -48.02 -33.37 3.10
C ALA B 314 -49.42 -33.38 2.44
N LYS B 315 -50.21 -34.40 2.81
CA LYS B 315 -51.63 -34.52 2.44
C LYS B 315 -52.41 -33.26 2.91
N GLY B 316 -52.14 -32.82 4.15
CA GLY B 316 -52.80 -31.67 4.75
C GLY B 316 -52.03 -30.35 4.73
N VAL B 317 -50.70 -30.41 4.50
CA VAL B 317 -49.82 -29.21 4.54
C VAL B 317 -49.07 -29.01 3.20
N HIS B 318 -49.11 -27.77 2.69
CA HIS B 318 -48.58 -27.42 1.35
C HIS B 318 -47.36 -26.48 1.35
N GLN B 319 -47.09 -25.86 2.49
CA GLN B 319 -45.93 -24.95 2.68
C GLN B 319 -44.63 -25.79 2.90
N PRO B 320 -43.45 -25.15 3.05
CA PRO B 320 -42.26 -25.86 3.56
C PRO B 320 -42.48 -26.48 4.95
N PHE B 321 -42.22 -27.77 5.06
CA PHE B 321 -42.19 -28.49 6.34
C PHE B 321 -41.17 -29.64 6.36
N ASP B 322 -40.87 -30.10 7.57
CA ASP B 322 -40.18 -31.36 7.79
C ASP B 322 -40.73 -32.09 9.00
N VAL B 323 -40.69 -33.42 8.93
CA VAL B 323 -41.09 -34.31 10.02
C VAL B 323 -40.26 -35.58 10.02
N SER B 324 -39.80 -35.96 11.21
CA SER B 324 -39.06 -37.21 11.39
C SER B 324 -39.33 -37.87 12.73
N ALA B 325 -39.28 -39.21 12.73
CA ALA B 325 -39.39 -40.00 13.95
C ALA B 325 -38.10 -39.84 14.74
N PHE B 326 -38.26 -39.42 16.01
CA PHE B 326 -37.15 -39.26 16.93
C PHE B 326 -37.00 -40.50 17.81
N ASN B 327 -35.79 -41.04 17.87
CA ASN B 327 -35.53 -42.22 18.70
C ASN B 327 -34.27 -42.11 19.51
N ALA B 328 -34.44 -41.99 20.83
CA ALA B 328 -33.31 -41.87 21.77
C ALA B 328 -33.35 -42.97 22.78
N SER B 329 -32.27 -43.75 22.83
CA SER B 329 -32.16 -44.81 23.81
C SER B 329 -31.01 -44.64 24.76
N TYR B 330 -31.29 -44.88 26.02
CA TYR B 330 -30.32 -44.74 27.10
C TYR B 330 -30.20 -46.02 27.91
N SER B 331 -29.36 -46.00 28.96
CA SER B 331 -29.07 -47.18 29.78
C SER B 331 -30.27 -47.68 30.59
N ASP B 332 -31.14 -46.77 31.02
CA ASP B 332 -32.23 -47.09 31.95
C ASP B 332 -33.57 -46.46 31.57
N SER B 333 -33.60 -45.85 30.37
CA SER B 333 -34.79 -45.19 29.83
C SER B 333 -34.67 -45.00 28.31
N GLY B 334 -35.71 -44.39 27.73
CA GLY B 334 -35.69 -44.02 26.33
C GLY B 334 -36.71 -42.96 26.04
N LEU B 335 -36.52 -42.26 24.93
CA LEU B 335 -37.51 -41.30 24.41
C LEU B 335 -37.79 -41.57 22.95
N PHE B 336 -39.04 -41.94 22.66
CA PHE B 336 -39.50 -42.04 21.26
C PHE B 336 -40.66 -41.10 20.96
N GLY B 337 -40.63 -40.54 19.76
CA GLY B 337 -41.73 -39.79 19.19
C GLY B 337 -41.33 -39.18 17.86
N PHE B 338 -41.69 -37.92 17.65
CA PHE B 338 -41.36 -37.25 16.42
C PHE B 338 -40.90 -35.81 16.56
N TYR B 339 -40.23 -35.32 15.52
CA TYR B 339 -39.70 -33.97 15.46
C TYR B 339 -40.24 -33.28 14.19
N THR B 340 -40.71 -32.03 14.36
CA THR B 340 -41.29 -31.25 13.27
C THR B 340 -40.60 -29.89 13.08
N ILE B 341 -40.40 -29.51 11.81
CA ILE B 341 -40.05 -28.14 11.43
C ILE B 341 -41.17 -27.65 10.52
N SER B 342 -41.80 -26.54 10.90
CA SER B 342 -42.91 -25.99 10.14
C SER B 342 -43.03 -24.50 10.31
N GLN B 343 -43.71 -23.85 9.36
CA GLN B 343 -44.13 -22.44 9.47
C GLN B 343 -44.95 -22.26 10.74
N ALA B 344 -44.76 -21.13 11.43
CA ALA B 344 -45.42 -20.84 12.70
C ALA B 344 -46.93 -21.14 12.76
N ALA B 345 -47.66 -20.69 11.73
CA ALA B 345 -49.12 -20.94 11.61
C ALA B 345 -49.46 -22.43 11.36
N SER B 346 -48.61 -23.12 10.59
CA SER B 346 -48.82 -24.53 10.24
C SER B 346 -48.47 -25.51 11.37
N ALA B 347 -47.86 -25.01 12.45
CA ALA B 347 -47.36 -25.84 13.58
C ALA B 347 -48.34 -26.88 14.13
N GLY B 348 -49.54 -26.45 14.48
CA GLY B 348 -50.58 -27.32 15.02
C GLY B 348 -51.01 -28.42 14.08
N ASP B 349 -51.14 -28.06 12.80
CA ASP B 349 -51.55 -28.99 11.74
C ASP B 349 -50.52 -30.07 11.49
N VAL B 350 -49.24 -29.70 11.52
CA VAL B 350 -48.13 -30.62 11.30
C VAL B 350 -47.99 -31.61 12.47
N ILE B 351 -48.05 -31.09 13.70
CA ILE B 351 -47.97 -31.94 14.90
C ILE B 351 -49.17 -32.90 14.99
N LYS B 352 -50.37 -32.39 14.67
CA LYS B 352 -51.60 -33.22 14.74
C LYS B 352 -51.70 -34.29 13.66
N ALA B 353 -51.26 -33.96 12.43
CA ALA B 353 -51.13 -34.94 11.34
C ALA B 353 -50.13 -36.05 11.71
N ALA B 354 -48.98 -35.63 12.26
CA ALA B 354 -47.89 -36.53 12.67
C ALA B 354 -48.32 -37.46 13.79
N TYR B 355 -48.95 -36.89 14.82
CA TYR B 355 -49.46 -37.67 15.95
C TYR B 355 -50.53 -38.68 15.53
N ASN B 356 -51.49 -38.25 14.70
CA ASN B 356 -52.55 -39.14 14.20
C ASN B 356 -52.04 -40.29 13.33
N GLN B 357 -50.95 -40.04 12.60
CA GLN B 357 -50.27 -41.06 11.81
C GLN B 357 -49.73 -42.18 12.70
N VAL B 358 -49.14 -41.81 13.85
CA VAL B 358 -48.68 -42.78 14.84
C VAL B 358 -49.87 -43.55 15.39
N LYS B 359 -50.97 -42.82 15.66
CA LYS B 359 -52.21 -43.38 16.21
C LYS B 359 -52.79 -44.52 15.37
N THR B 360 -52.68 -44.41 14.03
CA THR B 360 -53.15 -45.47 13.10
C THR B 360 -52.31 -46.75 13.18
N ILE B 361 -51.00 -46.61 13.40
CA ILE B 361 -50.12 -47.76 13.64
C ILE B 361 -50.50 -48.43 14.96
N ALA B 362 -50.77 -47.63 15.99
CA ALA B 362 -51.24 -48.12 17.31
C ALA B 362 -52.58 -48.88 17.21
N GLN B 363 -53.48 -48.39 16.34
CA GLN B 363 -54.76 -49.02 16.07
C GLN B 363 -54.65 -50.34 15.27
N GLY B 364 -53.49 -50.55 14.62
CA GLY B 364 -53.21 -51.78 13.87
C GLY B 364 -53.13 -51.66 12.36
N ASN B 365 -53.14 -50.42 11.84
CA ASN B 365 -53.03 -50.15 10.39
C ASN B 365 -51.58 -50.12 9.91
N LEU B 366 -50.97 -51.30 9.87
CA LEU B 366 -49.59 -51.48 9.44
C LEU B 366 -49.46 -52.82 8.73
N SER B 367 -48.95 -52.79 7.49
CA SER B 367 -48.80 -53.99 6.68
C SER B 367 -47.47 -54.69 6.93
N ASN B 368 -47.35 -55.95 6.50
CA ASN B 368 -46.10 -56.68 6.58
C ASN B 368 -44.96 -56.10 5.67
N PRO B 369 -45.22 -55.82 4.36
CA PRO B 369 -44.20 -55.14 3.51
C PRO B 369 -43.74 -53.78 4.04
N ASP B 370 -44.64 -53.03 4.71
CA ASP B 370 -44.31 -51.77 5.38
C ASP B 370 -43.15 -51.95 6.35
N VAL B 371 -43.28 -52.96 7.23
CA VAL B 371 -42.28 -53.30 8.25
C VAL B 371 -40.99 -53.80 7.59
N GLN B 372 -41.14 -54.64 6.56
CA GLN B 372 -40.00 -55.14 5.78
C GLN B 372 -39.10 -54.02 5.24
N ALA B 373 -39.72 -52.99 4.64
CA ALA B 373 -39.00 -51.81 4.14
C ALA B 373 -38.20 -51.12 5.27
N ALA B 374 -38.87 -50.89 6.41
CA ALA B 374 -38.27 -50.30 7.62
C ALA B 374 -37.10 -51.14 8.13
N LYS B 375 -37.29 -52.47 8.11
CA LYS B 375 -36.29 -53.43 8.50
C LYS B 375 -35.04 -53.31 7.64
N ASN B 376 -35.23 -53.22 6.31
CA ASN B 376 -34.10 -53.05 5.39
C ASN B 376 -33.41 -51.73 5.56
N LYS B 377 -34.20 -50.67 5.84
CA LYS B 377 -33.66 -49.35 6.12
C LYS B 377 -32.78 -49.35 7.41
N LEU B 378 -33.29 -50.00 8.47
CA LEU B 378 -32.57 -50.13 9.74
C LEU B 378 -31.32 -51.00 9.65
N LYS B 379 -31.46 -52.15 8.99
CA LYS B 379 -30.35 -53.11 8.80
C LYS B 379 -29.20 -52.47 8.04
N ALA B 380 -29.50 -51.99 6.83
CA ALA B 380 -28.50 -51.40 5.93
C ALA B 380 -27.91 -50.15 6.54
N GLY B 381 -28.77 -49.36 7.21
CA GLY B 381 -28.40 -48.14 7.91
C GLY B 381 -27.37 -48.38 8.99
N TYR B 382 -27.61 -49.41 9.80
CA TYR B 382 -26.66 -49.84 10.85
C TYR B 382 -25.35 -50.26 10.22
N LEU B 383 -25.43 -51.06 9.17
CA LEU B 383 -24.25 -51.57 8.49
C LEU B 383 -23.41 -50.45 7.92
N MET B 384 -24.10 -49.47 7.33
CA MET B 384 -23.48 -48.25 6.81
C MET B 384 -22.85 -47.38 7.93
N SER B 385 -23.48 -47.40 9.12
CA SER B 385 -23.02 -46.62 10.27
C SER B 385 -21.66 -47.08 10.85
N VAL B 386 -21.29 -48.34 10.59
CA VAL B 386 -20.01 -48.92 11.06
C VAL B 386 -19.01 -49.22 9.92
N GLU B 387 -19.25 -48.62 8.75
CA GLU B 387 -18.42 -48.78 7.54
C GLU B 387 -16.99 -48.22 7.69
N SER B 388 -16.89 -47.04 8.33
CA SER B 388 -15.62 -46.36 8.59
C SER B 388 -15.08 -46.76 9.95
N SER B 389 -13.78 -46.57 10.16
CA SER B 389 -13.18 -46.83 11.47
C SER B 389 -13.65 -45.85 12.57
N GLU B 390 -14.01 -44.63 12.15
CA GLU B 390 -14.61 -43.62 13.03
C GLU B 390 -15.95 -44.10 13.60
N GLY B 391 -16.76 -44.73 12.74
CA GLY B 391 -18.08 -45.25 13.10
C GLY B 391 -18.04 -46.62 13.75
N PHE B 392 -17.10 -47.47 13.31
CA PHE B 392 -16.86 -48.78 13.91
C PHE B 392 -16.39 -48.68 15.36
N LEU B 393 -15.38 -47.82 15.61
CA LEU B 393 -14.79 -47.63 16.95
C LEU B 393 -15.79 -47.08 17.96
N ASP B 394 -16.61 -46.12 17.52
CA ASP B 394 -17.64 -45.47 18.36
C ASP B 394 -18.72 -46.47 18.80
N GLU B 395 -19.00 -47.44 17.91
CA GLU B 395 -20.00 -48.48 18.14
C GLU B 395 -19.51 -49.53 19.13
N VAL B 396 -18.29 -50.06 18.91
CA VAL B 396 -17.67 -51.03 19.81
C VAL B 396 -17.54 -50.48 21.25
N GLY B 397 -17.12 -49.22 21.36
CA GLY B 397 -16.98 -48.53 22.64
C GLY B 397 -18.30 -48.37 23.38
N SER B 398 -19.34 -47.94 22.66
CA SER B 398 -20.68 -47.75 23.22
C SER B 398 -21.27 -49.08 23.65
N GLN B 399 -20.99 -50.14 22.87
CA GLN B 399 -21.39 -51.51 23.17
C GLN B 399 -20.70 -52.02 24.43
N ALA B 400 -19.38 -51.85 24.49
CA ALA B 400 -18.56 -52.25 25.63
C ALA B 400 -19.07 -51.64 26.94
N LEU B 401 -19.52 -50.39 26.87
CA LEU B 401 -20.04 -49.67 28.04
C LEU B 401 -21.47 -50.01 28.41
N ALA B 402 -22.31 -50.18 27.40
CA ALA B 402 -23.73 -50.44 27.60
C ALA B 402 -24.03 -51.89 27.92
N ALA B 403 -23.29 -52.80 27.27
CA ALA B 403 -23.56 -54.24 27.34
C ALA B 403 -22.47 -55.09 28.02
N GLY B 404 -21.23 -54.61 28.02
CA GLY B 404 -20.10 -55.39 28.48
C GLY B 404 -19.70 -56.49 27.52
N SER B 405 -20.13 -56.37 26.26
CA SER B 405 -19.87 -57.35 25.20
C SER B 405 -19.73 -56.67 23.82
N TYR B 406 -19.29 -57.45 22.82
CA TYR B 406 -19.38 -57.04 21.42
C TYR B 406 -20.32 -57.95 20.66
N THR B 407 -21.27 -57.33 19.98
CA THR B 407 -22.29 -58.04 19.22
C THR B 407 -22.01 -57.82 17.72
N PRO B 408 -21.64 -58.89 16.99
CA PRO B 408 -21.32 -58.79 15.55
C PRO B 408 -22.52 -58.30 14.70
N PRO B 409 -22.27 -57.59 13.57
CA PRO B 409 -23.36 -57.10 12.70
C PRO B 409 -24.40 -58.18 12.29
N SER B 410 -23.95 -59.40 11.99
CA SER B 410 -24.81 -60.53 11.58
C SER B 410 -25.86 -60.90 12.62
N THR B 411 -25.50 -60.75 13.89
CA THR B 411 -26.43 -61.05 15.00
C THR B 411 -27.32 -59.87 15.40
N VAL B 412 -26.82 -58.64 15.17
CA VAL B 412 -27.63 -57.42 15.30
C VAL B 412 -28.75 -57.48 14.25
N LEU B 413 -28.39 -57.82 13.01
CA LEU B 413 -29.35 -58.07 11.93
C LEU B 413 -30.33 -59.20 12.24
N GLN B 414 -29.87 -60.16 13.05
CA GLN B 414 -30.72 -61.26 13.54
C GLN B 414 -31.76 -60.74 14.54
N GLN B 415 -31.32 -59.83 15.43
CA GLN B 415 -32.19 -59.21 16.45
C GLN B 415 -33.23 -58.28 15.82
N ILE B 416 -32.82 -57.57 14.76
CA ILE B 416 -33.69 -56.70 13.96
C ILE B 416 -34.79 -57.54 13.29
N ASP B 417 -34.38 -58.68 12.73
CA ASP B 417 -35.29 -59.64 12.09
C ASP B 417 -36.32 -60.22 13.07
N ALA B 418 -35.90 -60.43 14.33
CA ALA B 418 -36.72 -61.04 15.39
C ALA B 418 -37.95 -60.22 15.75
N VAL B 419 -37.87 -58.90 15.51
CA VAL B 419 -38.98 -57.98 15.71
C VAL B 419 -40.20 -58.41 14.85
N ALA B 420 -41.30 -58.76 15.53
CA ALA B 420 -42.56 -59.06 14.86
C ALA B 420 -43.35 -57.77 14.59
N ASP B 421 -44.27 -57.81 13.62
CA ASP B 421 -45.16 -56.68 13.28
C ASP B 421 -46.00 -56.21 14.47
N ALA B 422 -46.40 -57.16 15.32
CA ALA B 422 -47.13 -56.87 16.56
C ALA B 422 -46.31 -56.04 17.54
N ASP B 423 -45.00 -56.34 17.63
CA ASP B 423 -44.05 -55.61 18.50
C ASP B 423 -43.92 -54.14 18.12
N VAL B 424 -43.98 -53.87 16.80
CA VAL B 424 -43.95 -52.51 16.21
C VAL B 424 -45.24 -51.76 16.57
N ILE B 425 -46.38 -52.45 16.44
CA ILE B 425 -47.71 -51.89 16.79
C ILE B 425 -47.75 -51.57 18.28
N ASN B 426 -47.24 -52.49 19.10
CA ASN B 426 -47.17 -52.30 20.55
C ASN B 426 -46.28 -51.13 21.00
N ALA B 427 -45.20 -50.90 20.24
CA ALA B 427 -44.30 -49.77 20.46
C ALA B 427 -45.04 -48.46 20.16
N ALA B 428 -45.86 -48.47 19.10
CA ALA B 428 -46.73 -47.33 18.78
C ALA B 428 -47.79 -47.14 19.87
N LYS B 429 -48.41 -48.25 20.29
CA LYS B 429 -49.42 -48.26 21.36
C LYS B 429 -48.89 -47.60 22.64
N LYS B 430 -47.66 -47.97 23.02
CA LYS B 430 -46.94 -47.46 24.20
C LYS B 430 -46.74 -45.94 24.14
N PHE B 431 -46.38 -45.43 22.95
CA PHE B 431 -46.20 -43.99 22.73
C PHE B 431 -47.53 -43.22 22.87
N VAL B 432 -48.55 -43.64 22.10
CA VAL B 432 -49.87 -42.98 22.09
C VAL B 432 -50.47 -42.79 23.51
N SER B 433 -50.31 -43.82 24.35
CA SER B 433 -50.93 -43.86 25.67
C SER B 433 -50.06 -43.40 26.86
N GLY B 434 -48.78 -43.08 26.60
CA GLY B 434 -47.85 -42.70 27.66
C GLY B 434 -47.72 -41.21 27.87
N ARG B 435 -47.45 -40.80 29.13
CA ARG B 435 -47.27 -39.39 29.51
C ARG B 435 -46.25 -38.74 28.61
N LYS B 436 -46.63 -37.62 28.02
CA LYS B 436 -45.85 -36.98 26.97
C LYS B 436 -44.82 -35.99 27.47
N SER B 437 -43.76 -35.83 26.67
CA SER B 437 -42.80 -34.75 26.84
C SER B 437 -42.71 -33.95 25.55
N MET B 438 -42.73 -32.62 25.68
CA MET B 438 -42.69 -31.71 24.56
C MET B 438 -41.73 -30.55 24.72
N ALA B 439 -41.07 -30.19 23.62
CA ALA B 439 -40.22 -29.02 23.55
C ALA B 439 -40.45 -28.37 22.19
N ALA B 440 -40.68 -27.06 22.22
CA ALA B 440 -40.92 -26.26 21.03
C ALA B 440 -40.31 -24.88 21.12
N SER B 441 -39.82 -24.38 19.98
CA SER B 441 -39.26 -23.03 19.87
C SER B 441 -39.64 -22.38 18.55
N GLY B 442 -39.82 -21.05 18.60
CA GLY B 442 -40.29 -20.23 17.48
C GLY B 442 -41.41 -19.29 17.93
N ASN B 443 -42.24 -18.89 16.96
CA ASN B 443 -43.49 -18.17 17.24
C ASN B 443 -44.55 -19.22 17.51
N LEU B 444 -44.84 -19.40 18.80
CA LEU B 444 -45.65 -20.51 19.28
C LEU B 444 -47.17 -20.27 19.35
N GLY B 445 -47.62 -19.15 18.76
CA GLY B 445 -49.03 -18.77 18.74
C GLY B 445 -49.99 -19.85 18.27
N HIS B 446 -49.52 -20.72 17.38
CA HIS B 446 -50.31 -21.82 16.82
C HIS B 446 -49.72 -23.22 17.12
N THR B 447 -48.69 -23.26 17.97
CA THR B 447 -48.10 -24.52 18.43
C THR B 447 -48.89 -25.02 19.66
N PRO B 448 -49.46 -26.24 19.59
CA PRO B 448 -50.31 -26.76 20.67
C PRO B 448 -49.55 -27.17 21.92
N PHE B 449 -50.18 -27.00 23.08
CA PHE B 449 -49.70 -27.57 24.36
C PHE B 449 -50.02 -29.07 24.34
N ILE B 450 -49.49 -29.84 25.31
CA ILE B 450 -49.76 -31.31 25.34
C ILE B 450 -51.27 -31.56 25.50
N ASP B 451 -51.85 -30.89 26.50
CA ASP B 451 -53.30 -30.65 26.70
C ASP B 451 -54.20 -30.83 25.47
N GLU B 452 -53.77 -30.23 24.35
CA GLU B 452 -54.58 -30.04 23.16
C GLU B 452 -54.31 -31.01 22.01
N LEU B 453 -53.43 -31.99 22.24
CA LEU B 453 -53.07 -32.95 21.19
C LEU B 453 -54.08 -34.04 20.96
N THR C 2 2.75 -9.60 14.88
CA THR C 2 2.04 -8.29 14.68
C THR C 2 2.88 -7.34 13.80
N ASN C 3 2.18 -6.46 13.08
CA ASN C 3 2.77 -5.40 12.26
C ASN C 3 3.39 -4.32 13.16
N ILE C 4 4.72 -4.19 13.08
CA ILE C 4 5.46 -3.24 13.91
C ILE C 4 5.21 -1.74 13.58
N ARG C 5 4.68 -1.49 12.37
CA ARG C 5 4.24 -0.15 11.93
C ARG C 5 3.16 0.43 12.84
N LYS C 6 2.34 -0.46 13.42
CA LYS C 6 1.22 -0.09 14.29
C LYS C 6 1.63 0.00 15.78
N SER C 7 2.34 -1.03 16.27
CA SER C 7 2.69 -1.14 17.68
C SER C 7 3.79 -0.16 18.18
N HIS C 8 4.89 -0.03 17.42
CA HIS C 8 6.07 0.78 17.80
C HIS C 8 5.76 2.29 17.91
N PRO C 9 5.98 2.88 19.11
CA PRO C 9 5.63 4.30 19.40
C PRO C 9 6.06 5.36 18.37
N LEU C 10 7.25 5.21 17.78
CA LEU C 10 7.75 6.13 16.74
C LEU C 10 7.08 5.84 15.39
N MET C 11 7.19 4.58 14.94
CA MET C 11 6.65 4.11 13.66
C MET C 11 5.14 4.25 13.57
N LYS C 12 4.47 4.15 14.73
CA LYS C 12 3.02 4.41 14.91
C LYS C 12 2.61 5.77 14.30
N ILE C 13 3.39 6.83 14.61
CA ILE C 13 3.16 8.19 14.09
C ILE C 13 3.35 8.22 12.58
N VAL C 14 4.49 7.68 12.11
CA VAL C 14 4.83 7.62 10.67
C VAL C 14 3.73 6.88 9.85
N ASN C 15 3.22 5.76 10.41
CA ASN C 15 2.12 4.96 9.85
C ASN C 15 0.81 5.75 9.76
N ASN C 16 0.49 6.45 10.86
CA ASN C 16 -0.75 7.24 10.98
C ASN C 16 -0.72 8.55 10.18
N ALA C 17 0.49 8.99 9.83
CA ALA C 17 0.69 10.25 9.11
C ALA C 17 0.97 10.11 7.61
N PHE C 18 1.75 9.08 7.24
CA PHE C 18 2.25 8.92 5.86
C PHE C 18 1.87 7.60 5.15
N ILE C 19 1.49 6.57 5.91
CA ILE C 19 1.30 5.21 5.36
C ILE C 19 -0.17 4.72 5.30
N ASP C 20 -0.81 4.63 6.47
CA ASP C 20 -2.15 4.04 6.63
C ASP C 20 -3.25 5.10 6.78
N LEU C 21 -2.86 6.37 6.71
CA LEU C 21 -3.79 7.48 6.79
C LEU C 21 -4.85 7.36 5.68
N PRO C 22 -6.14 7.36 6.08
CA PRO C 22 -7.25 7.36 5.09
C PRO C 22 -7.31 8.71 4.39
N ALA C 23 -7.05 8.71 3.09
CA ALA C 23 -7.06 9.91 2.28
C ALA C 23 -8.15 9.85 1.19
N PRO C 24 -8.76 11.00 0.82
CA PRO C 24 -9.78 11.02 -0.24
C PRO C 24 -9.23 10.50 -1.56
N SER C 25 -10.02 9.72 -2.28
CA SER C 25 -9.64 9.17 -3.60
C SER C 25 -9.41 10.24 -4.67
N ASN C 26 -10.05 11.41 -4.49
CA ASN C 26 -10.23 12.38 -5.57
C ASN C 26 -9.46 13.71 -5.47
N ILE C 27 -8.45 13.78 -4.60
CA ILE C 27 -7.74 15.04 -4.38
C ILE C 27 -6.83 15.45 -5.51
N SER C 28 -7.00 16.72 -5.92
CA SER C 28 -6.31 17.34 -7.04
C SER C 28 -4.81 17.47 -6.80
N SER C 29 -4.10 17.85 -7.88
CA SER C 29 -2.71 18.30 -7.85
C SER C 29 -2.54 19.52 -6.94
N TRP C 30 -3.67 20.17 -6.63
CA TRP C 30 -3.74 21.30 -5.71
C TRP C 30 -3.55 20.86 -4.25
N TRP C 31 -3.61 19.55 -3.98
CA TRP C 31 -3.33 19.03 -2.65
C TRP C 31 -1.84 18.70 -2.47
N ASN C 32 -1.07 18.81 -3.56
CA ASN C 32 0.36 18.49 -3.56
C ASN C 32 1.23 19.50 -2.85
N PHE C 33 0.80 20.77 -2.86
CA PHE C 33 1.57 21.89 -2.27
C PHE C 33 1.84 21.79 -0.77
N GLY C 34 1.00 21.03 -0.04
CA GLY C 34 1.20 20.78 1.37
C GLY C 34 2.48 20.02 1.65
N SER C 35 2.74 18.99 0.84
CA SER C 35 3.97 18.22 0.91
C SER C 35 5.15 19.02 0.35
N LEU C 36 4.88 19.78 -0.72
CA LEU C 36 5.87 20.64 -1.38
C LEU C 36 6.39 21.74 -0.50
N LEU C 37 5.51 22.27 0.37
CA LEU C 37 5.91 23.26 1.37
C LEU C 37 6.90 22.65 2.40
N GLY C 38 6.63 21.40 2.80
CA GLY C 38 7.52 20.63 3.66
C GLY C 38 8.87 20.36 3.03
N ILE C 39 8.87 20.03 1.73
CA ILE C 39 10.12 19.90 0.95
C ILE C 39 10.88 21.24 0.94
N CYS C 40 10.15 22.33 0.68
CA CYS C 40 10.70 23.68 0.64
C CYS C 40 11.28 24.14 1.97
N LEU C 41 10.61 23.80 3.07
CA LEU C 41 11.12 24.11 4.41
C LEU C 41 12.40 23.34 4.74
N ILE C 42 12.46 22.08 4.30
CA ILE C 42 13.64 21.24 4.47
C ILE C 42 14.80 21.73 3.59
N LEU C 43 14.48 21.99 2.31
CA LEU C 43 15.42 22.53 1.32
C LEU C 43 16.08 23.82 1.80
N GLN C 44 15.26 24.70 2.38
CA GLN C 44 15.72 25.97 2.96
C GLN C 44 16.62 25.80 4.19
N ILE C 45 16.35 24.77 4.99
CA ILE C 45 17.16 24.44 6.16
C ILE C 45 18.52 23.89 5.74
N LEU C 46 18.53 23.01 4.72
CA LEU C 46 19.76 22.37 4.23
C LEU C 46 20.67 23.28 3.42
N THR C 47 20.08 24.15 2.58
CA THR C 47 20.87 25.16 1.86
C THR C 47 21.29 26.32 2.79
N GLY C 48 20.36 26.77 3.64
CA GLY C 48 20.61 27.81 4.64
C GLY C 48 21.75 27.54 5.59
N LEU C 49 21.88 26.27 6.03
CA LEU C 49 22.95 25.85 6.95
C LEU C 49 24.32 25.88 6.30
N PHE C 50 24.40 25.36 5.07
CA PHE C 50 25.67 25.33 4.33
C PHE C 50 26.13 26.74 3.94
N LEU C 51 25.18 27.67 3.79
CA LEU C 51 25.48 29.09 3.69
C LEU C 51 25.99 29.67 5.02
N ALA C 52 25.38 29.24 6.14
CA ALA C 52 25.75 29.73 7.49
C ALA C 52 27.16 29.28 7.95
N MET C 53 27.63 28.18 7.35
CA MET C 53 29.00 27.67 7.55
C MET C 53 30.08 28.60 6.97
N HIS C 54 29.66 29.54 6.09
CA HIS C 54 30.57 30.46 5.41
C HIS C 54 30.18 31.95 5.54
N TYR C 55 28.92 32.21 5.89
CA TYR C 55 28.40 33.57 6.01
C TYR C 55 28.86 34.29 7.30
N THR C 56 29.20 35.57 7.13
CA THR C 56 29.62 36.45 8.22
C THR C 56 28.52 37.47 8.51
N SER C 57 28.21 37.63 9.81
CA SER C 57 27.06 38.41 10.29
C SER C 57 27.32 39.92 10.60
N ASP C 58 28.47 40.44 10.13
CA ASP C 58 28.89 41.85 10.38
C ASP C 58 28.88 42.67 9.09
N THR C 59 28.48 43.94 9.21
CA THR C 59 28.33 44.89 8.07
C THR C 59 29.56 45.05 7.19
N THR C 60 30.75 44.83 7.79
CA THR C 60 32.05 44.86 7.13
C THR C 60 32.11 43.86 5.95
N THR C 61 32.12 42.56 6.27
CA THR C 61 32.23 41.50 5.24
C THR C 61 30.94 40.67 5.09
N ALA C 62 29.79 41.28 5.41
CA ALA C 62 28.47 40.68 5.16
C ALA C 62 28.30 40.41 3.65
N PHE C 63 28.59 41.43 2.85
CA PHE C 63 28.55 41.36 1.40
C PHE C 63 29.68 40.48 0.83
N SER C 64 30.86 40.56 1.44
CA SER C 64 32.06 39.83 0.99
C SER C 64 31.98 38.33 1.20
N SER C 65 31.36 37.91 2.31
CA SER C 65 31.17 36.49 2.63
C SER C 65 30.26 35.82 1.61
N VAL C 66 29.18 36.52 1.23
CA VAL C 66 28.24 36.07 0.20
C VAL C 66 28.99 35.88 -1.15
N THR C 67 29.87 36.85 -1.47
CA THR C 67 30.76 36.81 -2.64
C THR C 67 31.70 35.60 -2.56
N HIS C 68 32.36 35.45 -1.39
CA HIS C 68 33.24 34.33 -1.06
C HIS C 68 32.58 32.96 -1.30
N ILE C 69 31.28 32.86 -0.93
CA ILE C 69 30.47 31.66 -1.14
C ILE C 69 30.36 31.33 -2.65
N CYS C 70 29.88 32.31 -3.42
CA CYS C 70 29.60 32.14 -4.85
C CYS C 70 30.85 31.97 -5.70
N ARG C 71 31.96 32.60 -5.26
CA ARG C 71 33.23 32.62 -6.00
C ARG C 71 34.22 31.53 -5.61
N ASP C 72 34.52 31.43 -4.31
CA ASP C 72 35.59 30.58 -3.78
C ASP C 72 35.13 29.21 -3.24
N VAL C 73 34.03 29.23 -2.47
CA VAL C 73 33.46 28.02 -1.82
C VAL C 73 33.00 26.99 -2.86
N ASN C 74 33.56 25.79 -2.74
CA ASN C 74 33.32 24.64 -3.63
C ASN C 74 31.83 24.35 -3.84
N TYR C 75 31.34 24.71 -5.03
CA TYR C 75 29.89 24.65 -5.38
C TYR C 75 29.00 25.57 -4.50
N GLY C 76 29.59 26.63 -3.93
CA GLY C 76 28.88 27.59 -3.09
C GLY C 76 27.81 28.39 -3.84
N TRP C 77 28.10 28.69 -5.11
CA TRP C 77 27.15 29.35 -6.01
C TRP C 77 25.87 28.53 -6.21
N ILE C 78 26.01 27.20 -6.25
CA ILE C 78 24.87 26.28 -6.42
C ILE C 78 23.92 26.29 -5.24
N ILE C 79 24.49 26.37 -4.03
CA ILE C 79 23.77 26.40 -2.75
C ILE C 79 23.09 27.77 -2.57
N ARG C 80 23.80 28.84 -2.94
CA ARG C 80 23.33 30.21 -2.75
C ARG C 80 22.07 30.53 -3.58
N TYR C 81 22.11 30.23 -4.88
CA TYR C 81 20.96 30.42 -5.76
C TYR C 81 19.83 29.43 -5.50
N MET C 82 20.18 28.25 -4.95
CA MET C 82 19.24 27.22 -4.51
C MET C 82 18.41 27.70 -3.33
N HIS C 83 19.04 28.50 -2.47
CA HIS C 83 18.42 29.04 -1.30
C HIS C 83 17.53 30.24 -1.66
N ALA C 84 18.08 31.13 -2.48
CA ALA C 84 17.38 32.33 -2.97
C ALA C 84 16.16 32.01 -3.83
N ASN C 85 16.28 30.98 -4.68
CA ASN C 85 15.15 30.52 -5.51
C ASN C 85 14.17 29.60 -4.77
N GLY C 86 14.72 28.87 -3.78
CA GLY C 86 13.92 28.03 -2.88
C GLY C 86 12.94 28.85 -2.07
N ALA C 87 13.39 30.04 -1.64
CA ALA C 87 12.54 31.02 -0.94
C ALA C 87 11.36 31.50 -1.81
N SER C 88 11.61 31.70 -3.11
CA SER C 88 10.56 32.05 -4.07
C SER C 88 9.64 30.85 -4.33
N MET C 89 10.26 29.67 -4.51
CA MET C 89 9.52 28.39 -4.66
C MET C 89 8.55 28.17 -3.52
N PHE C 90 9.06 28.36 -2.27
CA PHE C 90 8.27 28.36 -1.03
C PHE C 90 7.08 29.31 -1.12
N PHE C 91 7.28 30.47 -1.75
CA PHE C 91 6.22 31.44 -1.89
C PHE C 91 5.21 31.16 -2.98
N ILE C 92 5.64 30.56 -4.10
CA ILE C 92 4.66 30.12 -5.15
C ILE C 92 3.74 29.06 -4.56
N CYS C 93 4.32 28.19 -3.72
CA CYS C 93 3.60 27.09 -3.06
C CYS C 93 2.64 27.57 -1.99
N LEU C 94 3.08 28.52 -1.16
CA LEU C 94 2.24 29.11 -0.11
C LEU C 94 0.97 29.69 -0.68
N TYR C 95 1.13 30.36 -1.83
CA TYR C 95 0.03 31.00 -2.52
C TYR C 95 -0.96 30.05 -3.16
N MET C 96 -0.45 29.01 -3.85
CA MET C 96 -1.32 27.94 -4.45
C MET C 96 -2.13 27.26 -3.33
N HIS C 97 -1.42 26.91 -2.25
CA HIS C 97 -1.94 26.26 -1.05
C HIS C 97 -3.07 27.06 -0.41
N VAL C 98 -2.83 28.35 -0.17
CA VAL C 98 -3.85 29.25 0.42
C VAL C 98 -5.06 29.38 -0.52
N GLY C 99 -4.79 29.60 -1.81
CA GLY C 99 -5.81 29.73 -2.85
C GLY C 99 -6.69 28.50 -2.93
N ARG C 100 -6.04 27.32 -2.95
CA ARG C 100 -6.71 26.02 -2.90
C ARG C 100 -7.63 25.95 -1.67
N GLY C 101 -7.12 26.39 -0.52
CA GLY C 101 -7.88 26.40 0.73
C GLY C 101 -9.11 27.27 0.66
N LEU C 102 -8.98 28.40 -0.03
CA LEU C 102 -10.07 29.36 -0.22
C LEU C 102 -11.12 28.87 -1.21
N TYR C 103 -10.65 28.36 -2.35
CA TYR C 103 -11.52 27.84 -3.40
C TYR C 103 -12.35 26.65 -2.92
N TYR C 104 -11.67 25.70 -2.26
CA TYR C 104 -12.29 24.44 -1.90
C TYR C 104 -12.96 24.42 -0.53
N GLY C 105 -12.96 25.57 0.15
CA GLY C 105 -13.62 25.72 1.44
C GLY C 105 -12.91 25.05 2.60
N SER C 106 -11.63 24.70 2.40
CA SER C 106 -10.78 24.02 3.39
C SER C 106 -10.59 24.78 4.70
N TYR C 107 -10.90 26.08 4.67
CA TYR C 107 -10.81 26.97 5.84
C TYR C 107 -11.76 26.64 6.97
N THR C 108 -12.82 25.87 6.67
CA THR C 108 -13.82 25.44 7.68
C THR C 108 -13.19 24.53 8.77
N PHE C 109 -12.01 23.97 8.45
CA PHE C 109 -11.09 23.39 9.43
C PHE C 109 -10.45 24.57 10.18
N LEU C 110 -11.18 25.11 11.16
CA LEU C 110 -10.82 26.35 11.86
C LEU C 110 -9.39 26.42 12.37
N GLU C 111 -8.99 25.45 13.21
CA GLU C 111 -7.64 25.43 13.82
C GLU C 111 -6.52 25.21 12.79
N THR C 112 -6.66 24.16 11.95
CA THR C 112 -5.71 23.84 10.86
C THR C 112 -5.33 25.12 10.04
N TRP C 113 -6.38 25.78 9.51
CA TRP C 113 -6.30 27.03 8.74
C TRP C 113 -5.67 28.19 9.53
N ASN C 114 -6.14 28.40 10.76
CA ASN C 114 -5.64 29.47 11.63
C ASN C 114 -4.18 29.29 12.01
N ILE C 115 -3.76 28.03 12.17
CA ILE C 115 -2.35 27.68 12.35
C ILE C 115 -1.58 27.95 11.05
N GLY C 116 -2.25 27.78 9.90
CA GLY C 116 -1.68 28.09 8.60
C GLY C 116 -1.47 29.59 8.36
N VAL C 117 -2.39 30.42 8.88
CA VAL C 117 -2.26 31.89 8.85
C VAL C 117 -1.01 32.29 9.66
N ILE C 118 -0.85 31.70 10.85
CA ILE C 118 0.34 31.90 11.68
C ILE C 118 1.58 31.41 10.90
N LEU C 119 1.45 30.27 10.21
CA LEU C 119 2.52 29.71 9.35
C LEU C 119 2.94 30.62 8.20
N LEU C 120 1.95 31.27 7.55
CA LEU C 120 2.24 32.23 6.46
C LEU C 120 3.02 33.45 6.96
N LEU C 121 2.53 34.07 8.05
CA LEU C 121 3.18 35.24 8.68
C LEU C 121 4.64 34.94 9.08
N THR C 122 4.87 33.74 9.61
CA THR C 122 6.18 33.30 10.06
C THR C 122 7.17 33.09 8.91
N VAL C 123 6.71 32.55 7.78
CA VAL C 123 7.56 32.38 6.58
C VAL C 123 7.85 33.74 5.93
N MET C 124 6.87 34.65 5.98
CA MET C 124 7.01 36.03 5.51
C MET C 124 8.07 36.77 6.31
N ALA C 125 7.92 36.74 7.64
CA ALA C 125 8.87 37.35 8.59
C ALA C 125 10.29 36.83 8.40
N THR C 126 10.40 35.53 8.07
CA THR C 126 11.69 34.87 7.80
C THR C 126 12.35 35.45 6.54
N ALA C 127 11.61 35.46 5.42
CA ALA C 127 12.11 35.90 4.12
C ALA C 127 12.54 37.37 4.11
N PHE C 128 11.74 38.20 4.79
CA PHE C 128 12.02 39.63 4.97
C PHE C 128 13.37 39.84 5.65
N MET C 129 13.59 39.11 6.76
CA MET C 129 14.86 39.16 7.52
C MET C 129 16.04 38.53 6.75
N GLY C 130 15.74 37.49 5.96
CA GLY C 130 16.72 36.80 5.13
C GLY C 130 17.30 37.65 4.04
N TYR C 131 16.46 38.51 3.46
CA TYR C 131 16.85 39.43 2.40
C TYR C 131 17.87 40.49 2.82
N VAL C 132 17.78 40.94 4.09
CA VAL C 132 18.73 41.91 4.69
C VAL C 132 20.17 41.35 4.74
N LEU C 133 20.29 40.04 4.95
CA LEU C 133 21.58 39.35 5.15
C LEU C 133 22.75 39.60 4.14
N PRO C 134 22.52 39.52 2.80
CA PRO C 134 23.55 39.91 1.80
C PRO C 134 24.10 41.34 1.96
N TRP C 135 23.33 42.23 2.62
CA TRP C 135 23.67 43.65 2.86
C TRP C 135 23.94 44.42 1.56
N GLY C 136 23.11 44.14 0.55
CA GLY C 136 23.09 44.88 -0.70
C GLY C 136 22.30 46.17 -0.55
N GLN C 137 22.18 46.91 -1.66
CA GLN C 137 21.42 48.16 -1.68
C GLN C 137 19.96 47.91 -1.39
N MET C 138 19.40 46.86 -2.01
CA MET C 138 18.00 46.49 -1.78
C MET C 138 17.74 45.90 -0.41
N SER C 139 18.74 45.19 0.11
CA SER C 139 18.73 44.59 1.45
C SER C 139 18.55 45.66 2.54
N PHE C 140 19.35 46.72 2.47
CA PHE C 140 19.30 47.82 3.42
C PHE C 140 18.07 48.69 3.21
N TRP C 141 17.84 49.12 1.96
CA TRP C 141 16.76 50.04 1.62
C TRP C 141 15.36 49.47 1.72
N GLY C 142 15.25 48.15 1.52
CA GLY C 142 14.03 47.43 1.82
C GLY C 142 13.76 47.43 3.32
N ALA C 143 14.83 47.22 4.11
CA ALA C 143 14.74 47.17 5.58
C ALA C 143 14.33 48.49 6.19
N THR C 144 14.98 49.58 5.76
CA THR C 144 14.66 50.94 6.22
C THR C 144 13.25 51.39 5.83
N VAL C 145 12.81 51.01 4.63
CA VAL C 145 11.50 51.44 4.14
C VAL C 145 10.30 50.73 4.79
N ILE C 146 10.57 49.55 5.40
CA ILE C 146 9.53 48.72 6.00
C ILE C 146 9.48 48.86 7.52
N THR C 147 10.64 48.79 8.18
CA THR C 147 10.74 48.97 9.65
C THR C 147 10.22 50.33 10.10
N ASN C 148 10.55 51.38 9.32
CA ASN C 148 10.11 52.77 9.59
C ASN C 148 8.58 52.97 9.65
N LEU C 149 7.83 51.95 9.21
CA LEU C 149 6.37 51.95 9.29
C LEU C 149 5.86 51.85 10.72
N LEU C 150 6.62 51.13 11.56
CA LEU C 150 6.30 50.96 12.97
C LEU C 150 6.32 52.27 13.80
N SER C 151 6.90 53.32 13.21
CA SER C 151 6.88 54.70 13.78
C SER C 151 5.46 55.27 13.86
N ALA C 152 4.59 54.82 12.93
CA ALA C 152 3.21 55.32 12.79
C ALA C 152 2.22 54.85 13.87
N ILE C 153 2.61 53.84 14.66
CA ILE C 153 1.81 53.37 15.81
C ILE C 153 1.77 54.49 16.89
N PRO C 154 0.56 54.90 17.33
CA PRO C 154 0.41 55.99 18.32
C PRO C 154 1.08 55.66 19.67
N TYR C 155 1.82 56.63 20.23
CA TYR C 155 2.47 56.54 21.55
C TYR C 155 3.62 55.52 21.67
N ILE C 156 3.32 54.24 21.39
CA ILE C 156 4.30 53.13 21.39
C ILE C 156 5.34 53.30 20.25
N GLY C 157 4.85 53.74 19.07
CA GLY C 157 5.61 53.92 17.83
C GLY C 157 7.12 53.97 17.79
N THR C 158 7.69 55.17 17.92
CA THR C 158 9.16 55.43 17.79
C THR C 158 10.03 54.54 18.68
N ASN C 159 9.55 54.29 19.91
CA ASN C 159 10.20 53.37 20.88
C ASN C 159 10.36 51.94 20.37
N LEU C 160 9.35 51.45 19.63
CA LEU C 160 9.34 50.11 19.05
C LEU C 160 10.41 49.95 17.96
N VAL C 161 10.41 50.89 17.00
CA VAL C 161 11.36 50.90 15.87
C VAL C 161 12.81 50.92 16.35
N GLU C 162 13.09 51.81 17.31
CA GLU C 162 14.41 51.96 17.91
C GLU C 162 14.83 50.75 18.79
N TRP C 163 13.84 49.96 19.21
CA TRP C 163 14.07 48.70 19.94
C TRP C 163 14.37 47.54 18.99
N ILE C 164 13.67 47.51 17.86
CA ILE C 164 13.92 46.53 16.78
C ILE C 164 15.24 46.85 16.05
N TRP C 165 15.59 48.14 15.99
CA TRP C 165 16.77 48.67 15.29
C TRP C 165 18.09 48.48 16.01
N GLY C 166 18.05 48.54 17.35
CA GLY C 166 19.25 48.52 18.18
C GLY C 166 20.04 49.83 18.15
N GLY C 167 19.34 50.89 17.74
CA GLY C 167 19.91 52.22 17.56
C GLY C 167 18.88 53.17 16.95
N PHE C 168 19.30 53.93 15.94
CA PHE C 168 18.46 55.00 15.34
C PHE C 168 18.21 54.80 13.84
N SER C 169 18.76 53.71 13.29
CA SER C 169 18.59 53.29 11.88
C SER C 169 18.89 51.79 11.74
N VAL C 170 18.67 51.25 10.54
CA VAL C 170 19.06 49.87 10.19
C VAL C 170 20.60 49.88 10.07
N ASP C 171 21.27 49.37 11.11
CA ASP C 171 22.73 49.50 11.25
C ASP C 171 23.46 48.15 11.44
N LYS C 172 24.60 48.19 12.17
CA LYS C 172 25.44 47.04 12.49
C LYS C 172 24.66 45.97 13.23
N ALA C 173 23.96 46.41 14.28
CA ALA C 173 23.21 45.55 15.17
C ALA C 173 22.02 44.87 14.48
N THR C 174 21.34 45.62 13.59
CA THR C 174 20.16 45.13 12.84
C THR C 174 20.49 43.97 11.92
N LEU C 175 21.65 44.02 11.26
CA LEU C 175 22.11 42.92 10.40
C LEU C 175 22.36 41.64 11.19
N THR C 176 22.98 41.81 12.37
CA THR C 176 23.34 40.71 13.26
C THR C 176 22.11 40.01 13.88
N ARG C 177 21.18 40.79 14.45
CA ARG C 177 19.97 40.23 15.05
C ARG C 177 19.01 39.61 14.06
N PHE C 178 18.96 40.16 12.85
CA PHE C 178 18.15 39.61 11.75
C PHE C 178 18.64 38.25 11.30
N PHE C 179 19.96 38.01 11.42
CA PHE C 179 20.54 36.69 11.16
C PHE C 179 20.14 35.69 12.24
N ALA C 180 20.22 36.11 13.52
CA ALA C 180 19.81 35.28 14.67
C ALA C 180 18.36 34.84 14.55
N PHE C 181 17.49 35.81 14.30
CA PHE C 181 16.06 35.56 14.10
C PHE C 181 15.74 34.76 12.84
N HIS C 182 16.55 34.96 11.79
CA HIS C 182 16.44 34.18 10.54
C HIS C 182 16.90 32.73 10.71
N PHE C 183 17.81 32.50 11.66
CA PHE C 183 18.29 31.15 11.95
C PHE C 183 17.26 30.36 12.79
N ILE C 184 16.70 31.00 13.83
CA ILE C 184 15.73 30.33 14.72
C ILE C 184 14.32 30.11 14.13
N LEU C 185 13.80 31.09 13.39
CA LEU C 185 12.42 31.04 12.86
C LEU C 185 11.98 29.78 12.08
N PRO C 186 12.78 29.26 11.11
CA PRO C 186 12.42 28.04 10.36
C PRO C 186 12.20 26.78 11.23
N PHE C 187 12.90 26.70 12.36
CA PHE C 187 12.69 25.61 13.31
C PHE C 187 11.37 25.76 14.03
N ILE C 188 11.09 27.00 14.51
CA ILE C 188 9.77 27.37 15.09
C ILE C 188 8.64 27.18 14.04
N ILE C 189 8.95 27.43 12.76
CA ILE C 189 8.03 27.14 11.65
C ILE C 189 7.72 25.63 11.61
N MET C 190 8.79 24.80 11.57
CA MET C 190 8.66 23.32 11.48
C MET C 190 7.84 22.72 12.59
N ALA C 191 8.05 23.22 13.82
CA ALA C 191 7.26 22.82 14.99
C ALA C 191 5.79 23.21 14.87
N ILE C 192 5.51 24.40 14.28
CA ILE C 192 4.13 24.86 14.05
C ILE C 192 3.50 24.05 12.89
N ALA C 193 4.31 23.74 11.88
CA ALA C 193 3.91 22.86 10.77
C ALA C 193 3.55 21.43 11.23
N MET C 194 4.21 20.97 12.30
CA MET C 194 3.89 19.68 12.94
C MET C 194 2.50 19.73 13.62
N VAL C 195 2.23 20.84 14.32
CA VAL C 195 0.95 21.08 15.03
C VAL C 195 -0.17 21.31 14.01
N HIS C 196 0.20 21.92 12.88
CA HIS C 196 -0.67 22.11 11.71
C HIS C 196 -1.22 20.76 11.23
N LEU C 197 -0.31 19.79 11.05
CA LEU C 197 -0.63 18.44 10.60
C LEU C 197 -1.41 17.64 11.65
N LEU C 198 -1.09 17.87 12.93
CA LEU C 198 -1.83 17.27 14.06
C LEU C 198 -3.30 17.60 13.95
N PHE C 199 -3.61 18.89 13.84
CA PHE C 199 -4.98 19.37 13.59
C PHE C 199 -5.62 18.90 12.28
N LEU C 200 -4.83 18.70 11.21
CA LEU C 200 -5.37 18.19 9.93
C LEU C 200 -5.84 16.72 10.03
N HIS C 201 -5.02 15.88 10.68
CA HIS C 201 -5.31 14.44 10.84
C HIS C 201 -6.56 14.12 11.63
N GLU C 202 -7.02 15.11 12.42
CA GLU C 202 -8.25 15.06 13.19
C GLU C 202 -9.50 14.87 12.35
N THR C 203 -9.51 15.51 11.18
CA THR C 203 -10.62 15.47 10.26
C THR C 203 -10.25 14.72 9.00
N GLY C 204 -8.95 14.64 8.73
CA GLY C 204 -8.46 14.17 7.47
C GLY C 204 -8.57 15.30 6.45
N SER C 205 -8.20 14.99 5.21
CA SER C 205 -8.20 15.97 4.16
C SER C 205 -9.60 16.22 3.62
N ASN C 206 -9.84 17.46 3.17
CA ASN C 206 -11.02 17.81 2.33
C ASN C 206 -10.69 17.40 0.88
N ASN C 207 -11.65 17.55 -0.04
CA ASN C 207 -11.50 17.15 -1.46
C ASN C 207 -12.21 18.15 -2.44
N PRO C 208 -11.89 18.10 -3.77
CA PRO C 208 -12.45 19.07 -4.75
C PRO C 208 -13.98 19.29 -4.76
N THR C 209 -14.76 18.33 -4.25
CA THR C 209 -16.24 18.45 -4.21
C THR C 209 -16.77 19.13 -2.94
N GLY C 210 -15.97 19.07 -1.87
CA GLY C 210 -16.37 19.58 -0.56
C GLY C 210 -17.37 18.66 0.15
N ILE C 211 -17.76 17.56 -0.51
CA ILE C 211 -18.55 16.49 0.11
C ILE C 211 -17.58 15.50 0.79
N SER C 212 -18.02 14.85 1.87
CA SER C 212 -17.23 13.86 2.61
C SER C 212 -16.78 12.72 1.74
N SER C 213 -15.52 12.31 1.99
CA SER C 213 -14.86 11.24 1.23
C SER C 213 -14.75 9.93 2.01
N ASP C 214 -15.42 9.86 3.18
CA ASP C 214 -15.43 8.66 4.07
C ASP C 214 -15.85 7.37 3.36
N VAL C 215 -16.77 7.51 2.40
CA VAL C 215 -17.30 6.39 1.62
C VAL C 215 -16.31 5.89 0.55
N ASP C 216 -15.25 6.66 0.29
CA ASP C 216 -14.29 6.35 -0.77
C ASP C 216 -12.85 6.75 -0.40
N LYS C 217 -12.42 6.35 0.81
CA LYS C 217 -11.07 6.63 1.31
C LYS C 217 -10.08 5.59 0.83
N ILE C 218 -8.91 6.06 0.43
CA ILE C 218 -7.78 5.21 0.03
C ILE C 218 -6.55 5.47 0.94
N PRO C 219 -5.71 4.44 1.19
CA PRO C 219 -4.53 4.63 2.04
C PRO C 219 -3.51 5.56 1.38
N PHE C 220 -2.88 6.43 2.19
CA PHE C 220 -1.87 7.37 1.72
C PHE C 220 -0.75 6.69 0.91
N HIS C 221 -0.30 5.53 1.39
CA HIS C 221 0.63 4.68 0.66
C HIS C 221 -0.18 3.57 -0.07
N PRO C 222 0.08 3.33 -1.38
CA PRO C 222 1.12 4.01 -2.16
C PRO C 222 0.66 5.19 -3.01
N TYR C 223 -0.66 5.46 -3.02
CA TYR C 223 -1.27 6.46 -3.91
C TYR C 223 -0.75 7.89 -3.78
N TYR C 224 -0.75 8.40 -2.56
CA TYR C 224 -0.22 9.74 -2.30
C TYR C 224 1.26 9.81 -1.98
N THR C 225 1.89 8.64 -1.82
CA THR C 225 3.35 8.53 -1.71
C THR C 225 3.95 8.83 -3.08
N ILE C 226 3.52 8.06 -4.10
CA ILE C 226 4.00 8.19 -5.47
C ILE C 226 3.59 9.50 -6.15
N LYS C 227 2.40 10.02 -5.79
CA LYS C 227 1.91 11.30 -6.32
C LYS C 227 2.68 12.48 -5.74
N ASP C 228 3.19 12.34 -4.51
CA ASP C 228 4.03 13.37 -3.88
C ASP C 228 5.48 13.32 -4.37
N ILE C 229 5.94 12.13 -4.76
CA ILE C 229 7.26 11.96 -5.40
C ILE C 229 7.32 12.66 -6.77
N LEU C 230 6.31 12.40 -7.61
CA LEU C 230 6.15 13.04 -8.93
C LEU C 230 6.05 14.57 -8.82
N GLY C 231 5.28 15.03 -7.81
CA GLY C 231 5.09 16.44 -7.52
C GLY C 231 6.37 17.13 -7.08
N ALA C 232 7.18 16.44 -6.27
CA ALA C 232 8.46 16.96 -5.82
C ALA C 232 9.48 17.03 -6.96
N LEU C 233 9.39 16.06 -7.89
CA LEU C 233 10.23 16.02 -9.10
C LEU C 233 9.92 17.20 -10.03
N LEU C 234 8.66 17.66 -9.98
CA LEU C 234 8.23 18.85 -10.71
C LEU C 234 8.68 20.16 -10.05
N LEU C 235 8.73 20.17 -8.71
CA LEU C 235 9.21 21.33 -7.95
C LEU C 235 10.71 21.48 -8.06
N ILE C 236 11.43 20.35 -8.12
CA ILE C 236 12.88 20.39 -8.36
C ILE C 236 13.16 20.88 -9.79
N LEU C 237 12.32 20.47 -10.75
CA LEU C 237 12.42 20.98 -12.15
C LEU C 237 12.32 22.52 -12.23
N ALA C 238 11.26 23.07 -11.63
CA ALA C 238 11.04 24.53 -11.56
C ALA C 238 12.13 25.27 -10.80
N LEU C 239 12.57 24.70 -9.66
CA LEU C 239 13.66 25.29 -8.86
C LEU C 239 15.01 25.25 -9.62
N MET C 240 15.34 24.10 -10.20
CA MET C 240 16.57 23.94 -10.97
C MET C 240 16.55 24.59 -12.36
N LEU C 241 15.37 24.94 -12.88
CA LEU C 241 15.27 25.77 -14.08
C LEU C 241 15.76 27.18 -13.76
N LEU C 242 15.37 27.67 -12.57
CA LEU C 242 15.76 29.00 -12.11
C LEU C 242 17.23 29.06 -11.74
N VAL C 243 17.68 28.16 -10.86
CA VAL C 243 19.07 28.12 -10.36
C VAL C 243 20.12 27.92 -11.48
N LEU C 244 19.76 27.13 -12.50
CA LEU C 244 20.72 26.70 -13.54
C LEU C 244 20.54 27.30 -14.96
N PHE C 245 19.56 28.21 -15.11
CA PHE C 245 19.38 28.94 -16.37
C PHE C 245 19.07 30.41 -16.18
N ALA C 246 18.30 30.74 -15.13
CA ALA C 246 17.90 32.13 -14.86
C ALA C 246 18.05 32.55 -13.34
N PRO C 247 19.28 32.51 -12.80
CA PRO C 247 19.50 32.71 -11.35
C PRO C 247 19.26 34.15 -10.86
N ASP C 248 19.21 35.10 -11.80
CA ASP C 248 19.06 36.53 -11.51
C ASP C 248 17.69 37.08 -11.95
N LEU C 249 16.81 36.18 -12.43
CA LEU C 249 15.51 36.56 -13.01
C LEU C 249 14.55 37.20 -11.99
N LEU C 250 14.34 36.50 -10.86
CA LEU C 250 13.40 36.93 -9.83
C LEU C 250 13.99 37.89 -8.78
N GLY C 251 15.29 38.22 -8.96
CA GLY C 251 16.03 39.09 -8.05
C GLY C 251 16.25 40.49 -8.59
N ASP C 252 16.64 41.39 -7.68
CA ASP C 252 16.87 42.81 -8.00
C ASP C 252 18.39 43.13 -8.11
N PRO C 253 18.81 43.80 -9.21
CA PRO C 253 20.23 44.10 -9.47
C PRO C 253 20.96 44.97 -8.44
N ASP C 254 20.24 45.85 -7.73
CA ASP C 254 20.82 46.72 -6.67
C ASP C 254 21.49 45.96 -5.52
N ASN C 255 21.00 44.74 -5.26
CA ASN C 255 21.59 43.84 -4.27
C ASN C 255 23.01 43.36 -4.61
N TYR C 256 23.46 43.66 -5.84
CA TYR C 256 24.82 43.33 -6.32
C TYR C 256 25.85 44.48 -6.08
N THR C 257 25.38 45.57 -5.47
CA THR C 257 26.24 46.66 -4.97
C THR C 257 26.06 46.75 -3.44
N PRO C 258 27.17 46.89 -2.68
CA PRO C 258 27.10 47.02 -1.20
C PRO C 258 26.22 48.15 -0.68
N ALA C 259 25.70 47.96 0.53
CA ALA C 259 24.78 48.91 1.17
C ALA C 259 25.38 50.29 1.33
N ASN C 260 24.55 51.31 1.08
CA ASN C 260 24.97 52.69 1.19
C ASN C 260 23.83 53.55 1.76
N PRO C 261 23.87 53.80 3.09
CA PRO C 261 22.79 54.54 3.80
C PRO C 261 22.57 56.00 3.37
N LEU C 262 23.53 56.56 2.63
CA LEU C 262 23.48 57.94 2.14
C LEU C 262 22.89 58.05 0.74
N ASN C 263 22.95 56.94 -0.03
CA ASN C 263 22.44 56.88 -1.40
C ASN C 263 21.26 55.92 -1.55
N THR C 264 20.07 56.50 -1.79
CA THR C 264 18.82 55.75 -2.03
C THR C 264 18.73 55.38 -3.54
N PRO C 265 18.37 54.11 -3.84
CA PRO C 265 18.25 53.66 -5.24
C PRO C 265 17.08 54.34 -6.00
N PRO C 266 17.10 54.36 -7.35
CA PRO C 266 15.98 54.93 -8.14
C PRO C 266 14.63 54.25 -7.83
N HIS C 267 14.61 52.90 -7.84
CA HIS C 267 13.43 52.11 -7.49
C HIS C 267 13.66 51.33 -6.18
N ILE C 268 12.62 51.22 -5.38
CA ILE C 268 12.65 50.41 -4.16
C ILE C 268 11.56 49.34 -4.28
N LYS C 269 11.94 48.18 -4.81
CA LYS C 269 11.00 47.07 -5.02
C LYS C 269 11.36 45.72 -4.36
N PRO C 270 10.36 45.09 -3.71
CA PRO C 270 10.49 43.73 -3.20
C PRO C 270 10.67 42.68 -4.31
N GLU C 271 11.05 41.47 -3.90
CA GLU C 271 10.89 40.25 -4.71
C GLU C 271 9.38 40.07 -4.93
N TRP C 272 9.02 39.43 -6.04
CA TRP C 272 7.62 39.29 -6.47
C TRP C 272 6.58 38.95 -5.36
N TYR C 273 7.00 38.13 -4.40
CA TYR C 273 6.13 37.63 -3.34
C TYR C 273 5.63 38.64 -2.29
N PHE C 274 6.21 39.84 -2.29
CA PHE C 274 5.78 40.93 -1.41
C PHE C 274 5.16 42.13 -2.20
N LEU C 275 5.25 42.07 -3.54
CA LEU C 275 4.80 43.16 -4.43
C LEU C 275 3.34 43.56 -4.29
N PHE C 276 2.45 42.55 -4.17
CA PHE C 276 1.01 42.79 -3.96
C PHE C 276 0.71 43.64 -2.70
N ALA C 277 1.43 43.31 -1.60
CA ALA C 277 1.29 43.96 -0.29
C ALA C 277 2.01 45.30 -0.26
N TYR C 278 3.12 45.40 -1.00
CA TYR C 278 3.85 46.65 -1.16
C TYR C 278 2.99 47.70 -1.88
N ALA C 279 2.22 47.25 -2.88
CA ALA C 279 1.27 48.09 -3.61
C ALA C 279 0.17 48.67 -2.71
N ILE C 280 -0.48 47.81 -1.93
CA ILE C 280 -1.52 48.20 -0.96
C ILE C 280 -1.05 49.33 -0.01
N LEU C 281 0.21 49.22 0.43
CA LEU C 281 0.82 50.16 1.37
C LEU C 281 0.96 51.60 0.81
N ARG C 282 1.52 51.72 -0.39
CA ARG C 282 1.73 53.02 -1.07
C ARG C 282 0.42 53.64 -1.62
N SER C 283 -0.61 52.79 -1.76
CA SER C 283 -1.94 53.16 -2.26
C SER C 283 -2.72 54.08 -1.33
N ILE C 284 -2.54 53.86 -0.02
CA ILE C 284 -3.19 54.65 1.02
C ILE C 284 -2.19 55.72 1.55
N PRO C 285 -2.57 57.02 1.46
CA PRO C 285 -1.64 58.12 1.75
C PRO C 285 -1.23 58.26 3.23
N ASN C 286 -2.11 57.83 4.14
CA ASN C 286 -1.85 57.87 5.58
C ASN C 286 -0.75 56.90 6.00
N LYS C 287 0.04 57.33 6.99
CA LYS C 287 1.13 56.55 7.58
C LYS C 287 0.59 55.30 8.32
N LEU C 288 -0.26 55.54 9.34
CA LEU C 288 -0.84 54.47 10.19
C LEU C 288 -1.84 53.61 9.45
N GLY C 289 -2.65 54.26 8.61
CA GLY C 289 -3.61 53.59 7.74
C GLY C 289 -2.93 52.63 6.78
N GLY C 290 -1.68 52.97 6.41
CA GLY C 290 -0.82 52.15 5.59
C GLY C 290 -0.54 50.81 6.24
N VAL C 291 0.07 50.84 7.43
CA VAL C 291 0.39 49.64 8.22
C VAL C 291 -0.85 48.86 8.65
N LEU C 292 -1.93 49.57 9.00
CA LEU C 292 -3.19 48.92 9.37
C LEU C 292 -3.89 48.22 8.21
N ALA C 293 -3.72 48.75 6.99
CA ALA C 293 -4.18 48.06 5.78
C ALA C 293 -3.20 46.92 5.41
N LEU C 294 -1.93 47.11 5.77
CA LEU C 294 -0.87 46.15 5.49
C LEU C 294 -0.96 44.88 6.33
N ALA C 295 -1.28 45.05 7.62
CA ALA C 295 -1.52 43.93 8.52
C ALA C 295 -2.82 43.24 8.11
N PHE C 296 -3.86 44.04 7.81
CA PHE C 296 -5.16 43.51 7.38
C PHE C 296 -5.09 42.76 6.05
N SER C 297 -4.03 43.01 5.28
CA SER C 297 -3.76 42.32 4.01
C SER C 297 -3.59 40.79 4.14
N ILE C 298 -3.04 40.35 5.27
CA ILE C 298 -2.82 38.92 5.56
C ILE C 298 -3.77 38.42 6.65
N LEU C 299 -3.87 39.19 7.75
CA LEU C 299 -4.79 38.93 8.88
C LEU C 299 -6.27 38.71 8.48
N ILE C 300 -6.64 39.16 7.26
CA ILE C 300 -7.99 38.97 6.68
C ILE C 300 -8.37 37.50 6.52
N LEU C 301 -7.38 36.65 6.20
CA LEU C 301 -7.58 35.21 6.01
C LEU C 301 -8.20 34.53 7.23
N ALA C 302 -7.87 35.05 8.42
CA ALA C 302 -8.48 34.64 9.67
C ALA C 302 -10.00 34.97 9.78
N LEU C 303 -10.46 35.97 9.03
CA LEU C 303 -11.90 36.28 8.98
C LEU C 303 -12.69 35.44 7.97
N ILE C 304 -12.02 35.00 6.89
CA ILE C 304 -12.64 34.21 5.80
C ILE C 304 -13.66 33.07 6.22
N PRO C 305 -13.33 32.22 7.24
CA PRO C 305 -14.29 31.26 7.80
C PRO C 305 -15.59 31.89 8.34
N LEU C 306 -15.51 33.07 8.95
CA LEU C 306 -16.68 33.75 9.50
C LEU C 306 -17.50 34.45 8.41
N LEU C 307 -16.93 34.53 7.20
CA LEU C 307 -17.58 35.13 6.04
C LEU C 307 -18.03 34.07 5.01
N HIS C 308 -18.06 32.80 5.47
CA HIS C 308 -18.62 31.70 4.68
C HIS C 308 -20.13 31.72 4.86
N THR C 309 -20.82 31.74 3.73
CA THR C 309 -22.26 31.98 3.67
C THR C 309 -23.00 30.88 2.89
N SER C 310 -22.25 30.16 2.05
CA SER C 310 -22.77 29.10 1.21
C SER C 310 -23.22 27.86 1.98
N LYS C 311 -24.27 27.23 1.46
CA LYS C 311 -24.76 25.95 1.97
C LYS C 311 -23.82 24.78 1.57
N GLN C 312 -23.03 24.99 0.51
CA GLN C 312 -22.02 24.02 0.03
C GLN C 312 -20.61 24.45 0.50
N ARG C 313 -19.70 23.47 0.62
CA ARG C 313 -18.32 23.73 1.06
C ARG C 313 -17.48 24.32 -0.07
N SER C 314 -17.38 23.58 -1.17
CA SER C 314 -16.49 23.89 -2.27
C SER C 314 -17.09 24.87 -3.28
N MET C 315 -16.22 25.46 -4.09
CA MET C 315 -16.63 26.29 -5.21
C MET C 315 -16.91 25.49 -6.49
N MET C 316 -16.64 24.17 -6.44
CA MET C 316 -16.84 23.25 -7.57
C MET C 316 -18.20 23.38 -8.28
N PHE C 317 -19.26 23.56 -7.48
CA PHE C 317 -20.63 23.73 -7.96
C PHE C 317 -21.15 25.18 -7.76
N ARG C 318 -20.22 26.13 -7.71
CA ARG C 318 -20.55 27.53 -7.43
C ARG C 318 -19.96 28.53 -8.49
N PRO C 319 -20.68 28.73 -9.63
CA PRO C 319 -20.20 29.62 -10.72
C PRO C 319 -20.07 31.12 -10.38
N LEU C 320 -21.04 31.71 -9.67
CA LEU C 320 -20.95 33.11 -9.18
C LEU C 320 -19.65 33.31 -8.35
N SER C 321 -19.42 32.37 -7.40
CA SER C 321 -18.22 32.41 -6.52
C SER C 321 -16.91 32.11 -7.26
N GLN C 322 -16.99 31.30 -8.31
CA GLN C 322 -15.87 30.97 -9.18
C GLN C 322 -15.31 32.19 -9.93
N CYS C 323 -16.22 33.07 -10.36
CA CYS C 323 -15.85 34.28 -11.08
C CYS C 323 -15.22 35.29 -10.13
N LEU C 324 -15.85 35.45 -8.96
CA LEU C 324 -15.34 36.33 -7.91
C LEU C 324 -14.04 35.83 -7.27
N PHE C 325 -13.81 34.50 -7.33
CA PHE C 325 -12.52 33.93 -6.94
C PHE C 325 -11.44 34.35 -7.93
N TRP C 326 -11.65 34.08 -9.22
CA TRP C 326 -10.66 34.41 -10.24
C TRP C 326 -10.36 35.90 -10.36
N ALA C 327 -11.40 36.71 -10.07
CA ALA C 327 -11.27 38.17 -9.87
C ALA C 327 -10.24 38.49 -8.76
N LEU C 328 -10.28 37.74 -7.64
CA LEU C 328 -9.26 37.89 -6.55
C LEU C 328 -7.83 37.58 -6.99
N VAL C 329 -7.68 36.50 -7.76
CA VAL C 329 -6.36 36.07 -8.28
C VAL C 329 -5.81 37.10 -9.27
N ALA C 330 -6.66 37.52 -10.22
CA ALA C 330 -6.33 38.58 -11.20
C ALA C 330 -6.05 39.93 -10.53
N ASP C 331 -6.84 40.25 -9.49
CA ASP C 331 -6.67 41.49 -8.70
C ASP C 331 -5.35 41.52 -7.93
N LEU C 332 -4.96 40.36 -7.41
CA LEU C 332 -3.68 40.18 -6.75
C LEU C 332 -2.52 40.27 -7.74
N LEU C 333 -2.76 39.77 -8.96
CA LEU C 333 -1.80 39.89 -10.07
C LEU C 333 -1.67 41.33 -10.54
N THR C 334 -2.78 42.09 -10.43
CA THR C 334 -2.79 43.55 -10.69
C THR C 334 -1.95 44.27 -9.62
N LEU C 335 -2.19 43.95 -8.34
CA LEU C 335 -1.40 44.46 -7.21
C LEU C 335 0.09 44.08 -7.29
N THR C 336 0.37 42.88 -7.81
CA THR C 336 1.76 42.42 -8.06
C THR C 336 2.45 43.35 -9.09
N TRP C 337 1.76 43.57 -10.22
CA TRP C 337 2.23 44.44 -11.29
C TRP C 337 2.51 45.87 -10.78
N ILE C 338 1.52 46.45 -10.07
CA ILE C 338 1.61 47.82 -9.50
C ILE C 338 2.74 47.98 -8.45
N GLY C 339 2.96 46.93 -7.64
CA GLY C 339 4.05 46.90 -6.67
C GLY C 339 5.43 47.13 -7.26
N GLY C 340 5.68 46.52 -8.43
CA GLY C 340 6.94 46.67 -9.15
C GLY C 340 7.01 47.86 -10.11
N GLN C 341 6.04 48.77 -10.00
CA GLN C 341 5.97 50.00 -10.82
C GLN C 341 6.10 51.28 -9.94
N PRO C 342 6.67 52.38 -10.51
CA PRO C 342 6.73 53.69 -9.82
C PRO C 342 5.34 54.28 -9.45
N VAL C 343 5.35 55.28 -8.57
CA VAL C 343 4.12 55.87 -8.00
C VAL C 343 3.44 57.02 -8.86
N GLU C 344 3.81 57.11 -10.14
CA GLU C 344 3.26 58.16 -11.04
C GLU C 344 1.82 57.90 -11.57
N HIS C 345 1.34 58.84 -12.43
CA HIS C 345 -0.09 59.01 -12.82
C HIS C 345 -1.12 57.83 -12.89
N PRO C 346 -0.99 56.88 -13.87
CA PRO C 346 -2.02 55.82 -13.98
C PRO C 346 -1.95 54.80 -12.83
N TYR C 347 -0.74 54.61 -12.31
CA TYR C 347 -0.44 53.60 -11.32
C TYR C 347 -0.96 53.88 -9.90
N ILE C 348 -0.98 55.17 -9.50
CA ILE C 348 -1.55 55.59 -8.18
C ILE C 348 -3.04 55.26 -8.07
N THR C 349 -3.79 55.62 -9.13
CA THR C 349 -5.24 55.42 -9.16
C THR C 349 -5.60 53.93 -9.24
N ILE C 350 -5.14 53.25 -10.29
CA ILE C 350 -5.46 51.82 -10.47
C ILE C 350 -4.87 50.92 -9.37
N GLY C 351 -3.76 51.38 -8.77
CA GLY C 351 -3.16 50.75 -7.61
C GLY C 351 -4.09 50.74 -6.42
N GLN C 352 -4.58 51.91 -6.01
CA GLN C 352 -5.58 52.02 -4.92
C GLN C 352 -6.97 51.46 -5.27
N LEU C 353 -7.27 51.39 -6.57
CA LEU C 353 -8.50 50.77 -7.12
C LEU C 353 -8.47 49.27 -6.89
N ALA C 354 -7.34 48.64 -7.22
CA ALA C 354 -7.10 47.22 -6.95
C ALA C 354 -7.09 46.90 -5.45
N SER C 355 -6.51 47.84 -4.67
CA SER C 355 -6.41 47.75 -3.20
C SER C 355 -7.77 47.72 -2.50
N VAL C 356 -8.65 48.68 -2.83
CA VAL C 356 -10.04 48.69 -2.33
C VAL C 356 -10.85 47.45 -2.80
N LEU C 357 -10.58 46.98 -4.03
CA LEU C 357 -11.22 45.78 -4.59
C LEU C 357 -10.87 44.49 -3.83
N TYR C 358 -9.59 44.34 -3.46
CA TYR C 358 -9.12 43.17 -2.68
C TYR C 358 -9.95 42.99 -1.41
N PHE C 359 -10.11 44.08 -0.66
CA PHE C 359 -10.87 44.07 0.59
C PHE C 359 -12.37 43.97 0.40
N LEU C 360 -12.90 44.61 -0.65
CA LEU C 360 -14.32 44.50 -1.01
C LEU C 360 -14.70 43.08 -1.48
N LEU C 361 -13.79 42.44 -2.22
CA LEU C 361 -13.97 41.10 -2.75
C LEU C 361 -14.02 40.02 -1.64
N ILE C 362 -13.19 40.16 -0.61
CA ILE C 362 -13.18 39.22 0.51
C ILE C 362 -14.28 39.54 1.55
N LEU C 363 -14.40 40.81 1.94
CA LEU C 363 -15.30 41.22 3.01
C LEU C 363 -16.79 41.31 2.63
N VAL C 364 -17.09 41.68 1.37
CA VAL C 364 -18.48 42.00 0.95
C VAL C 364 -18.96 41.18 -0.26
N LEU C 365 -18.13 41.12 -1.32
CA LEU C 365 -18.53 40.56 -2.62
C LEU C 365 -18.72 39.04 -2.64
N MET C 366 -17.72 38.28 -2.19
CA MET C 366 -17.79 36.81 -2.11
C MET C 366 -18.84 36.27 -1.10
N PRO C 367 -19.00 36.90 0.10
CA PRO C 367 -20.12 36.56 1.00
C PRO C 367 -21.53 36.89 0.47
N THR C 368 -21.63 37.77 -0.51
CA THR C 368 -22.91 38.06 -1.14
C THR C 368 -23.25 37.01 -2.20
N ALA C 369 -22.25 36.63 -3.02
CA ALA C 369 -22.43 35.63 -4.09
C ALA C 369 -22.90 34.30 -3.54
N GLY C 370 -22.32 33.89 -2.41
CA GLY C 370 -22.69 32.67 -1.70
C GLY C 370 -24.13 32.66 -1.23
N THR C 371 -24.62 33.81 -0.77
CA THR C 371 -26.03 33.97 -0.35
C THR C 371 -26.98 33.85 -1.57
N ILE C 372 -26.66 34.56 -2.67
CA ILE C 372 -27.45 34.49 -3.93
C ILE C 372 -27.52 33.05 -4.51
N GLU C 373 -26.36 32.37 -4.52
CA GLU C 373 -26.24 31.00 -4.98
C GLU C 373 -27.12 30.03 -4.18
N ASN C 374 -27.27 30.31 -2.87
CA ASN C 374 -28.20 29.58 -2.00
C ASN C 374 -29.66 29.79 -2.42
N LYS C 375 -30.04 31.06 -2.68
CA LYS C 375 -31.41 31.43 -3.12
C LYS C 375 -31.79 30.77 -4.43
N LEU C 376 -30.79 30.63 -5.33
CA LEU C 376 -30.96 30.02 -6.66
C LEU C 376 -31.22 28.51 -6.61
N LEU C 377 -30.69 27.87 -5.56
CA LEU C 377 -30.95 26.44 -5.28
C LEU C 377 -32.15 26.21 -4.32
N LYS C 378 -32.84 27.30 -3.94
CA LYS C 378 -33.95 27.33 -2.96
C LYS C 378 -33.51 26.79 -1.58
N TRP C 379 -32.40 27.36 -1.08
CA TRP C 379 -31.65 26.84 0.08
C TRP C 379 -31.39 27.88 1.17
N SER D 1 16.35 64.81 -18.65
CA SER D 1 16.82 64.43 -17.28
C SER D 1 16.02 63.27 -16.68
N ASP D 2 14.71 63.22 -16.98
CA ASP D 2 13.80 62.16 -16.49
C ASP D 2 13.61 61.01 -17.47
N LEU D 3 13.36 61.34 -18.75
CA LEU D 3 13.17 60.35 -19.85
C LEU D 3 14.42 59.46 -20.04
N GLU D 4 14.19 58.23 -20.52
CA GLU D 4 15.27 57.23 -20.67
C GLU D 4 15.20 56.40 -21.97
N LEU D 5 16.32 55.72 -22.26
CA LEU D 5 16.42 54.74 -23.36
C LEU D 5 17.07 53.46 -22.82
N HIS D 6 16.47 52.32 -23.19
CA HIS D 6 16.97 51.00 -22.79
C HIS D 6 17.86 50.38 -23.89
N PRO D 7 18.94 49.67 -23.49
CA PRO D 7 19.82 48.99 -24.46
C PRO D 7 19.11 47.89 -25.31
N PRO D 8 19.53 47.68 -26.57
CA PRO D 8 19.02 46.57 -27.38
C PRO D 8 19.74 45.25 -27.04
N SER D 9 19.26 44.13 -27.61
CA SER D 9 19.87 42.82 -27.37
C SER D 9 20.91 42.44 -28.43
N TYR D 10 22.19 42.63 -28.06
CA TYR D 10 23.32 42.24 -28.90
C TYR D 10 23.50 40.70 -28.79
N PRO D 11 23.76 40.00 -29.92
CA PRO D 11 23.75 38.53 -29.92
C PRO D 11 25.04 37.90 -29.37
N TRP D 12 25.28 38.11 -28.05
CA TRP D 12 26.46 37.59 -27.34
C TRP D 12 26.61 36.08 -27.53
N SER D 13 27.87 35.63 -27.66
CA SER D 13 28.17 34.21 -27.87
C SER D 13 27.87 33.32 -26.64
N HIS D 14 27.51 33.94 -25.51
CA HIS D 14 27.21 33.27 -24.23
C HIS D 14 25.73 33.38 -23.77
N ARG D 15 25.04 34.43 -24.23
CA ARG D 15 23.60 34.61 -23.96
C ARG D 15 22.78 33.73 -24.91
N GLY D 16 22.25 32.66 -24.31
CA GLY D 16 21.61 31.55 -25.00
C GLY D 16 21.66 30.38 -24.04
N LEU D 17 20.56 29.63 -23.93
CA LEU D 17 20.36 28.61 -22.88
C LEU D 17 21.52 27.69 -22.51
N LEU D 18 22.25 27.21 -23.53
CA LEU D 18 23.40 26.31 -23.33
C LEU D 18 24.68 26.84 -23.96
N SER D 19 24.89 28.16 -23.87
CA SER D 19 26.01 28.84 -24.53
C SER D 19 27.13 29.28 -23.57
N SER D 20 28.27 28.62 -23.69
CA SER D 20 29.45 28.94 -22.88
C SER D 20 30.11 30.21 -23.39
N LEU D 21 30.80 30.89 -22.47
CA LEU D 21 31.52 32.12 -22.75
C LEU D 21 32.69 31.90 -23.70
N ASP D 22 32.91 32.88 -24.59
CA ASP D 22 34.09 32.92 -25.44
C ASP D 22 35.28 33.27 -24.55
N HIS D 23 36.10 32.25 -24.28
CA HIS D 23 37.29 32.36 -23.42
C HIS D 23 38.40 33.22 -24.03
N THR D 24 38.50 33.21 -25.36
CA THR D 24 39.43 34.07 -26.10
C THR D 24 38.99 35.54 -25.97
N SER D 25 37.67 35.77 -25.96
CA SER D 25 37.10 37.11 -25.77
C SER D 25 37.25 37.61 -24.32
N ILE D 26 37.23 36.66 -23.36
CA ILE D 26 37.53 36.95 -21.94
C ILE D 26 39.01 37.36 -21.81
N ARG D 27 39.89 36.56 -22.44
CA ARG D 27 41.34 36.79 -22.48
C ARG D 27 41.68 38.18 -23.00
N ARG D 28 41.15 38.50 -24.19
CA ARG D 28 41.28 39.82 -24.83
C ARG D 28 40.75 40.94 -23.91
N GLY D 29 39.62 40.65 -23.25
CA GLY D 29 38.96 41.57 -22.33
C GLY D 29 39.72 41.87 -21.06
N PHE D 30 40.48 40.88 -20.56
CA PHE D 30 41.38 41.08 -19.40
C PHE D 30 42.42 42.15 -19.72
N GLN D 31 42.99 42.07 -20.95
CA GLN D 31 43.94 43.07 -21.48
C GLN D 31 43.27 44.45 -21.56
N VAL D 32 42.01 44.47 -22.04
CA VAL D 32 41.17 45.71 -22.09
C VAL D 32 40.89 46.26 -20.67
N TYR D 33 40.89 45.39 -19.66
CA TYR D 33 40.84 45.84 -18.26
C TYR D 33 42.21 46.28 -17.73
N LYS D 34 43.27 45.57 -18.16
CA LYS D 34 44.65 45.73 -17.66
C LYS D 34 45.29 47.12 -17.84
N GLN D 35 45.11 47.71 -19.03
CA GLN D 35 45.69 49.03 -19.37
C GLN D 35 44.69 50.17 -19.14
N VAL D 36 43.46 49.98 -19.63
CA VAL D 36 42.44 51.02 -19.71
C VAL D 36 41.80 51.38 -18.34
N CYS D 37 41.04 50.45 -17.77
CA CYS D 37 40.18 50.70 -16.60
C CYS D 37 40.85 50.59 -15.23
N SER D 38 41.77 49.63 -15.08
CA SER D 38 42.44 49.29 -13.79
C SER D 38 43.06 50.45 -13.00
N SER D 39 43.40 51.54 -13.70
CA SER D 39 43.97 52.75 -13.09
C SER D 39 42.88 53.75 -12.60
N CYS D 40 41.61 53.35 -12.72
CA CYS D 40 40.45 54.18 -12.32
C CYS D 40 39.33 53.35 -11.69
N HIS D 41 39.26 52.08 -12.05
CA HIS D 41 38.19 51.16 -11.63
C HIS D 41 38.71 49.97 -10.83
N SER D 42 38.18 49.82 -9.61
CA SER D 42 38.55 48.71 -8.72
C SER D 42 37.85 47.39 -9.10
N MET D 43 38.53 46.27 -8.80
CA MET D 43 37.97 44.93 -8.99
C MET D 43 38.31 44.07 -7.75
N ASP D 44 37.80 44.55 -6.61
CA ASP D 44 38.13 44.01 -5.27
C ASP D 44 37.86 42.50 -5.03
N TYR D 45 37.05 41.88 -5.89
CA TYR D 45 36.62 40.48 -5.70
C TYR D 45 37.23 39.41 -6.64
N VAL D 46 38.02 39.86 -7.63
CA VAL D 46 38.71 38.95 -8.56
C VAL D 46 40.22 38.97 -8.31
N ALA D 47 40.81 37.78 -8.25
CA ALA D 47 42.26 37.61 -8.07
C ALA D 47 42.90 37.05 -9.36
N TYR D 48 44.24 37.00 -9.39
CA TYR D 48 45.00 36.47 -10.54
C TYR D 48 44.85 34.97 -10.71
N ARG D 49 44.72 34.27 -9.58
CA ARG D 49 44.46 32.81 -9.52
C ARG D 49 43.12 32.41 -10.15
N HIS D 50 42.14 33.33 -10.12
CA HIS D 50 40.82 33.15 -10.75
C HIS D 50 40.93 32.95 -12.27
N LEU D 51 41.93 33.58 -12.89
CA LEU D 51 42.17 33.50 -14.35
C LEU D 51 42.76 32.15 -14.80
N VAL D 52 43.40 31.43 -13.87
CA VAL D 52 44.11 30.15 -14.13
C VAL D 52 43.17 29.07 -14.68
N GLY D 53 43.58 28.47 -15.80
CA GLY D 53 42.82 27.41 -16.47
C GLY D 53 41.57 27.90 -17.18
N VAL D 54 41.34 29.21 -17.15
CA VAL D 54 40.16 29.83 -17.76
C VAL D 54 40.55 30.51 -19.08
N CYS D 55 41.34 31.60 -18.97
CA CYS D 55 41.80 32.38 -20.13
C CYS D 55 43.33 32.34 -20.30
N TYR D 56 44.05 32.03 -19.21
CA TYR D 56 45.52 31.94 -19.19
C TYR D 56 45.99 30.63 -18.53
N THR D 57 47.22 30.20 -18.86
CA THR D 57 47.88 29.07 -18.16
C THR D 57 48.37 29.53 -16.79
N GLU D 58 48.80 28.58 -15.96
CA GLU D 58 49.39 28.85 -14.64
C GLU D 58 50.63 29.76 -14.73
N ASP D 59 51.49 29.47 -15.73
CA ASP D 59 52.72 30.23 -15.99
C ASP D 59 52.42 31.67 -16.44
N GLU D 60 51.38 31.82 -17.27
CA GLU D 60 50.94 33.11 -17.80
C GLU D 60 50.39 34.03 -16.69
N ALA D 61 49.54 33.48 -15.83
CA ALA D 61 48.88 34.21 -14.73
C ALA D 61 49.85 34.66 -13.63
N LYS D 62 50.90 33.87 -13.40
CA LYS D 62 51.99 34.22 -12.48
C LYS D 62 52.77 35.44 -13.00
N ALA D 63 53.02 35.44 -14.32
CA ALA D 63 53.75 36.52 -15.02
C ALA D 63 53.00 37.85 -15.01
N LEU D 64 51.66 37.78 -15.09
CA LEU D 64 50.80 38.96 -15.04
C LEU D 64 50.67 39.52 -13.63
N ALA D 65 50.78 38.62 -12.64
CA ALA D 65 50.70 38.97 -11.21
C ALA D 65 51.92 39.75 -10.73
N GLU D 66 53.11 39.36 -11.23
CA GLU D 66 54.40 39.97 -10.88
C GLU D 66 54.56 41.43 -11.34
N GLU D 67 53.72 41.85 -12.29
CA GLU D 67 53.79 43.18 -12.92
C GLU D 67 53.34 44.39 -12.04
N VAL D 68 52.90 44.11 -10.81
CA VAL D 68 52.44 45.14 -9.87
C VAL D 68 53.14 45.09 -8.50
N GLU D 69 53.24 46.27 -7.86
CA GLU D 69 53.76 46.42 -6.49
C GLU D 69 52.60 46.33 -5.49
N VAL D 70 52.43 45.15 -4.89
CA VAL D 70 51.39 44.93 -3.87
C VAL D 70 51.95 45.04 -2.44
N GLN D 71 51.29 45.88 -1.63
CA GLN D 71 51.68 46.18 -0.25
C GLN D 71 51.48 44.96 0.66
N ASP D 72 52.60 44.33 1.03
CA ASP D 72 52.57 43.16 1.92
C ASP D 72 52.54 43.54 3.41
N GLY D 73 52.10 42.59 4.24
CA GLY D 73 51.89 42.77 5.67
C GLY D 73 53.14 42.95 6.53
N PRO D 74 53.01 42.72 7.86
CA PRO D 74 54.10 42.99 8.84
C PRO D 74 55.41 42.25 8.58
N ASN D 75 56.51 43.00 8.51
CA ASN D 75 57.86 42.45 8.39
C ASN D 75 58.47 42.14 9.78
N GLU D 76 59.76 41.79 9.80
CA GLU D 76 60.50 41.51 11.05
C GLU D 76 60.72 42.76 11.94
N ASP D 77 60.75 43.94 11.31
CA ASP D 77 61.03 45.22 11.99
C ASP D 77 59.78 45.95 12.56
N GLY D 78 58.68 45.90 11.80
CA GLY D 78 57.41 46.53 12.18
C GLY D 78 56.87 47.57 11.18
N GLU D 79 57.23 47.40 9.90
CA GLU D 79 56.84 48.33 8.82
C GLU D 79 56.32 47.55 7.60
N MET D 80 55.59 48.25 6.73
CA MET D 80 54.98 47.62 5.54
C MET D 80 55.84 47.84 4.29
N PHE D 81 56.24 46.72 3.67
CA PHE D 81 57.08 46.72 2.46
C PHE D 81 56.31 46.34 1.18
N MET D 82 56.94 46.52 0.02
CA MET D 82 56.35 46.15 -1.27
C MET D 82 57.10 44.99 -1.94
N ARG D 83 56.32 44.02 -2.45
CA ARG D 83 56.86 42.82 -3.13
C ARG D 83 56.14 42.56 -4.50
N PRO D 84 56.79 41.81 -5.43
CA PRO D 84 56.11 41.33 -6.65
C PRO D 84 54.91 40.45 -6.31
N GLY D 85 53.81 40.64 -7.06
CA GLY D 85 52.55 39.97 -6.81
C GLY D 85 52.54 38.46 -7.03
N LYS D 86 51.89 37.76 -6.10
CA LYS D 86 51.64 36.32 -6.20
C LYS D 86 50.23 36.10 -6.79
N LEU D 87 49.92 34.86 -7.17
CA LEU D 87 48.61 34.48 -7.75
C LEU D 87 47.42 34.79 -6.83
N SER D 88 47.66 34.62 -5.52
CA SER D 88 46.65 34.83 -4.46
C SER D 88 46.22 36.30 -4.23
N ASP D 89 46.96 37.24 -4.82
CA ASP D 89 46.66 38.67 -4.71
C ASP D 89 45.47 39.09 -5.55
N TYR D 90 44.67 40.01 -4.98
CA TYR D 90 43.53 40.62 -5.68
C TYR D 90 44.02 41.60 -6.76
N PHE D 91 43.11 41.95 -7.68
CA PHE D 91 43.38 42.96 -8.70
C PHE D 91 43.56 44.33 -8.02
N PRO D 92 44.64 45.06 -8.37
CA PRO D 92 45.08 46.25 -7.60
C PRO D 92 44.13 47.44 -7.72
N LYS D 93 43.77 48.01 -6.56
CA LYS D 93 42.86 49.15 -6.49
C LYS D 93 43.60 50.51 -6.61
N PRO D 94 43.19 51.35 -7.60
CA PRO D 94 43.86 52.64 -7.86
C PRO D 94 43.74 53.66 -6.73
N TYR D 95 42.63 53.60 -5.97
CA TYR D 95 42.38 54.52 -4.86
C TYR D 95 42.18 53.72 -3.55
N PRO D 96 43.10 53.90 -2.57
CA PRO D 96 42.98 53.23 -1.26
C PRO D 96 41.85 53.78 -0.38
N ASN D 97 41.47 55.04 -0.64
CA ASN D 97 40.40 55.77 0.09
C ASN D 97 39.17 55.97 -0.85
N PRO D 98 37.92 55.87 -0.32
CA PRO D 98 36.71 56.07 -1.14
C PRO D 98 36.56 57.50 -1.69
N GLU D 99 36.96 58.51 -0.90
CA GLU D 99 36.89 59.93 -1.30
C GLU D 99 38.07 60.36 -2.21
N ALA D 100 39.12 59.53 -2.27
CA ALA D 100 40.28 59.73 -3.16
C ALA D 100 39.93 59.50 -4.63
N ALA D 101 38.87 58.71 -4.88
CA ALA D 101 38.34 58.51 -6.22
C ALA D 101 37.62 59.76 -6.75
N ARG D 102 37.00 60.51 -5.82
CA ARG D 102 36.24 61.73 -6.13
C ARG D 102 37.16 62.86 -6.62
N ALA D 103 38.16 63.22 -5.81
CA ALA D 103 39.11 64.32 -6.10
C ALA D 103 40.06 64.05 -7.29
N ALA D 104 40.37 62.78 -7.55
CA ALA D 104 41.26 62.38 -8.64
C ALA D 104 40.54 61.91 -9.94
N ASN D 105 39.22 62.09 -9.99
CA ASN D 105 38.43 61.90 -11.21
C ASN D 105 37.62 63.16 -11.58
N ASN D 106 36.42 63.31 -10.98
CA ASN D 106 35.50 64.42 -11.29
C ASN D 106 34.76 65.00 -10.07
N GLY D 107 34.75 64.24 -8.98
CA GLY D 107 33.89 64.50 -7.83
C GLY D 107 32.92 63.35 -7.70
N ALA D 108 32.54 62.77 -8.85
CA ALA D 108 31.70 61.56 -8.93
C ALA D 108 32.57 60.30 -8.74
N LEU D 109 31.95 59.26 -8.15
CA LEU D 109 32.65 58.01 -7.82
C LEU D 109 32.52 56.93 -8.92
N PRO D 110 33.66 56.47 -9.49
CA PRO D 110 33.66 55.27 -10.36
C PRO D 110 33.46 53.96 -9.56
N PRO D 111 32.34 53.23 -9.79
CA PRO D 111 32.01 52.01 -9.01
C PRO D 111 32.89 50.81 -9.37
N ASP D 112 32.97 49.86 -8.43
CA ASP D 112 33.76 48.62 -8.60
C ASP D 112 33.30 47.81 -9.81
N LEU D 113 34.26 47.31 -10.60
CA LEU D 113 33.96 46.55 -11.82
C LEU D 113 33.69 45.05 -11.67
N SER D 114 34.11 44.46 -10.54
CA SER D 114 33.66 43.12 -10.16
C SER D 114 32.18 43.27 -9.78
N TYR D 115 31.32 42.48 -10.44
CA TYR D 115 29.84 42.62 -10.40
C TYR D 115 29.41 43.98 -10.97
N ILE D 116 29.22 44.03 -12.29
CA ILE D 116 28.69 45.22 -12.98
C ILE D 116 27.64 44.88 -14.05
N VAL D 117 27.82 43.72 -14.70
CA VAL D 117 26.83 43.20 -15.67
C VAL D 117 25.64 42.50 -14.96
N ARG D 118 25.70 42.49 -13.62
CA ARG D 118 24.65 41.96 -12.77
C ARG D 118 24.13 43.04 -11.81
N ALA D 119 24.84 44.18 -11.79
CA ALA D 119 24.52 45.32 -10.92
C ALA D 119 23.78 46.47 -11.65
N ARG D 120 23.76 46.40 -12.99
CA ARG D 120 23.02 47.37 -13.81
C ARG D 120 22.09 46.65 -14.77
N HIS D 121 20.85 47.14 -14.85
CA HIS D 121 19.81 46.61 -15.74
C HIS D 121 20.23 46.59 -17.21
N GLY D 122 19.95 45.47 -17.89
CA GLY D 122 20.39 45.25 -19.27
C GLY D 122 21.64 44.40 -19.34
N GLY D 123 22.42 44.43 -18.26
CA GLY D 123 23.63 43.63 -18.11
C GLY D 123 24.79 44.16 -18.91
N GLU D 124 25.41 43.25 -19.68
CA GLU D 124 26.52 43.60 -20.59
C GLU D 124 26.09 44.45 -21.78
N ASP D 125 24.82 44.29 -22.19
CA ASP D 125 24.21 45.09 -23.26
C ASP D 125 24.26 46.59 -22.92
N TYR D 126 23.92 46.93 -21.67
CA TYR D 126 23.95 48.31 -21.16
C TYR D 126 25.36 48.90 -21.16
N VAL D 127 26.32 48.17 -20.59
CA VAL D 127 27.72 48.61 -20.52
C VAL D 127 28.32 48.77 -21.93
N PHE D 128 28.03 47.81 -22.83
CA PHE D 128 28.40 47.90 -24.26
C PHE D 128 27.80 49.14 -24.93
N SER D 129 26.51 49.39 -24.68
CA SER D 129 25.80 50.54 -25.25
C SER D 129 26.23 51.89 -24.65
N LEU D 130 26.57 51.91 -23.35
CA LEU D 130 27.10 53.11 -22.68
C LEU D 130 28.47 53.52 -23.24
N LEU D 131 29.32 52.51 -23.50
CA LEU D 131 30.62 52.73 -24.13
C LEU D 131 30.44 53.11 -25.62
N THR D 132 29.81 52.22 -26.38
CA THR D 132 29.60 52.38 -27.83
C THR D 132 28.83 53.66 -28.24
N GLY D 133 27.77 53.98 -27.49
CA GLY D 133 26.87 55.08 -27.84
C GLY D 133 27.18 56.45 -27.27
N TYR D 134 28.47 56.74 -27.08
CA TYR D 134 28.93 58.06 -26.65
C TYR D 134 28.75 59.07 -27.81
N CYS D 135 27.88 60.06 -27.58
CA CYS D 135 27.54 61.05 -28.62
C CYS D 135 27.44 62.51 -28.11
N GLU D 136 27.33 63.45 -29.06
CA GLU D 136 27.28 64.90 -28.79
C GLU D 136 25.89 65.35 -28.28
N PRO D 137 25.85 66.27 -27.29
CA PRO D 137 24.58 66.73 -26.69
C PRO D 137 23.62 67.47 -27.66
N PRO D 138 22.29 67.22 -27.57
CA PRO D 138 21.31 67.98 -28.37
C PRO D 138 21.11 69.40 -27.82
N THR D 139 20.65 70.31 -28.69
CA THR D 139 20.46 71.73 -28.33
C THR D 139 19.42 71.97 -27.24
N GLY D 140 19.63 73.04 -26.46
CA GLY D 140 18.82 73.38 -25.30
C GLY D 140 19.43 72.88 -24.00
N VAL D 141 20.16 71.77 -24.08
CA VAL D 141 20.83 71.17 -22.93
C VAL D 141 22.34 71.39 -23.04
N SER D 142 22.84 72.21 -22.11
CA SER D 142 24.28 72.45 -21.96
C SER D 142 24.90 71.30 -21.16
N LEU D 143 25.98 70.74 -21.71
CA LEU D 143 26.64 69.54 -21.15
C LEU D 143 27.34 69.74 -19.79
N ARG D 144 27.98 70.92 -19.60
CA ARG D 144 28.89 71.24 -18.46
C ARG D 144 30.08 70.26 -18.40
N GLU D 145 31.26 70.74 -18.85
CA GLU D 145 32.44 69.87 -19.09
C GLU D 145 33.16 69.20 -17.88
N GLY D 146 32.37 68.95 -16.82
CA GLY D 146 32.73 68.05 -15.74
C GLY D 146 31.84 66.81 -15.82
N LEU D 147 30.82 66.89 -16.69
CA LEU D 147 29.86 65.81 -16.95
C LEU D 147 29.65 65.65 -18.48
N TYR D 148 30.25 64.58 -19.03
CA TYR D 148 30.14 64.22 -20.46
C TYR D 148 28.72 63.73 -20.80
N PHE D 149 28.37 63.75 -22.09
CA PHE D 149 27.03 63.31 -22.54
C PHE D 149 26.96 61.85 -22.97
N ASN D 150 25.97 61.14 -22.41
CA ASN D 150 25.58 59.79 -22.82
C ASN D 150 24.07 59.56 -22.69
N PRO D 151 23.42 59.07 -23.78
CA PRO D 151 21.97 58.78 -23.76
C PRO D 151 21.59 57.59 -22.85
N TYR D 152 22.46 56.59 -22.78
CA TYR D 152 22.23 55.37 -22.00
C TYR D 152 22.33 55.58 -20.49
N PHE D 153 23.05 56.62 -20.08
CA PHE D 153 23.16 57.01 -18.67
C PHE D 153 21.80 57.54 -18.14
N PRO D 154 21.37 57.07 -16.95
CA PRO D 154 20.04 57.41 -16.40
C PRO D 154 19.69 58.90 -16.31
N GLY D 155 20.68 59.75 -15.95
CA GLY D 155 20.47 61.19 -15.82
C GLY D 155 20.96 62.03 -16.99
N GLN D 156 21.45 61.35 -18.05
CA GLN D 156 22.05 61.95 -19.27
C GLN D 156 23.39 62.70 -19.12
N ALA D 157 23.86 62.86 -17.87
CA ALA D 157 25.14 63.50 -17.54
C ALA D 157 26.08 62.56 -16.74
N ILE D 158 27.10 62.05 -17.44
CA ILE D 158 28.08 61.07 -16.89
C ILE D 158 29.49 61.70 -16.73
N GLY D 159 30.07 61.56 -15.54
CA GLY D 159 31.41 62.07 -15.23
C GLY D 159 32.58 61.35 -15.93
N MET D 160 32.31 60.16 -16.48
CA MET D 160 33.31 59.37 -17.19
C MET D 160 33.59 59.95 -18.58
N ALA D 161 34.87 60.18 -18.86
CA ALA D 161 35.36 60.50 -20.21
C ALA D 161 35.48 59.16 -20.97
N PRO D 162 34.98 59.10 -22.24
CA PRO D 162 35.01 57.86 -23.05
C PRO D 162 36.44 57.28 -23.21
N PRO D 163 36.74 56.13 -22.59
CA PRO D 163 38.07 55.51 -22.68
C PRO D 163 38.14 54.40 -23.77
N ILE D 164 37.14 54.43 -24.66
CA ILE D 164 36.96 53.48 -25.74
C ILE D 164 37.08 54.22 -27.05
N TYR D 165 38.28 54.14 -27.63
CA TYR D 165 38.57 54.71 -28.95
C TYR D 165 39.45 53.75 -29.72
N ASN D 166 39.30 53.74 -31.04
CA ASN D 166 40.05 52.86 -31.96
C ASN D 166 41.53 52.72 -31.56
N GLU D 167 41.89 51.49 -31.18
CA GLU D 167 43.26 51.10 -30.75
C GLU D 167 43.79 51.70 -29.44
N VAL D 168 43.50 51.01 -28.33
CA VAL D 168 44.18 51.22 -27.05
C VAL D 168 44.85 49.89 -26.73
N LEU D 169 46.06 49.73 -27.28
CA LEU D 169 46.85 48.47 -27.27
C LEU D 169 46.29 47.33 -28.16
N GLU D 170 47.18 46.40 -28.51
CA GLU D 170 46.85 45.25 -29.36
C GLU D 170 46.86 43.92 -28.58
N PHE D 171 46.48 42.85 -29.28
CA PHE D 171 46.37 41.51 -28.69
C PHE D 171 47.41 40.58 -29.33
N ASP D 172 47.72 39.46 -28.65
CA ASP D 172 48.61 38.40 -29.19
C ASP D 172 47.99 37.76 -30.44
N ASP D 173 46.66 37.58 -30.42
CA ASP D 173 45.87 37.24 -31.60
C ASP D 173 45.89 38.46 -32.53
N GLY D 174 45.97 38.21 -33.85
CA GLY D 174 45.98 39.27 -34.85
C GLY D 174 44.62 39.93 -35.02
N THR D 175 44.13 40.55 -33.93
CA THR D 175 42.79 41.12 -33.85
C THR D 175 42.83 42.67 -33.85
N PRO D 176 42.08 43.30 -34.79
CA PRO D 176 41.99 44.77 -34.85
C PRO D 176 41.22 45.33 -33.66
N ALA D 177 41.85 46.26 -32.94
CA ALA D 177 41.28 46.86 -31.72
C ALA D 177 40.34 48.06 -32.01
N THR D 178 39.29 47.79 -32.79
CA THR D 178 38.25 48.78 -33.12
C THR D 178 37.38 49.04 -31.89
N MET D 179 36.71 50.20 -31.86
CA MET D 179 35.85 50.61 -30.71
C MET D 179 34.87 49.53 -30.26
N SER D 180 34.18 48.91 -31.24
CA SER D 180 33.24 47.81 -31.00
C SER D 180 33.90 46.55 -30.45
N GLN D 181 35.05 46.17 -31.03
CA GLN D 181 35.83 44.99 -30.59
C GLN D 181 36.51 45.20 -29.25
N VAL D 182 36.88 46.45 -28.96
CA VAL D 182 37.40 46.86 -27.64
C VAL D 182 36.28 46.77 -26.58
N ALA D 183 35.09 47.31 -26.91
CA ALA D 183 33.92 47.32 -26.00
C ALA D 183 33.26 45.94 -25.74
N LYS D 184 33.25 45.08 -26.77
CA LYS D 184 32.69 43.71 -26.68
C LYS D 184 33.52 42.86 -25.72
N ASP D 185 34.85 42.91 -25.88
CA ASP D 185 35.79 42.11 -25.12
C ASP D 185 35.76 42.36 -23.63
N VAL D 186 35.66 43.64 -23.20
CA VAL D 186 35.48 43.98 -21.77
C VAL D 186 34.17 43.43 -21.24
N CYS D 187 33.09 43.59 -22.02
CA CYS D 187 31.76 43.12 -21.64
C CYS D 187 31.67 41.59 -21.52
N THR D 188 32.36 40.87 -22.42
CA THR D 188 32.46 39.39 -22.36
C THR D 188 33.37 38.93 -21.21
N PHE D 189 34.29 39.80 -20.79
CA PHE D 189 35.14 39.56 -19.63
C PHE D 189 34.42 39.90 -18.33
N LEU D 190 33.67 41.02 -18.32
CA LEU D 190 32.90 41.46 -17.14
C LEU D 190 31.74 40.50 -16.78
N ARG D 191 31.28 39.72 -17.78
CA ARG D 191 30.33 38.62 -17.57
C ARG D 191 30.93 37.55 -16.69
N TRP D 192 32.19 37.21 -16.99
CA TRP D 192 32.98 36.28 -16.21
C TRP D 192 33.38 36.89 -14.86
N ALA D 193 33.57 38.21 -14.83
CA ALA D 193 33.92 38.96 -13.61
C ALA D 193 32.71 39.27 -12.70
N ALA D 194 31.57 38.65 -13.03
CA ALA D 194 30.35 38.73 -12.23
C ALA D 194 29.73 37.35 -12.05
N GLU D 195 29.95 36.49 -13.04
CA GLU D 195 29.41 35.12 -13.06
C GLU D 195 30.51 34.13 -13.59
N PRO D 196 31.50 33.76 -12.74
CA PRO D 196 32.54 32.78 -13.14
C PRO D 196 31.95 31.38 -13.39
N GLU D 197 30.91 31.04 -12.62
CA GLU D 197 30.22 29.76 -12.69
C GLU D 197 29.46 29.50 -14.01
N HIS D 198 29.25 30.58 -14.79
CA HIS D 198 28.51 30.58 -16.08
C HIS D 198 28.57 29.26 -16.88
N ASP D 199 29.79 28.89 -17.31
CA ASP D 199 30.04 27.69 -18.10
C ASP D 199 29.59 26.39 -17.41
N HIS D 200 29.89 26.29 -16.11
CA HIS D 200 29.53 25.13 -15.29
C HIS D 200 28.01 24.97 -15.10
N ARG D 201 27.32 26.08 -14.83
CA ARG D 201 25.86 26.05 -14.67
C ARG D 201 25.10 25.70 -15.96
N LYS D 202 25.61 26.14 -17.12
CA LYS D 202 25.05 25.75 -18.42
C LYS D 202 25.26 24.26 -18.70
N ARG D 203 26.39 23.73 -18.21
CA ARG D 203 26.75 22.33 -18.37
C ARG D 203 25.83 21.42 -17.56
N MET D 204 25.75 21.69 -16.24
CA MET D 204 24.89 20.90 -15.33
C MET D 204 23.41 21.13 -15.65
N GLY D 205 23.10 22.32 -16.18
CA GLY D 205 21.75 22.66 -16.66
C GLY D 205 21.26 21.78 -17.80
N LEU D 206 22.18 21.43 -18.72
CA LEU D 206 21.91 20.46 -19.80
C LEU D 206 21.68 19.08 -19.22
N LYS D 207 22.50 18.73 -18.24
CA LYS D 207 22.41 17.45 -17.51
C LYS D 207 21.09 17.36 -16.72
N MET D 208 20.69 18.50 -16.12
CA MET D 208 19.39 18.66 -15.43
C MET D 208 18.23 18.39 -16.39
N LEU D 209 18.22 19.06 -17.55
CA LEU D 209 17.18 18.89 -18.56
C LEU D 209 17.14 17.47 -19.15
N LEU D 210 18.32 16.91 -19.48
CA LEU D 210 18.44 15.54 -20.03
C LEU D 210 18.03 14.44 -19.03
N MET D 211 18.28 14.70 -17.74
CA MET D 211 17.87 13.78 -16.66
C MET D 211 16.38 13.82 -16.41
N MET D 212 15.84 15.05 -16.30
CA MET D 212 14.40 15.28 -16.08
C MET D 212 13.57 14.77 -17.23
N GLY D 213 14.10 14.86 -18.45
CA GLY D 213 13.48 14.32 -19.64
C GLY D 213 13.40 12.81 -19.65
N LEU D 214 14.32 12.17 -18.94
CA LEU D 214 14.28 10.72 -18.71
C LEU D 214 13.46 10.36 -17.46
N LEU D 215 13.60 11.15 -16.38
CA LEU D 215 12.93 10.88 -15.10
C LEU D 215 11.46 11.26 -15.00
N LEU D 216 11.08 12.43 -15.55
CA LEU D 216 9.67 12.89 -15.54
C LEU D 216 8.65 11.87 -16.11
N PRO D 217 8.87 11.32 -17.33
CA PRO D 217 7.93 10.31 -17.88
C PRO D 217 7.98 9.01 -17.08
N LEU D 218 9.16 8.68 -16.54
CA LEU D 218 9.37 7.45 -15.79
C LEU D 218 8.67 7.42 -14.44
N VAL D 219 8.77 8.51 -13.65
CA VAL D 219 8.03 8.64 -12.38
C VAL D 219 6.51 8.75 -12.64
N TYR D 220 6.14 9.44 -13.74
CA TYR D 220 4.76 9.51 -14.23
C TYR D 220 4.19 8.12 -14.46
N ALA D 221 4.95 7.27 -15.20
CA ALA D 221 4.56 5.88 -15.48
C ALA D 221 4.47 5.00 -14.22
N MET D 222 5.31 5.29 -13.23
CA MET D 222 5.27 4.63 -11.91
C MET D 222 3.96 4.95 -11.19
N LYS D 223 3.62 6.26 -11.14
CA LYS D 223 2.39 6.77 -10.53
C LYS D 223 1.15 6.29 -11.26
N ARG D 224 1.20 6.33 -12.59
CA ARG D 224 0.14 5.85 -13.46
C ARG D 224 -0.14 4.32 -13.31
N HIS D 225 0.94 3.57 -13.04
CA HIS D 225 0.89 2.10 -12.81
C HIS D 225 0.11 1.78 -11.52
N LYS D 226 0.54 2.38 -10.41
CA LYS D 226 -0.08 2.20 -9.11
C LYS D 226 -1.54 2.72 -9.11
N TRP D 227 -1.78 3.82 -9.81
CA TRP D 227 -3.11 4.45 -9.84
C TRP D 227 -4.13 3.76 -10.78
N SER D 228 -3.63 2.89 -11.67
CA SER D 228 -4.49 2.15 -12.61
C SER D 228 -5.49 1.22 -11.92
N VAL D 229 -5.16 0.79 -10.69
CA VAL D 229 -6.05 0.04 -9.78
C VAL D 229 -7.34 0.83 -9.48
N LEU D 230 -7.19 2.13 -9.23
CA LEU D 230 -8.35 3.01 -9.04
C LEU D 230 -8.96 3.52 -10.38
N LYS D 231 -8.13 3.85 -11.36
CA LYS D 231 -8.60 4.44 -12.63
C LYS D 231 -9.52 3.52 -13.47
N SER D 232 -9.28 2.21 -13.38
CA SER D 232 -10.07 1.21 -14.11
C SER D 232 -11.12 0.50 -13.23
N ARG D 233 -11.11 0.80 -11.92
CA ARG D 233 -12.09 0.23 -10.98
C ARG D 233 -13.53 0.50 -11.41
N LYS D 234 -14.37 -0.52 -11.25
CA LYS D 234 -15.77 -0.42 -11.67
C LYS D 234 -16.69 -0.57 -10.47
N LEU D 235 -17.71 0.30 -10.42
CA LEU D 235 -18.71 0.28 -9.35
C LEU D 235 -20.02 -0.31 -9.79
N ALA D 236 -20.63 -1.05 -8.88
CA ALA D 236 -21.98 -1.57 -9.04
C ALA D 236 -22.70 -1.42 -7.71
N TYR D 237 -23.91 -0.89 -7.78
CA TYR D 237 -24.77 -0.72 -6.61
C TYR D 237 -25.89 -1.73 -6.63
N ARG D 238 -25.94 -2.57 -5.61
CA ARG D 238 -26.95 -3.61 -5.56
C ARG D 238 -27.85 -3.60 -4.29
N PRO D 239 -28.78 -2.63 -4.17
CA PRO D 239 -29.65 -2.53 -2.97
C PRO D 239 -30.69 -3.69 -2.93
N PRO D 240 -31.17 -4.11 -1.73
CA PRO D 240 -32.08 -5.25 -1.63
C PRO D 240 -33.43 -5.01 -2.29
N LYS D 241 -34.03 -6.11 -2.75
CA LYS D 241 -35.33 -6.18 -3.49
C LYS D 241 -36.10 -4.86 -3.66
N SER E 1 -28.43 -16.12 -7.44
CA SER E 1 -28.97 -14.73 -7.36
C SER E 1 -27.88 -13.72 -7.08
N HIS E 2 -26.91 -14.10 -6.23
CA HIS E 2 -25.60 -13.44 -6.20
C HIS E 2 -24.75 -13.94 -7.42
N THR E 3 -25.30 -14.95 -8.10
CA THR E 3 -24.70 -15.58 -9.29
C THR E 3 -24.95 -14.79 -10.60
N ASP E 4 -25.77 -13.73 -10.50
CA ASP E 4 -25.93 -12.74 -11.58
C ASP E 4 -24.69 -11.83 -11.68
N ILE E 5 -24.04 -11.59 -10.53
CA ILE E 5 -22.82 -10.75 -10.44
C ILE E 5 -21.69 -11.31 -11.33
N LYS E 6 -21.60 -10.71 -12.51
CA LYS E 6 -20.49 -10.92 -13.43
C LYS E 6 -19.53 -9.74 -13.29
N VAL E 7 -18.24 -10.02 -13.47
CA VAL E 7 -17.19 -8.97 -13.47
C VAL E 7 -17.20 -8.25 -14.83
N PRO E 8 -17.33 -6.91 -14.83
CA PRO E 8 -17.32 -6.10 -16.07
C PRO E 8 -16.11 -6.35 -16.97
N ASP E 9 -16.30 -6.19 -18.28
CA ASP E 9 -15.25 -6.41 -19.27
C ASP E 9 -14.12 -5.40 -19.13
N PHE E 10 -12.90 -5.92 -18.95
CA PHE E 10 -11.69 -5.10 -18.75
C PHE E 10 -10.75 -5.09 -19.96
N SER E 11 -11.21 -5.66 -21.10
CA SER E 11 -10.42 -5.77 -22.34
C SER E 11 -9.91 -4.42 -22.84
N ASP E 12 -10.68 -3.38 -22.52
CA ASP E 12 -10.35 -1.98 -22.80
C ASP E 12 -9.09 -1.49 -22.10
N TYR E 13 -8.86 -1.98 -20.89
CA TYR E 13 -7.73 -1.58 -20.06
C TYR E 13 -6.58 -2.61 -20.04
N ARG E 14 -6.87 -3.83 -20.52
CA ARG E 14 -5.93 -4.95 -20.50
C ARG E 14 -4.71 -4.75 -21.38
N ARG E 15 -3.55 -5.18 -20.86
CA ARG E 15 -2.30 -5.26 -21.64
C ARG E 15 -2.52 -6.30 -22.77
N PRO E 16 -1.93 -6.07 -23.98
CA PRO E 16 -2.17 -6.95 -25.16
C PRO E 16 -1.93 -8.45 -24.92
N GLU E 17 -1.00 -8.77 -24.02
CA GLU E 17 -0.64 -10.16 -23.69
C GLU E 17 -1.68 -10.85 -22.76
N VAL E 18 -2.59 -10.03 -22.19
CA VAL E 18 -3.65 -10.46 -21.24
C VAL E 18 -5.05 -10.32 -21.91
N LEU E 19 -5.09 -10.25 -23.24
CA LEU E 19 -6.34 -10.09 -23.98
C LEU E 19 -7.11 -11.40 -24.21
N ASP E 20 -6.37 -12.49 -24.43
CA ASP E 20 -6.95 -13.79 -24.78
C ASP E 20 -7.47 -14.56 -23.55
N SER E 21 -8.75 -14.98 -23.63
CA SER E 21 -9.38 -15.85 -22.62
C SER E 21 -8.81 -17.28 -22.67
N THR E 22 -8.45 -17.71 -23.88
CA THR E 22 -7.84 -19.04 -24.14
C THR E 22 -6.41 -19.13 -23.61
N LYS E 23 -5.68 -18.01 -23.64
CA LYS E 23 -4.25 -17.96 -23.29
C LYS E 23 -4.02 -17.74 -21.79
N SER E 24 -3.19 -18.62 -21.19
CA SER E 24 -2.76 -18.50 -19.81
C SER E 24 -1.93 -17.22 -19.62
N SER E 25 -2.21 -16.52 -18.52
CA SER E 25 -1.53 -15.27 -18.19
C SER E 25 -0.12 -15.49 -17.65
N LYS E 26 0.19 -16.74 -17.25
CA LYS E 26 1.52 -17.14 -16.75
C LYS E 26 2.65 -16.95 -17.79
N GLU E 27 2.29 -17.17 -19.06
CA GLU E 27 3.23 -17.11 -20.19
C GLU E 27 3.75 -15.70 -20.49
N SER E 28 3.13 -14.69 -19.87
CA SER E 28 3.50 -13.28 -20.02
C SER E 28 3.73 -12.54 -18.68
N SER E 29 3.54 -13.26 -17.55
CA SER E 29 3.72 -12.70 -16.19
C SER E 29 5.11 -12.17 -15.92
N GLU E 30 6.12 -12.88 -16.46
CA GLU E 30 7.54 -12.52 -16.36
C GLU E 30 7.84 -11.25 -17.16
N ALA E 31 7.37 -11.23 -18.42
CA ALA E 31 7.54 -10.10 -19.34
C ALA E 31 6.83 -8.82 -18.87
N ARG E 32 5.69 -8.99 -18.20
CA ARG E 32 4.90 -7.86 -17.75
C ARG E 32 5.44 -7.25 -16.47
N LYS E 33 5.79 -8.12 -15.49
CA LYS E 33 6.48 -7.70 -14.24
C LYS E 33 7.84 -7.11 -14.61
N GLY E 34 8.51 -7.75 -15.58
CA GLY E 34 9.79 -7.32 -16.14
C GLY E 34 9.78 -5.89 -16.65
N PHE E 35 8.80 -5.56 -17.48
CA PHE E 35 8.65 -4.20 -18.05
C PHE E 35 8.45 -3.16 -16.94
N SER E 36 7.42 -3.37 -16.10
CA SER E 36 7.07 -2.46 -15.00
C SER E 36 8.20 -2.25 -13.97
N TYR E 37 8.98 -3.31 -13.70
CA TYR E 37 10.12 -3.23 -12.78
C TYR E 37 11.36 -2.60 -13.41
N LEU E 38 11.54 -2.79 -14.73
CA LEU E 38 12.62 -2.13 -15.47
C LEU E 38 12.48 -0.62 -15.41
N VAL E 39 11.22 -0.15 -15.48
CA VAL E 39 10.85 1.27 -15.30
C VAL E 39 11.30 1.73 -13.89
N THR E 40 11.04 0.88 -12.88
CA THR E 40 11.45 1.15 -11.48
C THR E 40 12.98 1.20 -11.31
N ALA E 41 13.67 0.18 -11.86
CA ALA E 41 15.13 0.07 -11.81
C ALA E 41 15.81 1.31 -12.42
N THR E 42 15.40 1.66 -13.65
CA THR E 42 15.85 2.86 -14.38
C THR E 42 15.53 4.16 -13.62
N THR E 43 14.33 4.25 -13.02
CA THR E 43 13.95 5.40 -12.16
C THR E 43 14.97 5.59 -11.03
N THR E 44 15.26 4.49 -10.32
CA THR E 44 16.21 4.49 -9.20
C THR E 44 17.62 4.84 -9.67
N VAL E 45 18.01 4.26 -10.82
CA VAL E 45 19.33 4.50 -11.44
C VAL E 45 19.53 6.00 -11.76
N GLY E 46 18.48 6.63 -12.31
CA GLY E 46 18.47 8.06 -12.60
C GLY E 46 18.52 8.95 -11.37
N VAL E 47 17.74 8.56 -10.34
CA VAL E 47 17.68 9.29 -9.05
C VAL E 47 19.01 9.14 -8.29
N ALA E 48 19.60 7.93 -8.35
CA ALA E 48 20.89 7.62 -7.70
C ALA E 48 22.01 8.46 -8.28
N TYR E 49 21.98 8.68 -9.61
CA TYR E 49 22.92 9.57 -10.31
C TYR E 49 22.79 10.97 -9.74
N ALA E 50 21.54 11.45 -9.65
CA ALA E 50 21.20 12.81 -9.20
C ALA E 50 21.55 13.06 -7.74
N ALA E 51 21.14 12.13 -6.87
CA ALA E 51 21.34 12.24 -5.42
C ALA E 51 22.82 12.23 -5.05
N LYS E 52 23.60 11.39 -5.74
CA LYS E 52 25.06 11.33 -5.59
C LYS E 52 25.66 12.74 -5.79
N ASN E 53 25.30 13.37 -6.92
CA ASN E 53 25.83 14.68 -7.30
C ASN E 53 25.58 15.80 -6.29
N VAL E 54 24.31 15.96 -5.85
CA VAL E 54 23.94 16.98 -4.83
C VAL E 54 24.57 16.68 -3.48
N VAL E 55 24.57 15.40 -3.09
CA VAL E 55 25.24 14.96 -1.85
C VAL E 55 26.76 15.27 -1.91
N SER E 56 27.40 15.00 -3.08
CA SER E 56 28.83 15.28 -3.32
C SER E 56 29.15 16.78 -3.29
N GLN E 57 28.28 17.57 -3.96
CA GLN E 57 28.42 19.03 -4.03
C GLN E 57 28.33 19.72 -2.67
N PHE E 58 27.43 19.24 -1.81
CA PHE E 58 27.30 19.72 -0.44
C PHE E 58 28.49 19.25 0.42
N VAL E 59 28.99 18.04 0.12
CA VAL E 59 30.18 17.48 0.77
C VAL E 59 31.45 18.29 0.40
N SER E 60 31.58 18.61 -0.89
CA SER E 60 32.72 19.41 -1.42
C SER E 60 32.79 20.84 -0.86
N SER E 61 31.61 21.42 -0.56
CA SER E 61 31.47 22.77 0.03
C SER E 61 32.08 22.91 1.44
N MET E 62 32.60 21.80 1.94
CA MET E 62 33.23 21.73 3.24
C MET E 62 34.73 21.44 3.14
N SER E 63 35.14 20.74 2.07
CA SER E 63 36.50 20.18 1.97
C SER E 63 37.64 21.13 1.61
N ALA E 64 37.36 22.08 0.71
CA ALA E 64 38.42 22.99 0.22
C ALA E 64 38.25 24.47 0.58
N SER E 65 37.65 25.24 -0.36
CA SER E 65 37.59 26.72 -0.41
C SER E 65 38.81 27.27 -1.15
N ALA E 66 38.62 27.51 -2.46
CA ALA E 66 39.66 27.94 -3.43
C ALA E 66 40.69 28.99 -2.94
N ASP E 67 40.23 29.92 -2.10
CA ASP E 67 41.11 30.96 -1.51
C ASP E 67 42.06 30.45 -0.41
N VAL E 68 41.67 29.36 0.27
CA VAL E 68 42.50 28.70 1.28
C VAL E 68 43.50 27.72 0.59
N LEU E 69 43.02 27.02 -0.46
CA LEU E 69 43.83 26.06 -1.24
C LEU E 69 45.00 26.68 -2.03
N ALA E 70 44.88 27.96 -2.38
CA ALA E 70 45.93 28.71 -3.10
C ALA E 70 47.02 29.23 -2.16
N MET E 71 46.72 29.24 -0.86
CA MET E 71 47.68 29.62 0.20
C MET E 71 48.42 28.37 0.77
N SER E 72 48.29 27.23 0.06
CA SER E 72 48.92 25.95 0.44
C SER E 72 50.46 25.96 0.29
N LYS E 73 50.95 26.73 -0.69
CA LYS E 73 52.39 26.87 -0.96
C LYS E 73 52.81 28.34 -0.72
N ILE E 74 53.71 28.55 0.26
CA ILE E 74 54.17 29.90 0.64
C ILE E 74 55.69 30.13 0.50
N GLU E 75 56.07 31.40 0.29
CA GLU E 75 57.48 31.79 0.03
C GLU E 75 58.22 32.31 1.27
N ILE E 76 59.45 31.82 1.45
CA ILE E 76 60.36 32.24 2.55
C ILE E 76 61.77 32.53 2.02
N LYS E 77 62.49 33.42 2.72
CA LYS E 77 63.86 33.82 2.35
C LYS E 77 64.94 32.85 2.89
N LEU E 78 65.84 32.43 1.99
CA LEU E 78 66.99 31.57 2.35
C LEU E 78 68.25 32.40 2.71
N SER E 79 68.12 33.73 2.65
CA SER E 79 69.21 34.68 2.97
C SER E 79 68.99 35.46 4.29
N ASP E 80 67.73 35.50 4.76
CA ASP E 80 67.32 36.23 5.99
C ASP E 80 67.91 35.62 7.29
N ILE E 81 68.01 34.28 7.32
CA ILE E 81 68.41 33.53 8.53
C ILE E 81 69.89 33.03 8.47
N PRO E 82 70.69 33.33 9.52
CA PRO E 82 72.04 32.75 9.66
C PRO E 82 72.03 31.30 10.24
N GLU E 83 73.22 30.77 10.59
CA GLU E 83 73.38 29.39 11.08
C GLU E 83 72.77 29.15 12.47
N GLY E 84 71.92 28.12 12.57
CA GLY E 84 71.32 27.70 13.83
C GLY E 84 69.94 28.28 14.16
N LYS E 85 69.74 29.57 13.82
CA LYS E 85 68.51 30.33 14.15
C LYS E 85 67.21 29.80 13.51
N ASN E 86 66.07 30.10 14.16
CA ASN E 86 64.72 29.72 13.68
C ASN E 86 63.85 30.92 13.29
N MET E 87 63.02 30.72 12.26
CA MET E 87 62.11 31.76 11.74
C MET E 87 60.62 31.38 11.92
N ALA E 88 59.79 32.40 12.17
CA ALA E 88 58.33 32.22 12.34
C ALA E 88 57.55 32.72 11.11
N PHE E 89 56.94 31.76 10.39
CA PHE E 89 56.12 32.04 9.19
C PHE E 89 54.97 31.03 9.07
N LYS E 90 53.79 31.54 8.70
CA LYS E 90 52.55 30.74 8.60
C LYS E 90 52.40 30.03 7.23
N TRP E 91 52.68 28.72 7.22
CA TRP E 91 52.51 27.86 6.03
C TRP E 91 51.42 26.82 6.30
N ARG E 92 50.38 26.82 5.44
CA ARG E 92 49.17 25.96 5.56
C ARG E 92 48.30 26.19 6.83
N GLY E 93 48.77 27.09 7.71
CA GLY E 93 48.13 27.38 8.99
C GLY E 93 49.04 27.13 10.17
N LYS E 94 49.66 25.93 10.21
CA LYS E 94 50.55 25.50 11.30
C LYS E 94 52.02 25.93 11.06
N PRO E 95 52.69 26.47 12.11
CA PRO E 95 54.00 27.15 11.96
C PRO E 95 55.10 26.41 11.18
N LEU E 96 55.75 27.14 10.27
CA LEU E 96 56.89 26.63 9.47
C LEU E 96 58.21 27.04 10.13
N PHE E 97 59.03 26.03 10.44
CA PHE E 97 60.35 26.23 11.03
C PHE E 97 61.47 25.99 10.01
N VAL E 98 62.33 27.01 9.83
CA VAL E 98 63.47 26.93 8.91
C VAL E 98 64.79 26.98 9.71
N ARG E 99 65.43 25.82 9.83
CA ARG E 99 66.69 25.67 10.57
C ARG E 99 67.88 25.51 9.62
N HIS E 100 68.92 26.32 9.84
CA HIS E 100 70.19 26.21 9.12
C HIS E 100 71.15 25.33 9.93
N ARG E 101 71.60 24.24 9.33
CA ARG E 101 72.52 23.29 9.97
C ARG E 101 73.99 23.63 9.69
N THR E 102 74.71 23.96 10.78
CA THR E 102 76.14 24.32 10.75
C THR E 102 77.07 23.07 10.85
N LYS E 103 78.36 23.27 10.58
CA LYS E 103 79.41 22.20 10.57
C LYS E 103 79.56 21.39 11.87
N LYS E 104 79.20 22.01 13.02
CA LYS E 104 79.28 21.38 14.35
C LYS E 104 77.96 20.68 14.78
N GLU E 105 77.12 20.31 13.79
CA GLU E 105 75.80 19.70 14.03
C GLU E 105 75.40 18.57 13.06
N ILE E 106 75.81 18.69 11.78
CA ILE E 106 75.46 17.73 10.70
C ILE E 106 75.99 16.29 10.95
N ASP E 107 77.25 16.20 11.38
CA ASP E 107 77.93 14.91 11.64
C ASP E 107 77.37 14.10 12.83
N GLN E 108 76.74 14.83 13.78
CA GLN E 108 76.12 14.24 14.99
C GLN E 108 74.89 13.36 14.68
N GLU E 109 74.11 13.79 13.68
CA GLU E 109 72.87 13.11 13.29
C GLU E 109 73.09 11.79 12.55
N ALA E 110 74.12 11.75 11.70
CA ALA E 110 74.50 10.55 10.92
C ALA E 110 75.23 9.46 11.76
N ALA E 111 75.59 9.81 13.01
CA ALA E 111 76.30 8.90 13.93
C ALA E 111 75.38 7.98 14.77
N VAL E 112 74.15 8.45 15.06
CA VAL E 112 73.14 7.68 15.83
C VAL E 112 72.63 6.49 14.99
N GLU E 113 72.66 5.29 15.60
CA GLU E 113 72.37 4.00 14.92
C GLU E 113 70.96 3.86 14.29
N VAL E 114 70.85 2.91 13.33
CA VAL E 114 69.64 2.70 12.50
C VAL E 114 68.43 2.12 13.27
N SER E 115 68.64 0.99 13.96
CA SER E 115 67.58 0.29 14.69
C SER E 115 67.49 0.70 16.20
N GLN E 116 67.36 2.02 16.42
CA GLN E 116 67.25 2.60 17.77
C GLN E 116 65.90 3.28 18.02
N LEU E 117 65.44 4.08 17.03
CA LEU E 117 64.15 4.78 17.09
C LEU E 117 62.95 3.84 16.87
N ARG E 118 61.73 4.37 17.02
CA ARG E 118 60.46 3.61 16.87
C ARG E 118 60.24 3.03 15.46
N ASP E 119 60.45 3.89 14.44
CA ASP E 119 60.34 3.50 13.02
C ASP E 119 61.70 3.72 12.30
N PRO E 120 62.23 2.67 11.62
CA PRO E 120 63.57 2.74 11.00
C PRO E 120 63.68 3.75 9.83
N GLN E 121 64.22 4.94 10.13
CA GLN E 121 64.38 6.03 9.16
C GLN E 121 65.73 6.76 9.33
N HIS E 122 66.52 6.75 8.24
CA HIS E 122 67.86 7.39 8.19
C HIS E 122 67.78 8.93 8.17
N ASP E 123 68.92 9.59 8.42
CA ASP E 123 69.05 11.05 8.31
C ASP E 123 69.49 11.51 6.91
N LEU E 124 70.21 10.62 6.22
CA LEU E 124 70.74 10.87 4.87
C LEU E 124 69.64 10.96 3.79
N GLU E 125 68.60 10.12 3.93
CA GLU E 125 67.44 10.10 3.00
C GLU E 125 66.32 11.14 3.32
N ARG E 126 66.40 11.76 4.50
CA ARG E 126 65.39 12.74 4.98
C ARG E 126 65.59 14.20 4.48
N VAL E 127 66.73 14.46 3.83
CA VAL E 127 67.07 15.79 3.26
C VAL E 127 67.64 15.68 1.83
N LYS E 128 67.25 16.64 0.97
CA LYS E 128 67.74 16.73 -0.42
C LYS E 128 69.21 17.21 -0.51
N LYS E 129 69.61 18.06 0.44
CA LYS E 129 70.99 18.58 0.56
C LYS E 129 71.36 18.77 2.06
N PRO E 130 72.60 18.40 2.46
CA PRO E 130 73.03 18.49 3.88
C PRO E 130 73.13 19.93 4.45
N GLU E 131 73.17 20.94 3.57
CA GLU E 131 73.29 22.35 3.96
C GLU E 131 72.05 22.95 4.66
N TRP E 132 70.86 22.56 4.18
CA TRP E 132 69.59 23.12 4.66
C TRP E 132 68.54 22.07 5.03
N VAL E 133 67.89 22.28 6.19
CA VAL E 133 66.79 21.42 6.66
C VAL E 133 65.47 22.22 6.85
N ILE E 134 64.44 21.82 6.11
CA ILE E 134 63.12 22.46 6.15
C ILE E 134 62.19 21.62 7.03
N LEU E 135 61.63 22.28 8.06
CA LEU E 135 60.87 21.62 9.12
C LEU E 135 59.43 22.14 9.26
N ILE E 136 58.55 21.27 9.80
CA ILE E 136 57.18 21.64 10.17
C ILE E 136 57.10 21.68 11.70
N GLY E 137 56.64 22.82 12.24
CA GLY E 137 56.64 23.08 13.67
C GLY E 137 55.45 22.56 14.45
N VAL E 138 55.04 21.32 14.17
CA VAL E 138 53.98 20.61 14.93
C VAL E 138 54.27 19.12 15.10
N CYS E 139 54.05 18.63 16.33
CA CYS E 139 54.29 17.24 16.72
C CYS E 139 53.34 16.25 16.04
N THR E 140 53.86 15.03 15.77
CA THR E 140 53.07 13.94 15.15
C THR E 140 52.01 13.30 16.08
N HIS E 141 52.12 13.57 17.39
CA HIS E 141 51.19 13.07 18.42
C HIS E 141 49.83 13.80 18.38
N LEU E 142 49.78 15.03 18.90
CA LEU E 142 48.54 15.84 18.98
C LEU E 142 48.59 17.16 18.19
N GLY E 143 49.81 17.66 17.91
CA GLY E 143 50.01 18.87 17.15
C GLY E 143 50.27 20.08 18.03
N CYS E 144 51.52 20.20 18.49
CA CYS E 144 51.95 21.31 19.35
C CYS E 144 53.27 21.94 18.88
N VAL E 145 53.35 23.27 19.02
CA VAL E 145 54.53 24.06 18.62
C VAL E 145 55.63 23.97 19.72
N PRO E 146 56.81 23.40 19.38
CA PRO E 146 57.91 23.24 20.34
C PRO E 146 58.79 24.49 20.51
N ILE E 147 59.30 24.72 21.73
CA ILE E 147 60.29 25.78 22.01
C ILE E 147 61.63 25.34 21.38
N ALA E 148 62.07 26.11 20.38
CA ALA E 148 63.26 25.79 19.57
C ALA E 148 64.59 26.25 20.20
N ASN E 149 65.69 25.63 19.72
CA ASN E 149 67.10 25.94 20.09
C ASN E 149 67.58 25.66 21.53
N ALA E 150 66.81 26.11 22.53
CA ALA E 150 67.13 25.91 23.95
C ALA E 150 66.55 24.58 24.52
N GLY E 151 66.90 23.47 23.85
CA GLY E 151 66.46 22.13 24.22
C GLY E 151 67.56 21.28 24.83
N ASP E 152 67.45 19.95 24.66
CA ASP E 152 68.40 19.00 25.26
C ASP E 152 69.14 18.11 24.24
N PHE E 153 68.38 17.29 23.50
CA PHE E 153 68.97 16.25 22.62
C PHE E 153 69.33 16.68 21.18
N GLY E 154 69.29 17.99 20.91
CA GLY E 154 69.68 18.54 19.61
C GLY E 154 69.07 19.88 19.20
N GLY E 155 68.26 20.49 20.09
CA GLY E 155 67.65 21.79 19.83
C GLY E 155 66.19 21.93 20.23
N TYR E 156 65.35 21.02 19.71
CA TYR E 156 63.88 21.08 19.94
C TYR E 156 63.41 20.34 21.20
N TYR E 157 62.33 20.85 21.79
CA TYR E 157 61.61 20.22 22.91
C TYR E 157 60.16 20.75 22.95
N CYS E 158 59.21 19.83 23.12
CA CYS E 158 57.77 20.16 23.16
C CYS E 158 57.25 20.50 24.59
N PRO E 159 56.60 21.67 24.76
CA PRO E 159 56.06 22.09 26.08
C PRO E 159 54.61 21.60 26.34
N CYS E 160 54.04 20.82 25.41
CA CYS E 160 52.69 20.27 25.56
C CYS E 160 52.71 19.12 26.58
N HIS E 161 53.21 17.95 26.16
CA HIS E 161 53.31 16.76 27.02
C HIS E 161 54.78 16.43 27.29
N GLY E 162 55.60 16.49 26.24
CA GLY E 162 57.03 16.21 26.33
C GLY E 162 57.51 15.32 25.21
N SER E 163 58.32 15.91 24.31
CA SER E 163 58.91 15.19 23.17
C SER E 163 60.28 15.79 22.81
N HIS E 164 61.32 14.95 22.89
CA HIS E 164 62.72 15.35 22.63
C HIS E 164 63.14 15.11 21.17
N TYR E 165 63.40 16.21 20.46
CA TYR E 165 63.81 16.18 19.04
C TYR E 165 65.21 16.79 18.81
N ASP E 166 65.88 16.29 17.77
CA ASP E 166 67.23 16.73 17.40
C ASP E 166 67.24 17.73 16.21
N ALA E 167 68.38 17.85 15.52
CA ALA E 167 68.57 18.77 14.38
C ALA E 167 67.66 18.50 13.16
N SER E 168 67.23 17.23 13.01
CA SER E 168 66.25 16.83 12.00
C SER E 168 64.84 16.70 12.60
N GLY E 169 64.79 16.23 13.87
CA GLY E 169 63.54 16.09 14.60
C GLY E 169 63.08 14.65 14.77
N ARG E 170 63.98 13.79 15.23
CA ARG E 170 63.67 12.37 15.50
C ARG E 170 63.42 12.17 17.02
N ILE E 171 62.30 11.53 17.35
CA ILE E 171 61.86 11.33 18.76
C ILE E 171 62.82 10.49 19.61
N ARG E 172 63.43 11.16 20.61
CA ARG E 172 64.42 10.56 21.51
C ARG E 172 63.82 10.16 22.88
N LYS E 173 62.90 10.98 23.40
CA LYS E 173 62.20 10.74 24.67
C LYS E 173 60.80 11.36 24.67
N GLY E 174 59.80 10.58 25.09
CA GLY E 174 58.41 11.01 25.14
C GLY E 174 57.47 10.16 24.28
N PRO E 175 56.19 10.02 24.67
CA PRO E 175 55.22 9.15 23.96
C PRO E 175 54.72 9.70 22.59
N ALA E 176 55.62 9.74 21.60
CA ALA E 176 55.31 10.14 20.22
C ALA E 176 55.68 8.99 19.24
N PRO E 177 54.78 8.66 18.28
CA PRO E 177 54.96 7.47 17.43
C PRO E 177 56.06 7.57 16.35
N LEU E 178 56.15 8.73 15.68
CA LEU E 178 57.07 8.93 14.54
C LEU E 178 57.88 10.26 14.65
N ASN E 179 58.82 10.43 13.71
CA ASN E 179 59.67 11.64 13.60
C ASN E 179 58.86 12.89 13.17
N LEU E 180 59.48 14.08 13.30
CA LEU E 180 58.85 15.36 12.91
C LEU E 180 58.57 15.45 11.40
N GLU E 181 57.50 16.19 11.07
CA GLU E 181 57.01 16.34 9.70
C GLU E 181 57.98 17.12 8.80
N VAL E 182 58.13 16.62 7.56
CA VAL E 182 58.99 17.23 6.53
C VAL E 182 58.25 17.33 5.16
N PRO E 183 58.28 18.52 4.51
CA PRO E 183 57.57 18.74 3.23
C PRO E 183 58.38 18.31 1.98
N SER E 184 57.81 18.56 0.79
CA SER E 184 58.47 18.27 -0.51
C SER E 184 59.60 19.27 -0.83
N TYR E 185 60.56 18.85 -1.67
CA TYR E 185 61.73 19.67 -2.04
C TYR E 185 61.97 19.76 -3.55
N GLU E 186 62.17 21.01 -4.04
CA GLU E 186 62.68 21.32 -5.40
C GLU E 186 63.29 22.74 -5.48
N PHE E 187 64.33 22.90 -6.32
CA PHE E 187 65.11 24.15 -6.39
C PHE E 187 65.21 24.75 -7.81
N THR E 188 65.30 26.09 -7.85
CA THR E 188 65.57 26.86 -9.09
C THR E 188 66.62 27.97 -8.80
N SER E 189 66.55 28.57 -7.60
CA SER E 189 67.52 29.54 -7.09
C SER E 189 67.87 29.25 -5.62
N ASP E 190 69.13 29.53 -5.25
CA ASP E 190 69.67 29.21 -3.90
C ASP E 190 69.23 30.17 -2.77
N ASP E 191 68.68 31.33 -3.14
CA ASP E 191 68.22 32.35 -2.17
C ASP E 191 66.70 32.39 -1.92
N MET E 192 65.92 31.72 -2.79
CA MET E 192 64.45 31.65 -2.67
C MET E 192 63.90 30.25 -3.02
N VAL E 193 63.09 29.70 -2.11
CA VAL E 193 62.44 28.39 -2.30
C VAL E 193 60.92 28.43 -1.95
N ILE E 194 60.12 27.81 -2.82
CA ILE E 194 58.66 27.70 -2.64
C ILE E 194 58.33 26.30 -2.09
N VAL E 195 57.69 26.27 -0.92
CA VAL E 195 57.32 25.01 -0.23
C VAL E 195 56.14 24.34 -0.96
N GLY E 196 56.49 23.53 -1.98
CA GLY E 196 55.52 22.85 -2.84
C GLY E 196 54.84 21.67 -2.18
N VAL F 6 -46.92 30.02 -12.19
CA VAL F 6 -48.21 30.70 -12.52
C VAL F 6 -48.05 31.91 -13.47
N SER F 7 -46.92 32.62 -13.31
CA SER F 7 -46.65 33.86 -14.06
C SER F 7 -45.52 33.74 -15.11
N ALA F 8 -45.57 34.61 -16.13
CA ALA F 8 -44.55 34.69 -17.20
C ALA F 8 -43.12 34.98 -16.67
N SER F 9 -43.03 35.92 -15.71
CA SER F 9 -41.76 36.27 -15.03
C SER F 9 -41.36 35.28 -13.90
N SER F 10 -42.36 34.59 -13.34
CA SER F 10 -42.13 33.51 -12.36
C SER F 10 -41.71 32.20 -13.04
N ARG F 11 -42.01 32.09 -14.35
CA ARG F 11 -41.49 31.02 -15.21
C ARG F 11 -40.04 31.33 -15.60
N TRP F 12 -39.71 32.63 -15.60
CA TRP F 12 -38.37 33.16 -15.90
C TRP F 12 -37.40 33.01 -14.71
N LEU F 13 -37.89 33.24 -13.49
CA LEU F 13 -37.13 32.93 -12.27
C LEU F 13 -36.82 31.42 -12.21
N GLU F 14 -37.83 30.61 -12.60
CA GLU F 14 -37.69 29.16 -12.68
C GLU F 14 -36.73 28.70 -13.79
N GLY F 15 -36.67 29.45 -14.91
CA GLY F 15 -35.72 29.15 -16.00
C GLY F 15 -34.27 29.62 -15.72
N ILE F 16 -34.15 30.70 -14.92
CA ILE F 16 -32.85 31.20 -14.43
C ILE F 16 -32.29 30.28 -13.36
N ARG F 17 -33.21 29.66 -12.59
CA ARG F 17 -32.87 28.69 -11.56
C ARG F 17 -32.42 27.39 -12.21
N LYS F 18 -33.09 27.01 -13.30
CA LYS F 18 -32.70 25.83 -14.09
C LYS F 18 -31.35 26.05 -14.77
N TRP F 19 -31.10 27.32 -15.17
CA TRP F 19 -29.81 27.73 -15.73
C TRP F 19 -28.68 27.55 -14.70
N TYR F 20 -28.89 28.11 -13.49
CA TYR F 20 -27.89 28.03 -12.42
C TYR F 20 -27.61 26.59 -12.03
N TYR F 21 -28.68 25.81 -11.86
CA TYR F 21 -28.63 24.39 -11.57
C TYR F 21 -27.71 23.66 -12.56
N ASN F 22 -27.86 23.98 -13.85
CA ASN F 22 -27.05 23.37 -14.89
C ASN F 22 -25.61 23.85 -14.88
N ALA F 23 -25.43 25.12 -14.48
CA ALA F 23 -24.10 25.75 -14.39
C ALA F 23 -23.31 25.21 -13.18
N ALA F 24 -24.01 24.99 -12.06
CA ALA F 24 -23.46 24.35 -10.85
C ALA F 24 -22.86 22.99 -11.19
N GLY F 25 -23.57 22.25 -12.05
CA GLY F 25 -23.06 21.03 -12.65
C GLY F 25 -22.79 19.82 -11.77
N PHE F 26 -23.40 19.75 -10.57
CA PHE F 26 -23.32 18.52 -9.76
C PHE F 26 -24.11 17.39 -10.38
N ASN F 27 -25.13 17.75 -11.14
CA ASN F 27 -25.94 16.79 -11.90
C ASN F 27 -25.12 16.04 -12.95
N LYS F 28 -24.03 16.66 -13.40
CA LYS F 28 -23.12 16.07 -14.37
C LYS F 28 -22.34 14.90 -13.74
N LEU F 29 -22.27 14.92 -12.40
CA LEU F 29 -21.64 13.90 -11.59
C LEU F 29 -22.70 12.99 -10.95
N GLY F 30 -23.94 13.06 -11.47
CA GLY F 30 -25.07 12.26 -10.99
C GLY F 30 -25.64 12.60 -9.61
N LEU F 31 -25.11 13.67 -9.00
CA LEU F 31 -25.49 14.08 -7.65
C LEU F 31 -26.83 14.74 -7.61
N MET F 32 -27.49 14.64 -6.45
CA MET F 32 -28.65 15.46 -6.16
C MET F 32 -28.19 16.67 -5.34
N ARG F 33 -29.01 17.73 -5.32
CA ARG F 33 -28.65 18.97 -4.59
C ARG F 33 -28.27 18.70 -3.12
N ASP F 34 -29.07 17.89 -2.42
CA ASP F 34 -28.87 17.60 -1.01
C ASP F 34 -27.63 16.76 -0.71
N ASP F 35 -27.10 16.07 -1.73
CA ASP F 35 -25.81 15.35 -1.66
C ASP F 35 -24.67 16.33 -1.44
N THR F 36 -24.81 17.52 -2.01
CA THR F 36 -23.74 18.49 -2.08
C THR F 36 -23.65 19.40 -0.86
N ILE F 37 -24.63 19.33 0.04
CA ILE F 37 -24.66 20.17 1.27
C ILE F 37 -23.43 19.99 2.17
N HIS F 38 -22.95 21.10 2.74
CA HIS F 38 -21.87 21.06 3.75
C HIS F 38 -22.37 20.41 5.03
N GLU F 39 -21.54 19.52 5.59
CA GLU F 39 -21.93 18.73 6.77
C GLU F 39 -21.67 19.45 8.09
N ASN F 40 -22.68 20.17 8.58
CA ASN F 40 -22.64 20.73 9.93
C ASN F 40 -23.36 19.79 10.93
N ASP F 41 -23.61 20.27 12.15
CA ASP F 41 -24.26 19.48 13.18
C ASP F 41 -25.72 19.17 12.88
N ASP F 42 -26.50 20.18 12.42
CA ASP F 42 -27.91 19.96 11.97
C ASP F 42 -27.94 18.97 10.80
N VAL F 43 -27.03 19.17 9.84
CA VAL F 43 -26.91 18.30 8.65
C VAL F 43 -26.56 16.85 9.03
N LYS F 44 -25.52 16.68 9.89
CA LYS F 44 -25.07 15.35 10.34
C LYS F 44 -26.23 14.55 10.92
N GLU F 45 -27.04 15.24 11.74
CA GLU F 45 -28.23 14.67 12.38
C GLU F 45 -29.29 14.28 11.38
N ALA F 46 -29.52 15.14 10.38
CA ALA F 46 -30.48 14.86 9.31
C ALA F 46 -30.08 13.60 8.52
N ILE F 47 -28.79 13.50 8.15
CA ILE F 47 -28.27 12.26 7.49
C ILE F 47 -28.54 11.06 8.39
N ARG F 48 -28.20 11.20 9.69
CA ARG F 48 -28.42 10.17 10.72
C ARG F 48 -29.90 9.74 10.79
N ARG F 49 -30.80 10.71 10.68
CA ARG F 49 -32.25 10.49 10.73
C ARG F 49 -32.87 9.92 9.46
N LEU F 50 -32.09 9.80 8.37
CA LEU F 50 -32.63 9.27 7.08
C LEU F 50 -32.96 7.77 7.18
N PRO F 51 -33.99 7.31 6.44
CA PRO F 51 -34.29 5.86 6.38
C PRO F 51 -33.17 5.12 5.65
N GLU F 52 -33.21 3.78 5.74
CA GLU F 52 -32.17 2.94 5.16
C GLU F 52 -31.96 3.13 3.66
N ASN F 53 -33.07 3.12 2.91
CA ASN F 53 -33.02 3.21 1.45
C ASN F 53 -32.44 4.54 0.93
N LEU F 54 -32.76 5.64 1.62
CA LEU F 54 -32.27 6.97 1.23
C LEU F 54 -30.80 7.14 1.57
N TYR F 55 -30.41 6.68 2.76
CA TYR F 55 -29.01 6.71 3.18
C TYR F 55 -28.12 5.88 2.23
N ASP F 56 -28.60 4.69 1.84
CA ASP F 56 -27.84 3.82 0.97
C ASP F 56 -27.66 4.37 -0.42
N ASP F 57 -28.71 5.00 -0.96
CA ASP F 57 -28.69 5.69 -2.26
C ASP F 57 -27.75 6.89 -2.20
N ARG F 58 -27.92 7.71 -1.14
CA ARG F 58 -27.02 8.86 -0.86
C ARG F 58 -25.54 8.47 -0.87
N VAL F 59 -25.19 7.43 -0.08
CA VAL F 59 -23.84 6.85 -0.06
C VAL F 59 -23.34 6.48 -1.47
N PHE F 60 -24.17 5.83 -2.28
CA PHE F 60 -23.76 5.45 -3.62
C PHE F 60 -23.55 6.61 -4.56
N ARG F 61 -24.46 7.60 -4.49
CA ARG F 61 -24.35 8.79 -5.33
C ARG F 61 -23.07 9.57 -5.01
N ILE F 62 -22.76 9.72 -3.70
CA ILE F 62 -21.50 10.37 -3.25
C ILE F 62 -20.32 9.54 -3.73
N LYS F 63 -20.41 8.20 -3.61
CA LYS F 63 -19.35 7.29 -4.03
C LYS F 63 -19.04 7.46 -5.50
N ARG F 64 -20.10 7.43 -6.33
CA ARG F 64 -20.01 7.58 -7.78
C ARG F 64 -19.35 8.89 -8.21
N ALA F 65 -19.75 9.99 -7.56
CA ALA F 65 -19.25 11.33 -7.88
C ALA F 65 -17.80 11.55 -7.48
N LEU F 66 -17.39 10.96 -6.35
CA LEU F 66 -15.98 11.00 -5.93
C LEU F 66 -15.09 10.22 -6.88
N ASP F 67 -15.66 9.13 -7.44
CA ASP F 67 -14.96 8.27 -8.40
C ASP F 67 -14.75 9.03 -9.71
N LEU F 68 -15.82 9.70 -10.18
CA LEU F 68 -15.76 10.54 -11.37
C LEU F 68 -14.81 11.70 -11.19
N SER F 69 -14.88 12.36 -10.02
CA SER F 69 -14.02 13.49 -9.66
C SER F 69 -12.54 13.11 -9.79
N MET F 70 -12.21 11.95 -9.22
CA MET F 70 -10.86 11.36 -9.27
C MET F 70 -10.36 11.10 -10.70
N ARG F 71 -11.18 10.43 -11.51
CA ARG F 71 -10.80 10.13 -12.89
C ARG F 71 -11.04 11.32 -13.86
N GLN F 72 -11.48 12.46 -13.28
CA GLN F 72 -11.76 13.74 -13.97
C GLN F 72 -12.78 13.66 -15.11
N GLN F 73 -13.72 12.74 -14.93
CA GLN F 73 -14.76 12.47 -15.87
C GLN F 73 -16.09 13.08 -15.38
N ILE F 74 -17.12 12.91 -16.20
CA ILE F 74 -18.47 13.34 -15.96
C ILE F 74 -19.35 12.21 -16.52
N LEU F 75 -20.62 12.17 -16.13
CA LEU F 75 -21.56 11.16 -16.65
C LEU F 75 -22.02 11.48 -18.09
N PRO F 76 -22.45 10.46 -18.87
CA PRO F 76 -23.14 10.73 -20.15
C PRO F 76 -24.37 11.63 -19.93
N LYS F 77 -24.65 12.53 -20.89
CA LYS F 77 -25.69 13.58 -20.76
C LYS F 77 -27.07 13.11 -20.23
N GLU F 78 -27.49 11.92 -20.68
CA GLU F 78 -28.78 11.31 -20.31
C GLU F 78 -28.86 10.96 -18.83
N GLN F 79 -27.70 10.63 -18.24
CA GLN F 79 -27.60 10.23 -16.83
C GLN F 79 -27.45 11.39 -15.82
N TRP F 80 -27.45 12.64 -16.31
CA TRP F 80 -27.44 13.82 -15.43
C TRP F 80 -28.77 14.00 -14.71
N THR F 81 -28.70 14.43 -13.46
CA THR F 81 -29.87 14.67 -12.61
C THR F 81 -30.63 15.86 -13.15
N LYS F 82 -31.86 15.61 -13.55
CA LYS F 82 -32.70 16.62 -14.18
C LYS F 82 -33.26 17.52 -13.10
N TYR F 83 -33.17 18.83 -13.34
CA TYR F 83 -33.63 19.86 -12.39
C TYR F 83 -35.04 19.61 -11.87
N GLU F 84 -35.93 19.20 -12.78
CA GLU F 84 -37.34 18.88 -12.52
C GLU F 84 -37.51 17.70 -11.54
N GLU F 85 -36.62 16.70 -11.67
CA GLU F 85 -36.67 15.51 -10.80
C GLU F 85 -35.58 15.41 -9.71
N ASP F 86 -35.04 16.58 -9.30
CA ASP F 86 -34.08 16.64 -8.19
C ASP F 86 -34.85 16.58 -6.88
N LYS F 87 -34.95 15.36 -6.35
CA LYS F 87 -35.70 15.07 -5.13
C LYS F 87 -34.94 15.60 -3.92
N SER F 88 -35.56 16.56 -3.23
CA SER F 88 -34.97 17.21 -2.06
C SER F 88 -35.22 16.37 -0.79
N TYR F 89 -34.60 15.19 -0.74
CA TYR F 89 -34.83 14.20 0.30
C TYR F 89 -34.48 14.63 1.74
N LEU F 90 -33.49 15.51 1.89
CA LEU F 90 -33.05 15.99 3.21
C LEU F 90 -33.91 17.09 3.82
N GLU F 91 -34.62 17.85 2.95
CA GLU F 91 -35.46 19.01 3.34
C GLU F 91 -36.28 18.84 4.65
N PRO F 92 -37.27 17.91 4.71
CA PRO F 92 -38.11 17.81 5.92
C PRO F 92 -37.31 17.39 7.17
N TYR F 93 -36.27 16.55 7.00
CA TYR F 93 -35.39 16.12 8.10
C TYR F 93 -34.59 17.29 8.67
N LEU F 94 -33.92 18.04 7.78
CA LEU F 94 -33.12 19.20 8.16
C LEU F 94 -33.93 20.34 8.78
N LYS F 95 -35.16 20.53 8.27
CA LYS F 95 -36.09 21.55 8.77
C LYS F 95 -36.52 21.19 10.20
N GLU F 96 -36.73 19.89 10.45
CA GLU F 96 -37.10 19.40 11.79
C GLU F 96 -35.99 19.50 12.81
N VAL F 97 -34.74 19.30 12.37
CA VAL F 97 -33.56 19.39 13.26
C VAL F 97 -33.33 20.85 13.70
N ILE F 98 -33.47 21.79 12.75
CA ILE F 98 -33.33 23.21 13.01
C ILE F 98 -34.49 23.70 13.91
N ARG F 99 -35.68 23.14 13.66
CA ARG F 99 -36.88 23.43 14.47
C ARG F 99 -36.63 23.10 15.94
N GLU F 100 -36.02 21.93 16.14
CA GLU F 100 -35.71 21.39 17.47
C GLU F 100 -34.63 22.20 18.16
N ARG F 101 -33.57 22.54 17.39
CA ARG F 101 -32.48 23.41 17.87
C ARG F 101 -32.99 24.76 18.33
N LYS F 102 -33.85 25.38 17.51
CA LYS F 102 -34.37 26.73 17.77
C LYS F 102 -35.21 26.79 19.07
N GLU F 103 -35.93 25.68 19.34
CA GLU F 103 -36.73 25.52 20.55
C GLU F 103 -35.83 25.47 21.79
N ARG F 104 -34.80 24.60 21.73
CA ARG F 104 -33.78 24.47 22.77
C ARG F 104 -33.15 25.84 23.07
N GLU F 105 -32.89 26.60 22.02
CA GLU F 105 -32.30 27.93 22.10
C GLU F 105 -33.25 28.99 22.68
N GLU F 106 -34.54 28.85 22.38
CA GLU F 106 -35.59 29.70 22.98
C GLU F 106 -35.74 29.38 24.45
N TRP F 107 -35.57 28.10 24.79
CA TRP F 107 -35.64 27.64 26.17
C TRP F 107 -34.45 28.11 26.99
N ALA F 108 -33.26 28.09 26.35
CA ALA F 108 -31.99 28.47 27.00
C ALA F 108 -31.86 29.99 27.23
N LYS F 109 -32.93 30.73 26.87
CA LYS F 109 -32.97 32.18 26.90
C LYS F 109 -33.66 32.73 28.12
N LYS F 110 -34.74 32.07 28.57
CA LYS F 110 -35.54 32.55 29.70
C LYS F 110 -34.88 32.37 31.06
N GLY G 1 -7.72 11.35 15.05
CA GLY G 1 -7.53 10.62 13.77
C GLY G 1 -8.35 9.35 13.66
N ARG G 2 -8.92 9.11 12.47
CA ARG G 2 -9.66 7.87 12.20
C ARG G 2 -8.88 6.95 11.28
N GLN G 3 -9.15 5.64 11.44
CA GLN G 3 -8.50 4.57 10.65
C GLN G 3 -9.60 3.83 9.89
N PHE G 4 -9.19 2.99 8.92
CA PHE G 4 -10.12 2.12 8.20
C PHE G 4 -10.80 1.14 9.17
N GLY G 5 -12.10 0.88 8.92
CA GLY G 5 -12.92 0.08 9.80
C GLY G 5 -13.74 0.90 10.79
N HIS G 6 -13.38 2.20 10.95
CA HIS G 6 -14.09 3.12 11.85
C HIS G 6 -14.60 4.37 11.16
N LEU G 7 -14.50 4.44 9.83
CA LEU G 7 -14.88 5.65 9.08
C LEU G 7 -16.36 5.90 8.97
N THR G 8 -17.06 5.00 8.26
CA THR G 8 -18.51 5.16 7.97
C THR G 8 -19.25 3.83 7.59
N ARG G 9 -20.60 3.89 7.59
CA ARG G 9 -21.47 2.77 7.19
C ARG G 9 -21.73 2.83 5.67
N VAL G 10 -21.34 1.77 4.97
CA VAL G 10 -21.60 1.65 3.51
C VAL G 10 -22.19 0.26 3.26
N ARG G 11 -23.26 0.22 2.48
CA ARG G 11 -23.99 -1.02 2.20
C ARG G 11 -24.26 -1.25 0.72
N HIS G 12 -24.06 -2.50 0.28
CA HIS G 12 -24.46 -3.02 -1.06
C HIS G 12 -23.71 -2.43 -2.29
N VAL G 13 -22.43 -2.16 -2.12
CA VAL G 13 -21.61 -1.57 -3.17
C VAL G 13 -20.46 -2.52 -3.54
N ILE G 14 -20.50 -3.01 -4.78
CA ILE G 14 -19.44 -3.88 -5.30
C ILE G 14 -18.40 -3.07 -6.08
N THR G 15 -17.12 -3.22 -5.72
CA THR G 15 -15.98 -2.63 -6.45
C THR G 15 -15.12 -3.72 -7.13
N TYR G 16 -15.09 -3.68 -8.46
CA TYR G 16 -14.25 -4.57 -9.28
C TYR G 16 -12.97 -3.85 -9.63
N SER G 17 -11.84 -4.46 -9.30
CA SER G 17 -10.52 -3.88 -9.58
C SER G 17 -9.60 -4.86 -10.28
N LEU G 18 -8.61 -4.31 -11.02
CA LEU G 18 -7.59 -5.10 -11.71
C LEU G 18 -6.19 -4.85 -11.16
N SER G 19 -5.36 -5.89 -11.20
CA SER G 19 -3.94 -5.79 -10.85
C SER G 19 -3.25 -4.85 -11.84
N PRO G 20 -2.32 -4.00 -11.35
CA PRO G 20 -1.56 -3.08 -12.22
C PRO G 20 -0.68 -3.81 -13.24
N PHE G 21 -0.34 -5.06 -12.95
CA PHE G 21 0.45 -5.89 -13.85
C PHE G 21 -0.39 -6.55 -14.96
N GLU G 22 -1.72 -6.50 -14.84
CA GLU G 22 -2.64 -7.03 -15.88
C GLU G 22 -3.11 -5.95 -16.87
N GLN G 23 -3.01 -4.69 -16.44
CA GLN G 23 -3.50 -3.55 -17.20
C GLN G 23 -2.42 -2.53 -17.60
N ARG G 24 -2.67 -1.82 -18.70
CA ARG G 24 -1.76 -0.78 -19.15
C ARG G 24 -1.94 0.53 -18.39
N ALA G 25 -0.83 1.23 -18.16
CA ALA G 25 -0.79 2.50 -17.42
C ALA G 25 -1.46 3.65 -18.21
N PHE G 26 -1.17 3.73 -19.51
CA PHE G 26 -1.78 4.74 -20.40
C PHE G 26 -2.69 4.00 -21.40
N PRO G 27 -3.98 3.78 -21.01
CA PRO G 27 -4.92 3.01 -21.84
C PRO G 27 -5.16 3.66 -23.21
N HIS G 28 -5.75 4.85 -23.22
CA HIS G 28 -6.00 5.61 -24.46
C HIS G 28 -5.56 7.05 -24.20
N TYR G 29 -4.23 7.22 -24.07
CA TYR G 29 -3.65 8.47 -23.56
C TYR G 29 -3.98 9.75 -24.30
N PHE G 30 -3.94 9.68 -25.63
CA PHE G 30 -4.24 10.82 -26.49
C PHE G 30 -5.66 10.76 -27.08
N SER G 31 -6.09 9.55 -27.44
CA SER G 31 -7.43 9.30 -28.01
C SER G 31 -8.58 9.66 -27.05
N LYS G 32 -8.44 9.30 -25.77
CA LYS G 32 -9.42 9.67 -24.70
C LYS G 32 -9.02 10.96 -23.96
N GLY G 33 -7.71 11.18 -23.84
CA GLY G 33 -7.14 12.31 -23.12
C GLY G 33 -7.41 13.67 -23.71
N ILE G 34 -6.94 13.91 -24.96
CA ILE G 34 -7.16 15.19 -25.68
C ILE G 34 -8.63 15.71 -25.64
N PRO G 35 -9.66 14.87 -26.01
CA PRO G 35 -11.07 15.27 -25.87
C PRO G 35 -11.46 15.74 -24.46
N ASN G 36 -10.89 15.08 -23.44
CA ASN G 36 -11.19 15.36 -22.04
C ASN G 36 -10.69 16.71 -21.53
N VAL G 37 -9.43 17.05 -21.82
CA VAL G 37 -8.85 18.35 -21.47
C VAL G 37 -9.59 19.53 -22.15
N LEU G 38 -9.91 19.38 -23.44
CA LEU G 38 -10.72 20.37 -24.17
C LEU G 38 -12.10 20.56 -23.54
N ARG G 39 -12.70 19.45 -23.11
CA ARG G 39 -14.03 19.42 -22.44
C ARG G 39 -14.05 20.21 -21.12
N ARG G 40 -13.01 20.05 -20.30
CA ARG G 40 -12.91 20.75 -19.00
C ARG G 40 -12.28 22.14 -19.05
N THR G 41 -11.69 22.49 -20.21
CA THR G 41 -11.28 23.86 -20.51
C THR G 41 -12.56 24.63 -20.81
N ARG G 42 -13.37 24.06 -21.73
CA ARG G 42 -14.68 24.58 -22.17
C ARG G 42 -15.64 24.78 -21.00
N ALA G 43 -15.58 23.84 -20.04
CA ALA G 43 -16.40 23.87 -18.85
C ALA G 43 -16.03 25.01 -17.87
N CYS G 44 -14.83 25.61 -18.04
CA CYS G 44 -14.32 26.60 -17.10
C CYS G 44 -13.80 27.95 -17.65
N ILE G 45 -13.58 28.05 -18.99
CA ILE G 45 -13.06 29.30 -19.61
C ILE G 45 -13.87 30.57 -19.33
N LEU G 46 -15.17 30.40 -19.10
CA LEU G 46 -16.06 31.51 -18.75
C LEU G 46 -15.96 31.97 -17.27
N ARG G 47 -15.25 31.21 -16.44
CA ARG G 47 -15.06 31.55 -15.01
C ARG G 47 -13.62 31.96 -14.67
N VAL G 48 -12.66 31.35 -15.38
CA VAL G 48 -11.23 31.59 -15.16
C VAL G 48 -10.69 32.80 -15.97
N ALA G 49 -10.99 32.81 -17.29
CA ALA G 49 -10.44 33.82 -18.24
C ALA G 49 -10.90 35.31 -18.16
N PRO G 50 -12.22 35.62 -18.07
CA PRO G 50 -12.70 37.02 -18.00
C PRO G 50 -12.11 37.97 -16.90
N PRO G 51 -11.60 37.49 -15.73
CA PRO G 51 -10.81 38.37 -14.86
C PRO G 51 -9.38 38.63 -15.37
N PHE G 52 -8.75 37.62 -16.01
CA PHE G 52 -7.39 37.76 -16.55
C PHE G 52 -7.34 38.64 -17.80
N VAL G 53 -8.31 38.44 -18.70
CA VAL G 53 -8.52 39.29 -19.89
C VAL G 53 -8.78 40.75 -19.47
N ALA G 54 -9.51 40.93 -18.35
CA ALA G 54 -9.77 42.24 -17.75
C ALA G 54 -8.51 42.86 -17.17
N PHE G 55 -7.65 42.04 -16.54
CA PHE G 55 -6.35 42.50 -16.03
C PHE G 55 -5.45 42.88 -17.19
N TYR G 56 -5.39 42.02 -18.23
CA TYR G 56 -4.61 42.28 -19.45
C TYR G 56 -4.93 43.64 -20.11
N LEU G 57 -6.22 43.99 -20.18
CA LEU G 57 -6.65 45.31 -20.69
C LEU G 57 -6.23 46.45 -19.76
N VAL G 58 -6.40 46.24 -18.44
CA VAL G 58 -6.00 47.23 -17.41
C VAL G 58 -4.46 47.37 -17.33
N TYR G 59 -3.76 46.28 -17.70
CA TYR G 59 -2.29 46.29 -17.81
C TYR G 59 -1.83 46.98 -19.11
N THR G 60 -2.41 46.59 -20.27
CA THR G 60 -2.04 47.14 -21.59
C THR G 60 -2.32 48.66 -21.73
N TRP G 61 -3.48 49.11 -21.24
CA TRP G 61 -3.84 50.54 -21.19
C TRP G 61 -2.95 51.34 -20.21
N GLY G 62 -2.76 50.79 -19.00
CA GLY G 62 -1.98 51.44 -17.94
C GLY G 62 -0.55 51.73 -18.32
N THR G 63 0.09 50.75 -18.97
CA THR G 63 1.47 50.85 -19.46
C THR G 63 1.58 51.92 -20.58
N GLN G 64 0.58 51.93 -21.48
CA GLN G 64 0.45 52.89 -22.59
C GLN G 64 0.31 54.33 -22.06
N GLU G 65 -0.62 54.52 -21.11
CA GLU G 65 -0.90 55.83 -20.48
C GLU G 65 0.27 56.38 -19.64
N PHE G 66 1.07 55.48 -19.05
CA PHE G 66 2.27 55.83 -18.27
C PHE G 66 3.36 56.49 -19.14
N GLU G 67 3.58 55.92 -20.33
CA GLU G 67 4.58 56.41 -21.30
C GLU G 67 4.16 57.78 -21.89
N LYS G 68 2.92 57.85 -22.39
CA LYS G 68 2.35 59.05 -22.96
C LYS G 68 1.65 59.87 -21.87
N SER G 69 2.46 60.51 -21.02
CA SER G 69 2.00 61.44 -19.96
C SER G 69 3.05 62.49 -19.61
N LYS G 70 4.32 62.09 -19.63
CA LYS G 70 5.48 62.98 -19.37
C LYS G 70 5.78 63.92 -20.56
N ARG G 71 5.66 63.39 -21.78
CA ARG G 71 5.91 64.13 -23.03
C ARG G 71 4.78 65.14 -23.31
N LYS G 72 5.14 66.29 -23.89
CA LYS G 72 4.15 67.33 -24.25
C LYS G 72 4.50 68.08 -25.53
N ASN G 73 3.51 68.20 -26.42
CA ASN G 73 3.68 68.91 -27.71
C ASN G 73 3.86 70.47 -27.62
N PRO G 74 3.01 71.20 -26.86
CA PRO G 74 3.28 72.62 -26.59
C PRO G 74 4.17 72.83 -25.35
N ALA G 75 4.67 74.07 -25.18
CA ALA G 75 5.60 74.46 -24.10
C ALA G 75 5.00 74.37 -22.67
N GLU H 12 42.13 56.84 -39.93
CA GLU H 12 43.10 55.85 -40.48
C GLU H 12 42.80 54.38 -40.08
N LEU H 13 41.72 54.17 -39.29
CA LEU H 13 41.29 52.85 -38.81
C LEU H 13 39.83 52.53 -39.17
N VAL H 14 39.60 51.30 -39.66
CA VAL H 14 38.28 50.87 -40.18
C VAL H 14 37.32 50.25 -39.12
N ASP H 15 36.45 51.10 -38.56
CA ASP H 15 35.49 50.70 -37.51
C ASP H 15 34.18 50.13 -38.09
N PRO H 16 33.80 48.90 -37.68
CA PRO H 16 32.59 48.24 -38.18
C PRO H 16 31.29 48.91 -37.70
N LEU H 17 31.34 49.60 -36.54
CA LEU H 17 30.18 50.32 -35.98
C LEU H 17 29.71 51.46 -36.91
N THR H 18 30.67 52.27 -37.38
CA THR H 18 30.39 53.38 -38.31
C THR H 18 30.01 52.91 -39.73
N THR H 19 30.53 51.74 -40.13
CA THR H 19 30.15 51.07 -41.41
C THR H 19 28.67 50.65 -41.41
N VAL H 20 28.16 50.25 -40.23
CA VAL H 20 26.77 49.83 -40.06
C VAL H 20 25.80 50.96 -39.56
N ARG H 21 26.36 52.03 -38.96
CA ARG H 21 25.57 53.20 -38.53
C ARG H 21 25.06 54.04 -39.73
N GLU H 22 25.91 54.16 -40.77
CA GLU H 22 25.54 54.79 -42.05
C GLU H 22 24.83 53.79 -43.01
N GLN H 23 24.55 52.59 -42.48
CA GLN H 23 23.76 51.55 -43.16
C GLN H 23 22.38 51.39 -42.50
N CYS H 24 22.33 51.70 -41.19
CA CYS H 24 21.08 51.70 -40.39
C CYS H 24 20.18 52.89 -40.74
N GLU H 25 20.82 54.05 -40.98
CA GLU H 25 20.13 55.27 -41.47
C GLU H 25 19.50 55.06 -42.85
N GLN H 26 20.11 54.18 -43.65
CA GLN H 26 19.63 53.78 -44.99
C GLN H 26 18.39 52.82 -44.97
N LEU H 27 17.95 52.43 -43.76
CA LEU H 27 16.71 51.65 -43.57
C LEU H 27 15.50 52.58 -43.36
N GLU H 28 14.33 52.11 -43.85
CA GLU H 28 13.07 52.87 -43.91
C GLU H 28 12.62 53.66 -42.67
N LYS H 29 12.62 53.02 -41.50
CA LYS H 29 12.16 53.62 -40.23
C LYS H 29 13.09 54.72 -39.69
N CYS H 30 14.39 54.59 -39.97
CA CYS H 30 15.41 55.52 -39.50
C CYS H 30 15.51 56.83 -40.30
N VAL H 31 14.97 56.81 -41.53
CA VAL H 31 14.85 58.01 -42.40
C VAL H 31 13.97 59.06 -41.69
N LYS H 32 12.85 58.60 -41.13
CA LYS H 32 11.89 59.44 -40.37
C LYS H 32 12.45 59.88 -39.01
N ALA H 33 13.36 59.07 -38.45
CA ALA H 33 13.94 59.32 -37.12
C ALA H 33 14.69 60.66 -36.98
N ARG H 34 15.55 60.97 -37.95
CA ARG H 34 16.33 62.23 -37.98
C ARG H 34 15.46 63.46 -38.33
N GLU H 35 14.36 63.21 -39.06
CA GLU H 35 13.46 64.26 -39.53
C GLU H 35 12.69 65.01 -38.43
N ARG H 36 12.25 64.28 -37.39
CA ARG H 36 11.53 64.89 -36.26
C ARG H 36 12.48 65.56 -35.26
N LEU H 37 13.72 65.06 -35.21
CA LEU H 37 14.81 65.65 -34.41
C LEU H 37 15.22 67.01 -35.02
N GLU H 38 15.33 67.04 -36.36
CA GLU H 38 15.65 68.25 -37.13
C GLU H 38 14.55 69.31 -37.04
N LEU H 39 13.28 68.87 -37.01
CA LEU H 39 12.11 69.76 -36.85
C LEU H 39 12.12 70.44 -35.48
N CYS H 40 12.57 69.68 -34.46
CA CYS H 40 12.82 70.20 -33.12
C CYS H 40 14.12 71.04 -33.06
N ASP H 41 15.10 70.73 -33.94
CA ASP H 41 16.37 71.49 -34.05
C ASP H 41 16.13 72.94 -34.51
N GLU H 42 15.30 73.10 -35.55
CA GLU H 42 14.87 74.42 -36.04
C GLU H 42 14.00 75.14 -35.01
N ARG H 43 13.14 74.36 -34.32
CA ARG H 43 12.21 74.87 -33.29
C ARG H 43 12.93 75.52 -32.09
N VAL H 44 14.05 74.92 -31.67
CA VAL H 44 14.88 75.42 -30.56
C VAL H 44 15.81 76.56 -31.01
N SER H 45 16.34 76.45 -32.24
CA SER H 45 17.18 77.50 -32.85
C SER H 45 16.42 78.81 -33.17
N SER H 46 15.18 78.68 -33.70
CA SER H 46 14.31 79.84 -34.05
C SER H 46 13.91 80.69 -32.85
N ARG H 47 13.56 80.04 -31.73
CA ARG H 47 13.28 80.71 -30.46
C ARG H 47 14.60 81.06 -29.76
N SER H 48 14.54 82.03 -28.84
CA SER H 48 15.71 82.47 -28.07
C SER H 48 15.40 82.62 -26.56
N GLN H 49 14.20 82.20 -26.17
CA GLN H 49 13.72 82.34 -24.78
C GLN H 49 13.24 81.01 -24.14
N THR H 50 12.94 80.01 -24.99
CA THR H 50 12.38 78.71 -24.56
C THR H 50 13.32 77.83 -23.70
N GLU H 51 12.72 76.98 -22.85
CA GLU H 51 13.42 75.97 -22.03
C GLU H 51 12.99 74.53 -22.38
N GLU H 52 12.07 74.41 -23.35
CA GLU H 52 11.59 73.13 -23.87
C GLU H 52 12.59 72.64 -24.94
N ASP H 53 13.42 71.67 -24.53
CA ASP H 53 14.54 71.16 -25.34
C ASP H 53 14.28 69.78 -26.01
N CYS H 54 15.28 69.29 -26.77
CA CYS H 54 15.12 68.12 -27.64
C CYS H 54 15.95 66.88 -27.26
N THR H 55 15.95 66.55 -25.96
CA THR H 55 16.55 65.30 -25.45
C THR H 55 15.71 64.10 -25.91
N GLU H 56 14.38 64.31 -25.91
CA GLU H 56 13.36 63.31 -26.29
C GLU H 56 13.48 62.82 -27.74
N GLU H 57 13.56 63.79 -28.68
CA GLU H 57 13.65 63.53 -30.13
C GLU H 57 14.92 62.76 -30.51
N LEU H 58 16.00 63.00 -29.74
CA LEU H 58 17.28 62.29 -29.88
C LEU H 58 17.13 60.81 -29.51
N LEU H 59 16.50 60.56 -28.34
CA LEU H 59 16.32 59.20 -27.80
C LEU H 59 15.49 58.28 -28.70
N ASP H 60 14.43 58.85 -29.31
CA ASP H 60 13.56 58.13 -30.27
C ASP H 60 14.33 57.65 -31.49
N PHE H 61 15.28 58.49 -31.94
CA PHE H 61 16.16 58.21 -33.06
C PHE H 61 17.17 57.12 -32.70
N LEU H 62 17.80 57.27 -31.54
CA LEU H 62 18.81 56.32 -31.04
C LEU H 62 18.25 54.91 -30.79
N HIS H 63 17.00 54.84 -30.30
CA HIS H 63 16.28 53.58 -30.06
C HIS H 63 16.00 52.82 -31.39
N ALA H 64 15.44 53.55 -32.36
CA ALA H 64 15.19 53.01 -33.71
C ALA H 64 16.49 52.67 -34.46
N ARG H 65 17.55 53.45 -34.18
CA ARG H 65 18.89 53.26 -34.76
C ARG H 65 19.54 51.96 -34.24
N ASP H 66 19.68 51.87 -32.92
CA ASP H 66 20.40 50.78 -32.27
C ASP H 66 19.67 49.42 -32.22
N HIS H 67 18.36 49.44 -32.48
CA HIS H 67 17.57 48.21 -32.70
C HIS H 67 18.08 47.47 -33.96
N CYS H 68 18.46 48.25 -34.98
CA CYS H 68 19.03 47.75 -36.23
C CYS H 68 20.53 47.42 -36.09
N VAL H 69 21.26 48.24 -35.32
CA VAL H 69 22.72 48.08 -35.08
C VAL H 69 23.07 46.68 -34.50
N ALA H 70 22.30 46.26 -33.49
CA ALA H 70 22.51 44.98 -32.79
C ALA H 70 22.33 43.73 -33.66
N HIS H 71 21.40 43.81 -34.62
CA HIS H 71 21.05 42.69 -35.53
C HIS H 71 22.17 42.30 -36.52
N LYS H 72 23.07 43.26 -36.82
CA LYS H 72 24.11 43.09 -37.86
C LYS H 72 25.56 43.07 -37.33
N LEU H 73 25.84 43.97 -36.37
CA LEU H 73 27.18 44.24 -35.77
C LEU H 73 28.20 43.10 -35.62
N PHE H 74 27.73 41.95 -35.14
CA PHE H 74 28.60 40.84 -34.74
C PHE H 74 29.05 39.87 -35.86
N ASN H 75 28.50 40.07 -37.08
CA ASN H 75 28.72 39.17 -38.23
C ASN H 75 30.18 38.91 -38.67
N SER H 76 31.02 39.96 -38.59
CA SER H 76 32.44 39.88 -39.00
C SER H 76 33.48 40.15 -37.87
N LEU H 77 32.97 40.52 -36.68
CA LEU H 77 33.81 40.71 -35.47
C LEU H 77 34.37 39.38 -34.97
N LYS H 78 35.58 39.43 -34.42
CA LYS H 78 36.26 38.25 -33.85
C LYS H 78 35.78 38.00 -32.42
N MET I 1 -26.31 -52.96 18.53
CA MET I 1 -26.83 -51.68 17.96
C MET I 1 -26.78 -50.53 18.97
N LEU I 2 -25.96 -50.71 20.00
CA LEU I 2 -25.87 -49.78 21.12
C LEU I 2 -24.90 -48.63 20.80
N SER I 3 -25.48 -47.49 20.37
CA SER I 3 -24.77 -46.21 20.08
C SER I 3 -25.78 -45.08 19.84
N VAL I 4 -25.36 -43.84 20.09
CA VAL I 4 -26.19 -42.62 19.77
C VAL I 4 -26.34 -42.38 18.27
N ALA I 5 -25.27 -42.67 17.51
CA ALA I 5 -25.24 -42.53 16.06
C ALA I 5 -26.01 -43.65 15.36
N ALA I 6 -25.84 -44.90 15.86
CA ALA I 6 -26.50 -46.10 15.29
C ALA I 6 -28.03 -46.16 15.53
N ARG I 7 -28.49 -45.55 16.64
CA ARG I 7 -29.92 -45.39 16.95
C ARG I 7 -30.46 -44.06 16.38
N SER I 8 -29.51 -43.17 16.00
CA SER I 8 -29.75 -41.84 15.37
C SER I 8 -30.88 -40.99 15.96
N GLY I 9 -30.51 -40.17 16.95
CA GLY I 9 -31.48 -39.37 17.68
C GLY I 9 -30.89 -38.33 18.61
N PRO I 10 -30.40 -38.75 19.80
CA PRO I 10 -29.93 -37.82 20.83
C PRO I 10 -28.65 -37.11 20.43
N PHE I 11 -28.39 -35.97 21.04
CA PHE I 11 -27.27 -35.13 20.65
C PHE I 11 -25.91 -35.60 21.16
N ALA I 12 -24.89 -35.39 20.32
CA ALA I 12 -23.51 -35.78 20.61
C ALA I 12 -22.49 -34.65 20.25
N PRO I 13 -22.04 -33.88 21.27
CA PRO I 13 -20.98 -32.87 21.11
C PRO I 13 -19.59 -33.46 20.98
N VAL I 14 -18.77 -32.81 20.16
CA VAL I 14 -17.41 -33.23 19.90
C VAL I 14 -16.48 -32.03 19.93
N LEU I 15 -15.54 -32.05 20.88
CA LEU I 15 -14.39 -31.13 20.85
C LEU I 15 -13.12 -31.88 20.43
N SER I 16 -12.16 -31.13 19.86
CA SER I 16 -10.82 -31.65 19.57
C SER I 16 -9.71 -30.59 19.58
N ALA I 17 -8.45 -31.06 19.60
CA ALA I 17 -7.24 -30.22 19.48
C ALA I 17 -7.14 -29.45 18.11
N THR I 18 -7.32 -30.17 16.99
CA THR I 18 -7.12 -29.63 15.62
C THR I 18 -8.37 -29.48 14.74
N SER I 19 -9.44 -30.24 15.05
CA SER I 19 -10.67 -30.30 14.22
C SER I 19 -11.84 -29.57 14.84
N ARG I 20 -12.70 -29.02 13.97
CA ARG I 20 -13.84 -28.17 14.34
C ARG I 20 -14.87 -28.86 15.26
N GLY I 21 -15.58 -28.05 16.05
CA GLY I 21 -16.58 -28.53 16.99
C GLY I 21 -17.85 -29.01 16.33
N VAL I 22 -18.26 -30.23 16.70
CA VAL I 22 -19.45 -30.89 16.10
C VAL I 22 -20.61 -30.99 17.12
N ALA I 23 -21.84 -30.88 16.60
CA ALA I 23 -23.06 -31.03 17.39
C ALA I 23 -24.05 -32.02 16.78
N GLY I 24 -24.41 -33.01 17.58
CA GLY I 24 -25.61 -33.80 17.41
C GLY I 24 -25.81 -34.86 16.38
N ALA I 25 -26.68 -35.81 16.78
CA ALA I 25 -27.25 -36.83 15.89
C ALA I 25 -28.76 -36.48 15.54
N LEU I 26 -29.58 -37.50 15.24
CA LEU I 26 -30.81 -37.30 14.43
C LEU I 26 -32.16 -36.67 14.93
N ARG I 27 -32.83 -36.08 13.92
CA ARG I 27 -34.00 -35.20 13.96
C ARG I 27 -33.95 -34.54 12.53
N PRO I 28 -35.06 -33.99 12.01
CA PRO I 28 -35.07 -33.45 10.65
C PRO I 28 -34.37 -32.08 10.44
N LEU I 29 -33.83 -31.91 9.22
CA LEU I 29 -33.32 -30.62 8.65
C LEU I 29 -32.85 -30.83 7.19
N VAL I 30 -32.40 -32.06 6.88
CA VAL I 30 -31.93 -32.44 5.53
C VAL I 30 -33.08 -32.51 4.49
N GLN I 31 -34.26 -32.95 4.96
CA GLN I 31 -35.51 -32.92 4.15
C GLN I 31 -36.32 -31.61 4.38
N ALA I 32 -35.65 -30.60 4.95
CA ALA I 32 -36.23 -29.26 5.21
C ALA I 32 -35.62 -28.18 4.31
N ALA I 33 -34.41 -28.46 3.81
CA ALA I 33 -33.69 -27.61 2.85
C ALA I 33 -34.06 -27.94 1.37
N VAL I 34 -34.81 -29.04 1.19
CA VAL I 34 -35.36 -29.50 -0.11
C VAL I 34 -36.70 -28.76 -0.46
N PRO I 35 -37.65 -28.60 0.52
CA PRO I 35 -38.60 -27.48 0.47
C PRO I 35 -37.82 -26.22 0.87
N ALA I 36 -37.13 -25.67 -0.13
CA ALA I 36 -36.15 -24.63 0.06
C ALA I 36 -36.73 -23.25 0.41
N THR I 37 -36.51 -22.85 1.68
CA THR I 37 -36.74 -21.47 2.21
C THR I 37 -35.86 -21.31 3.50
N SER I 38 -35.18 -22.41 3.90
CA SER I 38 -34.31 -22.47 5.10
C SER I 38 -32.96 -21.73 4.90
N GLU I 39 -32.95 -20.44 5.28
CA GLU I 39 -31.84 -19.53 5.01
C GLU I 39 -30.51 -19.82 5.71
N SER I 40 -30.56 -20.73 6.71
CA SER I 40 -29.39 -21.17 7.53
C SER I 40 -28.66 -20.03 8.30
N PRO I 41 -28.77 -20.03 9.66
CA PRO I 41 -28.21 -18.96 10.54
C PRO I 41 -26.81 -18.42 10.14
N VAL I 42 -26.70 -17.08 10.13
CA VAL I 42 -25.49 -16.33 9.72
C VAL I 42 -24.22 -16.66 10.55
N LEU I 43 -23.08 -16.04 10.18
CA LEU I 43 -21.80 -16.27 10.85
C LEU I 43 -21.60 -15.45 12.16
N ASP I 44 -22.71 -14.96 12.76
CA ASP I 44 -22.76 -14.16 14.02
C ASP I 44 -21.89 -14.76 15.14
N LEU I 45 -20.60 -14.37 15.13
CA LEU I 45 -19.57 -14.91 16.05
C LEU I 45 -19.58 -16.50 16.07
N LYS I 46 -19.15 -17.09 14.93
CA LYS I 46 -19.33 -18.52 14.62
C LYS I 46 -18.13 -19.22 13.90
N ARG I 47 -18.02 -20.52 14.16
CA ARG I 47 -17.05 -21.47 13.58
C ARG I 47 -17.32 -21.83 12.07
N SER I 48 -16.73 -22.94 11.60
CA SER I 48 -16.92 -23.45 10.22
C SER I 48 -17.43 -24.90 10.12
N VAL I 49 -18.39 -25.11 9.20
CA VAL I 49 -18.99 -26.45 8.93
C VAL I 49 -18.04 -27.35 8.08
N LEU I 50 -18.51 -28.58 7.79
CA LEU I 50 -17.80 -29.59 6.94
C LEU I 50 -16.45 -30.12 7.48
N CYS I 51 -15.94 -29.51 8.58
CA CYS I 51 -14.59 -29.75 9.17
C CYS I 51 -13.45 -29.54 8.14
N ARG I 52 -12.23 -29.95 8.50
CA ARG I 52 -11.09 -30.03 7.55
C ARG I 52 -10.00 -31.04 7.98
N GLU I 53 -10.04 -32.20 7.31
CA GLU I 53 -9.02 -33.30 7.36
C GLU I 53 -9.37 -34.37 6.25
N SER I 54 -9.98 -33.88 5.16
CA SER I 54 -10.45 -34.68 3.99
C SER I 54 -9.74 -34.29 2.65
N LEU I 55 -8.59 -33.61 2.78
CA LEU I 55 -7.79 -33.09 1.65
C LEU I 55 -7.17 -34.20 0.80
N ARG I 56 -7.47 -34.15 -0.50
CA ARG I 56 -6.99 -35.12 -1.51
C ARG I 56 -5.47 -35.00 -1.75
N GLY I 57 -4.90 -36.00 -2.45
CA GLY I 57 -3.46 -36.05 -2.76
C GLY I 57 -2.98 -34.88 -3.60
N VAL J 1 15.85 -13.90 -27.31
CA VAL J 1 14.55 -13.30 -27.79
C VAL J 1 13.30 -14.23 -27.71
N ALA J 2 13.52 -15.55 -27.48
CA ALA J 2 12.44 -16.55 -27.41
C ALA J 2 11.45 -16.34 -26.21
N PRO J 3 11.94 -16.26 -24.96
CA PRO J 3 11.22 -15.47 -23.93
C PRO J 3 11.74 -14.03 -23.99
N THR J 4 10.86 -13.05 -23.74
CA THR J 4 11.20 -11.62 -23.88
C THR J 4 12.42 -11.15 -23.05
N LEU J 5 13.10 -10.12 -23.56
CA LEU J 5 14.24 -9.45 -22.88
C LEU J 5 13.85 -9.00 -21.46
N THR J 6 12.62 -8.52 -21.30
CA THR J 6 12.02 -8.17 -20.01
C THR J 6 11.74 -9.41 -19.15
N ALA J 7 11.29 -10.50 -19.80
CA ALA J 7 10.99 -11.79 -19.14
C ALA J 7 12.23 -12.46 -18.53
N ARG J 8 13.33 -12.42 -19.29
CA ARG J 8 14.63 -12.94 -18.85
C ARG J 8 15.31 -12.00 -17.83
N LEU J 9 14.96 -10.71 -17.88
CA LEU J 9 15.47 -9.72 -16.91
C LEU J 9 14.78 -9.82 -15.57
N TYR J 10 13.49 -10.20 -15.58
CA TYR J 10 12.75 -10.46 -14.33
C TYR J 10 13.22 -11.76 -13.67
N SER J 11 13.31 -12.83 -14.47
CA SER J 11 13.74 -14.16 -14.03
C SER J 11 15.13 -14.18 -13.37
N LEU J 12 16.07 -13.43 -13.96
CA LEU J 12 17.46 -13.42 -13.49
C LEU J 12 17.78 -12.35 -12.44
N LEU J 13 17.20 -11.16 -12.59
CA LEU J 13 17.64 -9.99 -11.82
C LEU J 13 16.59 -9.18 -11.04
N PHE J 14 15.31 -9.28 -11.42
CA PHE J 14 14.21 -8.55 -10.74
C PHE J 14 13.37 -9.35 -9.71
N ARG J 15 13.52 -10.68 -9.68
CA ARG J 15 12.76 -11.55 -8.75
C ARG J 15 13.15 -11.22 -7.29
N ARG J 16 14.41 -11.47 -6.97
CA ARG J 16 14.99 -11.15 -5.67
C ARG J 16 15.18 -9.67 -5.58
N THR J 17 14.80 -9.10 -4.43
CA THR J 17 15.00 -7.67 -4.13
C THR J 17 16.50 -7.39 -3.94
N SER J 18 17.26 -8.43 -3.55
CA SER J 18 18.71 -8.41 -3.43
C SER J 18 19.39 -8.11 -4.78
N THR J 19 19.11 -8.95 -5.80
CA THR J 19 19.64 -8.75 -7.16
C THR J 19 19.02 -7.54 -7.87
N PHE J 20 17.81 -7.14 -7.46
CA PHE J 20 17.16 -5.92 -7.94
C PHE J 20 17.94 -4.68 -7.50
N ALA J 21 18.35 -4.67 -6.22
CA ALA J 21 19.19 -3.60 -5.66
C ALA J 21 20.57 -3.61 -6.28
N LEU J 22 21.13 -4.82 -6.46
CA LEU J 22 22.44 -5.00 -7.08
C LEU J 22 22.48 -4.53 -8.54
N THR J 23 21.42 -4.82 -9.29
CA THR J 23 21.29 -4.36 -10.69
C THR J 23 21.14 -2.85 -10.77
N ILE J 24 20.42 -2.24 -9.81
CA ILE J 24 20.33 -0.76 -9.71
C ILE J 24 21.69 -0.13 -9.41
N VAL J 25 22.41 -0.70 -8.42
CA VAL J 25 23.73 -0.19 -7.99
C VAL J 25 24.79 -0.31 -9.11
N VAL J 26 24.90 -1.52 -9.71
CA VAL J 26 25.80 -1.80 -10.86
C VAL J 26 25.39 -0.96 -12.09
N GLY J 27 24.08 -0.86 -12.32
CA GLY J 27 23.51 -0.01 -13.37
C GLY J 27 23.69 1.49 -13.13
N ALA J 28 23.81 1.92 -11.86
CA ALA J 28 24.05 3.33 -11.52
C ALA J 28 25.50 3.75 -11.83
N LEU J 29 26.44 2.83 -11.62
CA LEU J 29 27.87 3.05 -11.90
C LEU J 29 28.14 3.23 -13.39
N PHE J 30 27.64 2.28 -14.18
CA PHE J 30 27.80 2.25 -15.64
C PHE J 30 27.01 3.38 -16.34
N PHE J 31 25.88 3.77 -15.76
CA PHE J 31 25.09 4.91 -16.27
C PHE J 31 25.81 6.24 -16.07
N GLU J 32 26.45 6.41 -14.90
CA GLU J 32 27.19 7.65 -14.58
C GLU J 32 28.34 7.93 -15.53
N ARG J 33 29.05 6.88 -15.96
CA ARG J 33 30.15 7.01 -16.92
C ARG J 33 29.65 7.38 -18.32
N ALA J 34 28.63 6.66 -18.80
CA ALA J 34 28.00 6.91 -20.10
C ALA J 34 27.29 8.26 -20.18
N PHE J 35 26.69 8.68 -19.06
CA PHE J 35 25.99 9.98 -19.02
C PHE J 35 26.89 11.19 -18.86
N ASP J 36 27.67 11.25 -17.77
CA ASP J 36 28.55 12.41 -17.48
C ASP J 36 29.38 12.82 -18.73
N GLN J 37 30.11 11.84 -19.28
CA GLN J 37 30.95 12.00 -20.47
C GLN J 37 30.13 12.27 -21.75
N GLY J 38 29.01 11.53 -21.91
CA GLY J 38 28.09 11.69 -23.04
C GLY J 38 27.46 13.08 -23.12
N ALA J 39 27.02 13.60 -21.97
CA ALA J 39 26.49 14.96 -21.86
C ALA J 39 27.59 16.03 -22.00
N ASP J 40 28.80 15.72 -21.51
CA ASP J 40 29.98 16.59 -21.69
C ASP J 40 30.37 16.69 -23.18
N ALA J 41 30.27 15.56 -23.89
CA ALA J 41 30.53 15.47 -25.34
C ALA J 41 29.52 16.28 -26.15
N ILE J 42 28.26 16.30 -25.70
CA ILE J 42 27.21 17.12 -26.30
C ILE J 42 27.47 18.63 -26.04
N TYR J 43 27.98 18.93 -24.83
CA TYR J 43 28.37 20.29 -24.44
C TYR J 43 29.57 20.83 -25.24
N GLU J 44 30.42 19.90 -25.72
CA GLU J 44 31.56 20.23 -26.60
C GLU J 44 31.11 20.76 -27.95
N HIS J 45 30.09 20.11 -28.55
CA HIS J 45 29.59 20.44 -29.89
C HIS J 45 28.91 21.81 -30.01
N ILE J 46 28.14 22.19 -28.97
CA ILE J 46 27.45 23.51 -28.94
C ILE J 46 28.40 24.66 -28.55
N ASN J 47 29.57 24.31 -28.00
CA ASN J 47 30.62 25.28 -27.66
C ASN J 47 31.98 24.89 -28.28
N GLU J 48 31.93 24.60 -29.60
CA GLU J 48 33.10 24.20 -30.41
C GLU J 48 34.12 25.32 -30.48
N GLY J 49 35.33 25.04 -29.98
CA GLY J 49 36.42 26.01 -29.99
C GLY J 49 36.41 27.02 -28.83
N LYS J 50 35.21 27.36 -28.33
CA LYS J 50 35.00 28.38 -27.27
C LYS J 50 35.66 28.05 -25.93
N LEU J 51 35.78 26.74 -25.66
CA LEU J 51 36.29 26.23 -24.37
C LEU J 51 37.81 26.14 -24.30
N TRP J 52 38.34 26.23 -23.07
CA TRP J 52 39.79 26.14 -22.77
C TRP J 52 40.43 24.80 -23.20
N LYS J 53 39.64 23.72 -23.15
CA LYS J 53 40.06 22.37 -23.59
C LYS J 53 40.38 22.28 -25.11
N HIS J 54 39.79 23.20 -25.89
CA HIS J 54 40.04 23.33 -27.34
C HIS J 54 41.22 24.27 -27.63
N ILE J 55 41.31 25.36 -26.84
CA ILE J 55 42.37 26.37 -26.92
C ILE J 55 43.76 25.83 -26.48
N LYS J 56 43.76 25.01 -25.41
CA LYS J 56 44.96 24.46 -24.71
C LYS J 56 46.32 24.41 -25.45
N HIS J 57 46.32 23.89 -26.69
CA HIS J 57 47.54 23.75 -27.52
C HIS J 57 48.22 25.07 -27.96
N LYS J 58 47.50 26.20 -27.78
CA LYS J 58 48.01 27.54 -28.11
C LYS J 58 49.13 28.02 -27.16
N TYR J 59 48.92 27.81 -25.86
CA TYR J 59 49.90 28.18 -24.82
C TYR J 59 50.40 26.91 -24.11
N GLU J 60 51.59 26.46 -24.54
CA GLU J 60 52.10 25.12 -24.26
C GLU J 60 52.96 24.98 -22.99
N ASN J 61 54.14 25.61 -23.01
CA ASN J 61 55.17 25.44 -21.96
C ASN J 61 54.97 26.38 -20.75
N LEU K 2 20.90 -16.74 23.94
CA LEU K 2 22.28 -17.20 23.57
C LEU K 2 22.26 -18.71 23.21
N THR K 3 22.03 -19.55 24.22
CA THR K 3 21.97 -21.02 24.07
C THR K 3 20.68 -21.50 23.36
N ARG K 4 19.62 -20.68 23.45
CA ARG K 4 18.31 -20.96 22.83
C ARG K 4 18.33 -20.99 21.28
N PHE K 5 19.24 -20.21 20.67
CA PHE K 5 19.35 -20.10 19.22
C PHE K 5 20.28 -21.14 18.57
N LEU K 6 20.74 -22.11 19.40
CA LEU K 6 21.64 -23.19 18.94
C LEU K 6 20.88 -24.52 18.73
N GLY K 7 20.54 -24.80 17.46
CA GLY K 7 19.82 -26.01 17.08
C GLY K 7 19.68 -26.23 15.57
N PRO K 8 19.24 -27.45 15.15
CA PRO K 8 19.12 -27.81 13.71
C PRO K 8 18.33 -26.84 12.83
N ARG K 9 17.21 -26.32 13.35
CA ARG K 9 16.35 -25.35 12.66
C ARG K 9 17.09 -24.05 12.34
N TYR K 10 17.87 -23.58 13.32
CA TYR K 10 18.59 -22.32 13.19
C TYR K 10 19.74 -22.41 12.19
N ARG K 11 20.40 -23.58 12.13
CA ARG K 11 21.41 -23.87 11.13
C ARG K 11 20.79 -23.87 9.72
N GLN K 12 19.57 -24.42 9.61
CA GLN K 12 18.77 -24.40 8.37
C GLN K 12 18.39 -22.96 8.02
N LEU K 13 17.94 -22.20 9.02
CA LEU K 13 17.51 -20.81 8.86
C LEU K 13 18.63 -19.88 8.44
N ALA K 14 19.84 -20.17 8.93
CA ALA K 14 21.04 -19.45 8.52
C ALA K 14 21.41 -19.79 7.08
N ARG K 15 21.38 -21.09 6.74
CA ARG K 15 21.68 -21.60 5.39
C ARG K 15 20.71 -21.04 4.33
N ASN K 16 19.47 -20.80 4.76
CA ASN K 16 18.39 -20.28 3.92
C ASN K 16 18.59 -18.78 3.57
N TRP K 17 19.13 -18.03 4.54
CA TRP K 17 19.35 -16.57 4.39
C TRP K 17 20.79 -16.17 4.00
N VAL K 18 21.68 -17.16 3.87
CA VAL K 18 23.09 -16.93 3.52
C VAL K 18 23.35 -16.32 2.11
N PRO K 19 22.73 -16.84 1.02
CA PRO K 19 22.86 -16.21 -0.31
C PRO K 19 22.32 -14.76 -0.33
N THR K 20 21.21 -14.53 0.37
CA THR K 20 20.60 -13.21 0.53
C THR K 20 21.53 -12.22 1.26
N ALA K 21 22.08 -12.65 2.42
CA ALA K 21 22.99 -11.82 3.23
C ALA K 21 24.35 -11.58 2.52
N GLN K 22 24.73 -12.51 1.64
CA GLN K 22 25.90 -12.37 0.77
C GLN K 22 25.62 -11.27 -0.26
N LEU K 23 24.45 -11.34 -0.93
CA LEU K 23 24.07 -10.38 -1.98
C LEU K 23 23.84 -8.96 -1.49
N TRP K 24 23.39 -8.81 -0.23
CA TRP K 24 23.28 -7.49 0.41
C TRP K 24 24.64 -6.89 0.71
N GLY K 25 25.64 -7.75 0.96
CA GLY K 25 27.03 -7.34 1.15
C GLY K 25 27.61 -6.77 -0.13
N ALA K 26 27.31 -7.43 -1.26
CA ALA K 26 27.66 -6.97 -2.60
C ALA K 26 27.00 -5.60 -2.92
N VAL K 27 25.71 -5.47 -2.58
CA VAL K 27 24.96 -4.19 -2.71
C VAL K 27 25.64 -3.05 -1.89
N GLY K 28 25.99 -3.36 -0.64
CA GLY K 28 26.66 -2.42 0.26
C GLY K 28 28.03 -1.99 -0.26
N ALA K 29 28.83 -2.97 -0.72
CA ALA K 29 30.21 -2.75 -1.20
C ALA K 29 30.27 -1.89 -2.48
N VAL K 30 29.62 -2.38 -3.54
CA VAL K 30 29.51 -1.69 -4.85
C VAL K 30 28.86 -0.31 -4.65
N GLY K 31 27.90 -0.24 -3.72
CA GLY K 31 27.25 0.99 -3.29
C GLY K 31 28.20 1.99 -2.68
N LEU K 32 29.03 1.53 -1.74
CA LEU K 32 30.07 2.36 -1.11
C LEU K 32 31.16 2.78 -2.11
N VAL K 33 31.62 1.81 -2.91
CA VAL K 33 32.65 2.02 -3.96
C VAL K 33 32.23 3.12 -4.99
N TRP K 34 30.99 3.01 -5.49
CA TRP K 34 30.43 3.98 -6.43
C TRP K 34 30.21 5.38 -5.83
N ALA K 35 29.71 5.42 -4.58
CA ALA K 35 29.40 6.70 -3.90
C ALA K 35 30.60 7.55 -3.46
N THR K 36 31.72 6.90 -3.14
CA THR K 36 32.96 7.61 -2.73
C THR K 36 33.93 7.84 -3.91
N ASP K 37 33.67 7.16 -5.03
CA ASP K 37 34.60 7.02 -6.17
C ASP K 37 35.94 6.40 -5.72
N SER K 38 35.86 5.33 -4.92
CA SER K 38 37.03 4.64 -4.34
C SER K 38 37.93 4.05 -5.44
N ARG K 39 38.93 4.87 -5.79
CA ARG K 39 39.91 4.61 -6.86
C ARG K 39 40.64 3.25 -6.80
N LEU K 40 40.98 2.80 -5.57
CA LEU K 40 41.68 1.51 -5.33
C LEU K 40 40.96 0.31 -5.99
N ILE K 41 39.63 0.27 -5.85
CA ILE K 41 38.78 -0.79 -6.43
C ILE K 41 38.40 -0.47 -7.90
N LEU K 42 38.09 0.81 -8.16
CA LEU K 42 37.62 1.27 -9.48
C LEU K 42 38.64 1.29 -10.61
N ASP K 43 39.93 1.18 -10.25
CA ASP K 43 41.04 1.06 -11.21
C ASP K 43 41.01 -0.29 -11.98
N TRP K 44 40.28 -1.27 -11.42
CA TRP K 44 40.17 -2.62 -11.98
C TRP K 44 39.06 -2.77 -13.05
N VAL K 45 37.99 -1.98 -12.95
CA VAL K 45 36.80 -2.08 -13.86
C VAL K 45 36.93 -1.33 -15.23
N PRO K 46 36.69 -2.05 -16.35
CA PRO K 46 37.04 -1.58 -17.72
C PRO K 46 36.51 -0.21 -18.21
N TYR K 47 35.18 0.00 -18.23
CA TYR K 47 34.59 1.25 -18.73
C TYR K 47 34.69 2.44 -17.76
N ILE K 48 34.69 2.14 -16.45
CA ILE K 48 34.77 3.15 -15.38
C ILE K 48 36.21 3.69 -15.23
N ASN K 49 37.18 2.95 -15.78
CA ASN K 49 38.62 3.26 -15.76
C ASN K 49 39.08 4.68 -16.15
N GLY K 50 38.27 5.35 -16.99
CA GLY K 50 38.57 6.68 -17.53
C GLY K 50 38.71 7.81 -16.51
N LYS K 51 39.91 7.91 -15.93
CA LYS K 51 40.35 9.02 -15.05
C LYS K 51 41.91 9.16 -15.12
N PHE K 52 42.41 9.31 -16.35
CA PHE K 52 43.86 9.33 -16.65
C PHE K 52 44.57 10.59 -16.09
N LYS K 53 45.33 10.36 -15.00
CA LYS K 53 46.01 11.41 -14.18
C LYS K 53 46.70 12.53 -14.97
CHA HEM L . -3.24 21.28 4.33
CHB HEM L . 1.52 21.87 5.42
CHC HEM L . 0.80 26.64 4.88
CHD HEM L . -3.99 25.86 5.83
C1A HEM L . -1.88 21.07 4.51
C2A HEM L . -1.22 19.80 4.32
C3A HEM L . 0.11 19.97 4.61
C4A HEM L . 0.33 21.37 4.91
CMA HEM L . 1.16 18.88 4.58
CAA HEM L . -1.87 18.50 3.87
CBA HEM L . -1.79 18.30 2.32
CGA HEM L . -2.59 19.25 1.65
O1A HEM L . -2.04 20.18 1.04
O2A HEM L . -3.84 19.25 1.76
C1B HEM L . 1.72 23.23 5.30
C2B HEM L . 3.03 23.84 5.33
C3B HEM L . 2.83 25.19 5.27
C4B HEM L . 1.38 25.42 5.21
CMB HEM L . 4.34 23.12 5.48
CAB HEM L . 3.93 26.22 5.12
CBB HEM L . 4.61 26.53 6.49
C1C HEM L . -0.58 26.82 5.09
C2C HEM L . -1.22 28.13 5.13
C3C HEM L . -2.56 27.93 5.36
C4C HEM L . -2.75 26.48 5.43
CMC HEM L . -0.48 29.41 4.89
CAC HEM L . -3.72 28.92 5.57
CBC HEM L . -3.42 30.43 5.59
C1D HEM L . -4.17 24.54 5.44
C2D HEM L . -5.45 23.92 5.30
C3D HEM L . -5.23 22.66 4.87
C4D HEM L . -3.84 22.45 4.80
CMD HEM L . -6.79 24.60 5.54
CAD HEM L . -6.34 21.63 4.61
CBD HEM L . -6.49 21.38 3.09
CGD HEM L . -7.32 20.28 2.87
O1D HEM L . -8.45 20.50 2.38
O2D HEM L . -6.92 19.10 3.06
NA HEM L . -0.91 21.92 4.98
NB HEM L . 0.76 24.20 5.15
NC HEM L . -1.52 25.85 5.38
ND HEM L . -3.20 23.60 5.16
FE HEM L . -1.22 23.89 5.20
CHA HEM M . 19.57 34.16 2.79
CHB HEM M . 14.74 32.96 3.06
CHC HEM M . 15.97 29.21 5.98
CHD HEM M . 20.45 31.27 6.64
C1A HEM M . 18.18 34.14 2.64
C2A HEM M . 17.44 34.99 1.71
C3A HEM M . 16.11 34.66 1.78
C4A HEM M . 15.97 33.55 2.74
CMA HEM M . 14.98 35.32 1.03
CAA HEM M . 18.06 36.10 0.81
CBA HEM M . 18.27 35.55 -0.64
CGA HEM M . 19.46 36.04 -1.24
O1A HEM M . 20.33 35.24 -1.64
O2A HEM M . 19.61 37.26 -1.45
C1B HEM M . 14.72 31.81 3.85
C2B HEM M . 13.50 31.07 4.13
C3B HEM M . 13.82 30.05 4.98
C4B HEM M . 15.26 30.14 5.24
CMB HEM M . 12.14 31.39 3.56
CAB HEM M . 12.88 28.95 5.47
CBB HEM M . 11.80 29.43 6.48
C1C HEM M . 17.22 29.58 6.51
C2C HEM M . 17.87 28.85 7.60
C3C HEM M . 19.13 29.39 7.75
C4C HEM M . 19.26 30.47 6.77
CMC HEM M . 17.29 27.70 8.39
CAC HEM M . 20.15 29.08 8.85
CBC HEM M . 20.63 27.61 8.86
C1D HEM M . 20.57 32.15 5.57
C2D HEM M . 21.78 32.93 5.31
C3D HEM M . 21.52 33.73 4.25
C4D HEM M . 20.16 33.55 3.88
CMD HEM M . 23.10 32.83 6.05
CAD HEM M . 22.52 34.76 3.67
CBD HEM M . 23.31 34.18 2.48
CGD HEM M . 22.70 34.47 1.22
O1D HEM M . 22.76 33.62 0.31
O2D HEM M . 22.09 35.56 1.01
NA HEM M . 17.24 33.27 3.17
NB HEM M . 15.79 31.16 4.47
NC HEM M . 18.13 30.49 5.97
ND HEM M . 19.59 32.56 4.68
FE HEM M . 17.69 31.86 4.56
N1 AZO N . 4.31 44.92 6.87
C1 AZO N . 4.09 44.06 6.16
C2 AZO N . 3.79 43.01 5.24
C3 AZO N . 2.48 42.55 5.10
C4 AZO N . 2.19 41.51 4.20
C5 AZO N . 3.22 40.89 3.44
C6 AZO N . 4.56 41.31 3.53
C7 AZO N . 4.89 42.36 4.42
O1 AZO N . 6.17 42.84 4.49
C8 AZO N . 6.75 43.48 3.41
C9 AZO N . 8.13 43.67 3.40
C10 AZO N . 8.71 44.23 2.26
N3 AZO N . 7.90 44.64 1.23
C11 AZO N . 6.56 44.49 1.27
N2 AZO N . 6.00 43.90 2.35
O2 AZO N . 10.09 44.42 2.25
C12 AZO N . 10.78 44.91 1.17
C13 AZO N . 10.51 46.20 0.64
C14 AZO N . 11.24 46.68 -0.46
C15 AZO N . 12.29 45.92 -1.00
C16 AZO N . 12.64 44.66 -0.48
C17 AZO N . 11.90 44.10 0.57
C18 AZO N . 12.33 42.79 1.18
C19 AZO N . 11.95 41.62 0.68
O3 AZO N . 12.33 40.54 1.15
O4 AZO N . 11.07 41.60 -0.48
C20 AZO N . 10.60 40.35 -0.98
C21 AZO N . 13.26 42.79 2.38
O5 AZO N . 13.60 44.09 2.78
C22 AZO N . 14.50 43.98 3.86
CHA HEM O . 31.77 55.35 -13.82
CHB HEM O . 32.26 51.71 -17.14
CHC HEM O . 36.99 52.87 -17.53
CHD HEM O . 36.03 57.18 -15.27
C1A HEM O . 31.51 54.32 -14.71
C2A HEM O . 30.25 53.59 -14.72
C3A HEM O . 30.39 52.56 -15.67
C4A HEM O . 31.76 52.60 -16.20
CMA HEM O . 29.34 51.56 -16.11
CAA HEM O . 29.03 54.09 -13.90
CBA HEM O . 27.97 53.05 -13.45
CGA HEM O . 26.73 53.39 -14.06
O1A HEM O . 25.91 54.14 -13.48
O2A HEM O . 26.45 52.91 -15.20
C1B HEM O . 33.60 51.76 -17.50
C2B HEM O . 34.21 50.81 -18.40
C3B HEM O . 35.51 51.14 -18.53
C4B HEM O . 35.74 52.34 -17.74
CMB HEM O . 33.53 49.63 -19.04
CAB HEM O . 36.50 50.40 -19.41
CBB HEM O . 36.64 51.08 -20.79
C1C HEM O . 37.09 54.17 -17.05
C2C HEM O . 38.29 54.99 -17.13
C3C HEM O . 38.04 56.17 -16.49
C4C HEM O . 36.67 56.09 -15.97
CMC HEM O . 39.58 54.57 -17.79
CAC HEM O . 38.96 57.38 -16.38
CBC HEM O . 39.20 58.06 -17.77
C1D HEM O . 34.84 56.92 -14.59
C2D HEM O . 34.20 57.88 -13.71
C3D HEM O . 33.00 57.38 -13.35
C4D HEM O . 32.85 56.14 -14.02
CMD HEM O . 34.76 59.20 -13.26
CAD HEM O . 32.00 58.02 -12.36
CBD HEM O . 31.11 59.05 -13.11
CGD HEM O . 29.80 58.56 -13.25
O1D HEM O . 28.91 58.88 -12.42
O2D HEM O . 29.51 57.84 -14.23
NA HEM O . 32.39 53.61 -15.52
NB HEM O . 34.59 52.61 -17.03
NC HEM O . 36.12 54.87 -16.34
ND HEM O . 33.94 55.89 -14.82
FE HEM O . 34.27 54.24 -15.90
FE1 FES P . 53.74 17.40 21.50
FE2 FES P . 51.86 16.17 23.02
S1 FES P . 54.06 16.06 23.21
S2 FES P . 51.61 17.08 21.03
#